data_1G2B
# 
_entry.id   1G2B 
# 
_audit_conform.dict_name       mmcif_pdbx.dic 
_audit_conform.dict_version    5.385 
_audit_conform.dict_location   http://mmcif.pdb.org/dictionaries/ascii/mmcif_pdbx.dic 
# 
loop_
_database_2.database_id 
_database_2.database_code 
_database_2.pdbx_database_accession 
_database_2.pdbx_DOI 
PDB   1G2B         pdb_00001g2b 10.2210/pdb1g2b/pdb 
RCSB  RCSB012145   ?            ?                   
WWPDB D_1000012145 ?            ?                   
# 
loop_
_pdbx_audit_revision_history.ordinal 
_pdbx_audit_revision_history.data_content_type 
_pdbx_audit_revision_history.major_revision 
_pdbx_audit_revision_history.minor_revision 
_pdbx_audit_revision_history.revision_date 
1 'Structure model' 1 0 2000-11-01 
2 'Structure model' 1 1 2008-04-27 
3 'Structure model' 1 2 2011-07-13 
4 'Structure model' 1 3 2017-08-09 
5 'Structure model' 1 4 2017-10-04 
6 'Structure model' 1 5 2024-02-07 
# 
_pdbx_audit_revision_details.ordinal             1 
_pdbx_audit_revision_details.revision_ordinal    1 
_pdbx_audit_revision_details.data_content_type   'Structure model' 
_pdbx_audit_revision_details.provider            repository 
_pdbx_audit_revision_details.type                'Initial release' 
_pdbx_audit_revision_details.description         ? 
_pdbx_audit_revision_details.details             ? 
# 
loop_
_pdbx_audit_revision_group.ordinal 
_pdbx_audit_revision_group.revision_ordinal 
_pdbx_audit_revision_group.data_content_type 
_pdbx_audit_revision_group.group 
1  2 'Structure model' 'Version format compliance' 
2  3 'Structure model' 'Version format compliance' 
3  4 'Structure model' Advisory                    
4  4 'Structure model' 'Refinement description'    
5  4 'Structure model' 'Source and taxonomy'       
6  5 'Structure model' 'Refinement description'    
7  6 'Structure model' Advisory                    
8  6 'Structure model' 'Data collection'           
9  6 'Structure model' 'Database references'       
10 6 'Structure model' 'Derived calculations'      
# 
loop_
_pdbx_audit_revision_category.ordinal 
_pdbx_audit_revision_category.revision_ordinal 
_pdbx_audit_revision_category.data_content_type 
_pdbx_audit_revision_category.category 
1  4 'Structure model' entity_src_gen               
2  4 'Structure model' pdbx_unobs_or_zero_occ_atoms 
3  4 'Structure model' software                     
4  5 'Structure model' software                     
5  6 'Structure model' chem_comp_atom               
6  6 'Structure model' chem_comp_bond               
7  6 'Structure model' database_2                   
8  6 'Structure model' diffrn_source                
9  6 'Structure model' pdbx_unobs_or_zero_occ_atoms 
10 6 'Structure model' struct_site                  
# 
loop_
_pdbx_audit_revision_item.ordinal 
_pdbx_audit_revision_item.revision_ordinal 
_pdbx_audit_revision_item.data_content_type 
_pdbx_audit_revision_item.item 
1 5 'Structure model' '_software.name'                       
2 6 'Structure model' '_database_2.pdbx_DOI'                 
3 6 'Structure model' '_database_2.pdbx_database_accession'  
4 6 'Structure model' '_diffrn_source.pdbx_synchrotron_site' 
5 6 'Structure model' '_struct_site.pdbx_auth_asym_id'       
6 6 'Structure model' '_struct_site.pdbx_auth_comp_id'       
7 6 'Structure model' '_struct_site.pdbx_auth_seq_id'        
# 
_pdbx_database_status.status_code                     REL 
_pdbx_database_status.entry_id                        1G2B 
_pdbx_database_status.recvd_initial_deposition_date   2000-10-18 
_pdbx_database_status.deposit_site                    RCSB 
_pdbx_database_status.process_site                    RCSB 
_pdbx_database_status.status_code_sf                  REL 
_pdbx_database_status.SG_entry                        . 
_pdbx_database_status.pdb_format_compatible           Y 
_pdbx_database_status.status_code_mr                  ? 
_pdbx_database_status.status_code_cs                  ? 
_pdbx_database_status.methods_development_category    ? 
_pdbx_database_status.status_code_nmr_data            ? 
# 
loop_
_audit_author.name 
_audit_author.pdbx_ordinal 
'Berisio, R.'   1 
'Viguera, A.R.' 2 
'Serrano, L.'   3 
'Wilmanns, M.'  4 
# 
loop_
_citation.id 
_citation.title 
_citation.journal_abbrev 
_citation.journal_volume 
_citation.page_first 
_citation.page_last 
_citation.year 
_citation.journal_id_ASTM 
_citation.country 
_citation.journal_id_ISSN 
_citation.journal_id_CSD 
_citation.book_publisher 
_citation.pdbx_database_id_PubMed 
_citation.pdbx_database_id_DOI 
primary 'Atomic resolution structure of a mutant of the spectrin SH3 domain.' 'Acta Crystallogr.,Sect.D' 57 337 340 2001 ABCRE6 DK 
0907-4449 0766 ? 11173498 10.1107/S090744490001581X 
1       
;Thermodynamic Analysis of alpha-spectrin SH3 and Two of Its Circular Permutants with Different Loop Lengths: Discerning the Reasons for Rapid Folding in Proteins
;
Biochemistry               38 549 559 1999 BICHAW US 0006-2960 0033 ? ?        10.1021/bi981515u         
# 
loop_
_citation_author.citation_id 
_citation_author.name 
_citation_author.ordinal 
_citation_author.identifier_ORCID 
primary 'Berisio, R.'     1  ? 
primary 'Viguera, A.'     2  ? 
primary 'Serrano, L.'     3  ? 
primary 'Wilmanns, M.'    4  ? 
1       'Martinez, J.C.'  5  ? 
1       'Viguera, A.R.'   6  ? 
1       'Berisio, R.'     7  ? 
1       'Wilmanns, M.'    8  ? 
1       'Mateo, P.L.'     9  ? 
1       'Filimonov, V.V.' 10 ? 
1       'Serrano, L.'     11 ? 
# 
loop_
_entity.id 
_entity.type 
_entity.src_method 
_entity.pdbx_description 
_entity.formula_weight 
_entity.pdbx_number_of_molecules 
_entity.pdbx_ec 
_entity.pdbx_mutation 
_entity.pdbx_fragment 
_entity.details 
1 polymer     man 'SPECTRIN ALPHA CHAIN' 7129.172 1   ? ? 'SH3 DOMAIN' 
'CIRCULAR PERMUTANT, CUT AT N47-D48, INS(M-D48), INS(SG-T4)' 
2 non-polymer syn 'SULFATE ION'          96.063   3   ? ? ?            ? 
3 water       nat water                  18.015   158 ? ? ?            ? 
# 
_entity_poly.entity_id                      1 
_entity_poly.type                           'polypeptide(L)' 
_entity_poly.nstd_linkage                   no 
_entity_poly.nstd_monomer                   no 
_entity_poly.pdbx_seq_one_letter_code       MDRQGFVPAAYVKKLDSGTGKELVLALYDYQEKSPREVTMKKGDILTLLNSTNKDWWKVEVN 
_entity_poly.pdbx_seq_one_letter_code_can   MDRQGFVPAAYVKKLDSGTGKELVLALYDYQEKSPREVTMKKGDILTLLNSTNKDWWKVEVN 
_entity_poly.pdbx_strand_id                 A 
_entity_poly.pdbx_target_identifier         ? 
# 
loop_
_pdbx_entity_nonpoly.entity_id 
_pdbx_entity_nonpoly.name 
_pdbx_entity_nonpoly.comp_id 
2 'SULFATE ION' SO4 
3 water         HOH 
# 
loop_
_entity_poly_seq.entity_id 
_entity_poly_seq.num 
_entity_poly_seq.mon_id 
_entity_poly_seq.hetero 
1 1  MET n 
1 2  ASP n 
1 3  ARG n 
1 4  GLN n 
1 5  GLY n 
1 6  PHE n 
1 7  VAL n 
1 8  PRO n 
1 9  ALA n 
1 10 ALA n 
1 11 TYR n 
1 12 VAL n 
1 13 LYS n 
1 14 LYS n 
1 15 LEU n 
1 16 ASP n 
1 17 SER n 
1 18 GLY n 
1 19 THR n 
1 20 GLY n 
1 21 LYS n 
1 22 GLU n 
1 23 LEU n 
1 24 VAL n 
1 25 LEU n 
1 26 ALA n 
1 27 LEU n 
1 28 TYR n 
1 29 ASP n 
1 30 TYR n 
1 31 GLN n 
1 32 GLU n 
1 33 LYS n 
1 34 SER n 
1 35 PRO n 
1 36 ARG n 
1 37 GLU n 
1 38 VAL n 
1 39 THR n 
1 40 MET n 
1 41 LYS n 
1 42 LYS n 
1 43 GLY n 
1 44 ASP n 
1 45 ILE n 
1 46 LEU n 
1 47 THR n 
1 48 LEU n 
1 49 LEU n 
1 50 ASN n 
1 51 SER n 
1 52 THR n 
1 53 ASN n 
1 54 LYS n 
1 55 ASP n 
1 56 TRP n 
1 57 TRP n 
1 58 LYS n 
1 59 VAL n 
1 60 GLU n 
1 61 VAL n 
1 62 ASN n 
# 
loop_
_entity_src_gen.entity_id 
_entity_src_gen.pdbx_src_id 
_entity_src_gen.pdbx_alt_source_flag 
_entity_src_gen.pdbx_seq_type 
_entity_src_gen.pdbx_beg_seq_num 
_entity_src_gen.pdbx_end_seq_num 
_entity_src_gen.gene_src_common_name 
_entity_src_gen.gene_src_genus 
_entity_src_gen.pdbx_gene_src_gene 
_entity_src_gen.gene_src_species 
_entity_src_gen.gene_src_strain 
_entity_src_gen.gene_src_tissue 
_entity_src_gen.gene_src_tissue_fraction 
_entity_src_gen.gene_src_details 
_entity_src_gen.pdbx_gene_src_fragment 
_entity_src_gen.pdbx_gene_src_scientific_name 
_entity_src_gen.pdbx_gene_src_ncbi_taxonomy_id 
_entity_src_gen.pdbx_gene_src_variant 
_entity_src_gen.pdbx_gene_src_cell_line 
_entity_src_gen.pdbx_gene_src_atcc 
_entity_src_gen.pdbx_gene_src_organ 
_entity_src_gen.pdbx_gene_src_organelle 
_entity_src_gen.pdbx_gene_src_cell 
_entity_src_gen.pdbx_gene_src_cellular_location 
_entity_src_gen.host_org_common_name 
_entity_src_gen.pdbx_host_org_scientific_name 
_entity_src_gen.pdbx_host_org_ncbi_taxonomy_id 
_entity_src_gen.host_org_genus 
_entity_src_gen.pdbx_host_org_gene 
_entity_src_gen.pdbx_host_org_organ 
_entity_src_gen.host_org_species 
_entity_src_gen.pdbx_host_org_tissue 
_entity_src_gen.pdbx_host_org_tissue_fraction 
_entity_src_gen.pdbx_host_org_strain 
_entity_src_gen.pdbx_host_org_variant 
_entity_src_gen.pdbx_host_org_cell_line 
_entity_src_gen.pdbx_host_org_atcc 
_entity_src_gen.pdbx_host_org_culture_collection 
_entity_src_gen.pdbx_host_org_cell 
_entity_src_gen.pdbx_host_org_organelle 
_entity_src_gen.pdbx_host_org_cellular_location 
_entity_src_gen.pdbx_host_org_vector_type 
_entity_src_gen.pdbx_host_org_vector 
_entity_src_gen.host_org_details 
_entity_src_gen.expression_system_id 
_entity_src_gen.plasmid_name 
_entity_src_gen.plasmid_details 
_entity_src_gen.pdbx_description 
1 1 sample ? 2  16 chicken Gallus ? ? ? ? ? ? ? 'Gallus gallus' 9031 ? ? ? BRAIN ? ? ? ? 'Escherichia coli' 562 Escherichia ? ? ? 
? ? ? ? ? ? ? ? ? ? PLASMID ? ? ? PET3D ? ? 
1 2 sample ? 19 62 chicken Gallus ? ? ? ? ? ? ? 'Gallus gallus' 9031 ? ? ? BRAIN ? ? ? ? 'Escherichia coli' 562 Escherichia ? ? ? 
? ? ? ? ? ? ? ? ? ? PLASMID ? ? ? PET3D ? ? 
# 
loop_
_chem_comp.id 
_chem_comp.type 
_chem_comp.mon_nstd_flag 
_chem_comp.name 
_chem_comp.pdbx_synonyms 
_chem_comp.formula 
_chem_comp.formula_weight 
ALA 'L-peptide linking' y ALANINE         ? 'C3 H7 N O2'     89.093  
ARG 'L-peptide linking' y ARGININE        ? 'C6 H15 N4 O2 1' 175.209 
ASN 'L-peptide linking' y ASPARAGINE      ? 'C4 H8 N2 O3'    132.118 
ASP 'L-peptide linking' y 'ASPARTIC ACID' ? 'C4 H7 N O4'     133.103 
GLN 'L-peptide linking' y GLUTAMINE       ? 'C5 H10 N2 O3'   146.144 
GLU 'L-peptide linking' y 'GLUTAMIC ACID' ? 'C5 H9 N O4'     147.129 
GLY 'peptide linking'   y GLYCINE         ? 'C2 H5 N O2'     75.067  
HOH non-polymer         . WATER           ? 'H2 O'           18.015  
ILE 'L-peptide linking' y ISOLEUCINE      ? 'C6 H13 N O2'    131.173 
LEU 'L-peptide linking' y LEUCINE         ? 'C6 H13 N O2'    131.173 
LYS 'L-peptide linking' y LYSINE          ? 'C6 H15 N2 O2 1' 147.195 
MET 'L-peptide linking' y METHIONINE      ? 'C5 H11 N O2 S'  149.211 
PHE 'L-peptide linking' y PHENYLALANINE   ? 'C9 H11 N O2'    165.189 
PRO 'L-peptide linking' y PROLINE         ? 'C5 H9 N O2'     115.130 
SER 'L-peptide linking' y SERINE          ? 'C3 H7 N O3'     105.093 
SO4 non-polymer         . 'SULFATE ION'   ? 'O4 S -2'        96.063  
THR 'L-peptide linking' y THREONINE       ? 'C4 H9 N O3'     119.119 
TRP 'L-peptide linking' y TRYPTOPHAN      ? 'C11 H12 N2 O2'  204.225 
TYR 'L-peptide linking' y TYROSINE        ? 'C9 H11 N O3'    181.189 
VAL 'L-peptide linking' y VALINE          ? 'C5 H11 N O2'    117.146 
# 
loop_
_pdbx_poly_seq_scheme.asym_id 
_pdbx_poly_seq_scheme.entity_id 
_pdbx_poly_seq_scheme.seq_id 
_pdbx_poly_seq_scheme.mon_id 
_pdbx_poly_seq_scheme.ndb_seq_num 
_pdbx_poly_seq_scheme.pdb_seq_num 
_pdbx_poly_seq_scheme.auth_seq_num 
_pdbx_poly_seq_scheme.pdb_mon_id 
_pdbx_poly_seq_scheme.auth_mon_id 
_pdbx_poly_seq_scheme.pdb_strand_id 
_pdbx_poly_seq_scheme.pdb_ins_code 
_pdbx_poly_seq_scheme.hetero 
A 1 1  MET 1  0  0  MET MET A . n 
A 1 2  ASP 2  48 48 ASP ASP A . n 
A 1 3  ARG 3  49 49 ARG ARG A . n 
A 1 4  GLN 4  50 50 GLN GLN A . n 
A 1 5  GLY 5  51 51 GLY GLY A . n 
A 1 6  PHE 6  52 52 PHE PHE A . n 
A 1 7  VAL 7  53 53 VAL VAL A . n 
A 1 8  PRO 8  54 54 PRO PRO A . n 
A 1 9  ALA 9  55 55 ALA ALA A . n 
A 1 10 ALA 10 56 56 ALA ALA A . n 
A 1 11 TYR 11 57 57 TYR TYR A . n 
A 1 12 VAL 12 58 58 VAL VAL A . n 
A 1 13 LYS 13 59 59 LYS LYS A . n 
A 1 14 LYS 14 60 60 LYS LYS A . n 
A 1 15 LEU 15 61 61 LEU LEU A . n 
A 1 16 ASP 16 62 62 ASP ASP A . n 
A 1 17 SER 17 2  2  SER SER A . n 
A 1 18 GLY 18 3  3  GLY GLY A . n 
A 1 19 THR 19 4  4  THR THR A . n 
A 1 20 GLY 20 5  5  GLY GLY A . n 
A 1 21 LYS 21 6  6  LYS LYS A . n 
A 1 22 GLU 22 7  7  GLU GLU A . n 
A 1 23 LEU 23 8  8  LEU LEU A . n 
A 1 24 VAL 24 9  9  VAL VAL A . n 
A 1 25 LEU 25 10 10 LEU LEU A . n 
A 1 26 ALA 26 11 11 ALA ALA A . n 
A 1 27 LEU 27 12 12 LEU LEU A . n 
A 1 28 TYR 28 13 13 TYR TYR A . n 
A 1 29 ASP 29 14 14 ASP ASP A . n 
A 1 30 TYR 30 15 15 TYR TYR A . n 
A 1 31 GLN 31 16 16 GLN GLN A . n 
A 1 32 GLU 32 17 17 GLU GLU A . n 
A 1 33 LYS 33 18 18 LYS LYS A . n 
A 1 34 SER 34 19 19 SER SER A . n 
A 1 35 PRO 35 20 20 PRO PRO A . n 
A 1 36 ARG 36 21 21 ARG ARG A . n 
A 1 37 GLU 37 22 22 GLU GLU A . n 
A 1 38 VAL 38 23 23 VAL VAL A . n 
A 1 39 THR 39 24 24 THR THR A . n 
A 1 40 MET 40 25 25 MET MET A . n 
A 1 41 LYS 41 26 26 LYS LYS A . n 
A 1 42 LYS 42 27 27 LYS LYS A . n 
A 1 43 GLY 43 28 28 GLY GLY A . n 
A 1 44 ASP 44 29 29 ASP ASP A . n 
A 1 45 ILE 45 30 30 ILE ILE A . n 
A 1 46 LEU 46 31 31 LEU LEU A . n 
A 1 47 THR 47 32 32 THR THR A . n 
A 1 48 LEU 48 33 33 LEU LEU A . n 
A 1 49 LEU 49 34 34 LEU LEU A . n 
A 1 50 ASN 50 35 35 ASN ASN A . n 
A 1 51 SER 51 36 36 SER SER A . n 
A 1 52 THR 52 37 37 THR THR A . n 
A 1 53 ASN 53 38 38 ASN ASN A . n 
A 1 54 LYS 54 39 39 LYS LYS A . n 
A 1 55 ASP 55 40 40 ASP ASP A . n 
A 1 56 TRP 56 41 41 TRP TRP A . n 
A 1 57 TRP 57 42 42 TRP TRP A . n 
A 1 58 LYS 58 43 43 LYS LYS A . n 
A 1 59 VAL 59 44 44 VAL VAL A . n 
A 1 60 GLU 60 45 45 GLU GLU A . n 
A 1 61 VAL 61 46 46 VAL VAL A . n 
A 1 62 ASN 62 47 47 ASN ASN A . n 
# 
loop_
_pdbx_nonpoly_scheme.asym_id 
_pdbx_nonpoly_scheme.entity_id 
_pdbx_nonpoly_scheme.mon_id 
_pdbx_nonpoly_scheme.ndb_seq_num 
_pdbx_nonpoly_scheme.pdb_seq_num 
_pdbx_nonpoly_scheme.auth_seq_num 
_pdbx_nonpoly_scheme.pdb_mon_id 
_pdbx_nonpoly_scheme.auth_mon_id 
_pdbx_nonpoly_scheme.pdb_strand_id 
_pdbx_nonpoly_scheme.pdb_ins_code 
B 2 SO4 1   63   63   SO4 SUL A . 
C 2 SO4 1   64   64   SO4 SUL A . 
D 2 SO4 1   65   65   SO4 SUL A . 
E 3 HOH 1   1001 1001 HOH HOH A . 
E 3 HOH 2   1002 1002 HOH HOH A . 
E 3 HOH 3   1003 1003 HOH HOH A . 
E 3 HOH 4   1004 1004 HOH HOH A . 
E 3 HOH 5   1005 1005 HOH HOH A . 
E 3 HOH 6   1006 1006 HOH HOH A . 
E 3 HOH 7   1007 1007 HOH HOH A . 
E 3 HOH 8   1008 1008 HOH HOH A . 
E 3 HOH 9   1009 1009 HOH HOH A . 
E 3 HOH 10  1010 1010 HOH HOH A . 
E 3 HOH 11  1011 1011 HOH HOH A . 
E 3 HOH 12  1012 1012 HOH HOH A . 
E 3 HOH 13  1013 1013 HOH HOH A . 
E 3 HOH 14  1014 1014 HOH HOH A . 
E 3 HOH 15  1015 1015 HOH HOH A . 
E 3 HOH 16  1016 1016 HOH HOH A . 
E 3 HOH 17  1017 1017 HOH HOH A . 
E 3 HOH 18  1018 1018 HOH HOH A . 
E 3 HOH 19  1020 1020 HOH HOH A . 
E 3 HOH 20  1022 1022 HOH HOH A . 
E 3 HOH 21  1023 1023 HOH HOH A . 
E 3 HOH 22  1024 1024 HOH HOH A . 
E 3 HOH 23  1025 1025 HOH HOH A . 
E 3 HOH 24  1026 1026 HOH HOH A . 
E 3 HOH 25  1027 1027 HOH HOH A . 
E 3 HOH 26  1028 1028 HOH HOH A . 
E 3 HOH 27  1029 1029 HOH HOH A . 
E 3 HOH 28  1030 1030 HOH HOH A . 
E 3 HOH 29  1031 1031 HOH HOH A . 
E 3 HOH 30  1033 1033 HOH HOH A . 
E 3 HOH 31  1034 1034 HOH HOH A . 
E 3 HOH 32  1035 1035 HOH HOH A . 
E 3 HOH 33  1036 1036 HOH HOH A . 
E 3 HOH 34  1037 1037 HOH HOH A . 
E 3 HOH 35  1038 1038 HOH HOH A . 
E 3 HOH 36  1039 1039 HOH HOH A . 
E 3 HOH 37  1040 1040 HOH HOH A . 
E 3 HOH 38  1041 1041 HOH HOH A . 
E 3 HOH 39  1042 1042 HOH HOH A . 
E 3 HOH 40  1043 1043 HOH HOH A . 
E 3 HOH 41  1044 1044 HOH HOH A . 
E 3 HOH 42  1045 1045 HOH HOH A . 
E 3 HOH 43  1046 1046 HOH HOH A . 
E 3 HOH 44  1047 1047 HOH HOH A . 
E 3 HOH 45  1048 1048 HOH HOH A . 
E 3 HOH 46  1049 1049 HOH HOH A . 
E 3 HOH 47  1050 1050 HOH HOH A . 
E 3 HOH 48  1051 1051 HOH HOH A . 
E 3 HOH 49  1052 1052 HOH HOH A . 
E 3 HOH 50  1053 1053 HOH HOH A . 
E 3 HOH 51  1054 1054 HOH HOH A . 
E 3 HOH 52  1055 1055 HOH HOH A . 
E 3 HOH 53  1056 1056 HOH HOH A . 
E 3 HOH 54  1057 1057 HOH HOH A . 
E 3 HOH 55  1058 1058 HOH HOH A . 
E 3 HOH 56  1059 1059 HOH HOH A . 
E 3 HOH 57  1060 1060 HOH HOH A . 
E 3 HOH 58  1061 1061 HOH HOH A . 
E 3 HOH 59  1062 1062 HOH HOH A . 
E 3 HOH 60  1063 1063 HOH HOH A . 
E 3 HOH 61  1064 1064 HOH HOH A . 
E 3 HOH 62  1065 1065 HOH HOH A . 
E 3 HOH 63  1066 1066 HOH HOH A . 
E 3 HOH 64  1067 1067 HOH HOH A . 
E 3 HOH 65  1068 1068 HOH HOH A . 
E 3 HOH 66  1070 1070 HOH HOH A . 
E 3 HOH 67  1071 1071 HOH HOH A . 
E 3 HOH 68  1072 1072 HOH HOH A . 
E 3 HOH 69  1075 1075 HOH HOH A . 
E 3 HOH 70  1076 1076 HOH HOH A . 
E 3 HOH 71  1078 1078 HOH HOH A . 
E 3 HOH 72  1080 1080 HOH HOH A . 
E 3 HOH 73  1081 1081 HOH HOH A . 
E 3 HOH 74  1082 1082 HOH HOH A . 
E 3 HOH 75  1083 1083 HOH HOH A . 
E 3 HOH 76  1084 1084 HOH HOH A . 
E 3 HOH 77  1085 1085 HOH HOH A . 
E 3 HOH 78  1086 1086 HOH HOH A . 
E 3 HOH 79  1087 1087 HOH HOH A . 
E 3 HOH 80  1088 1088 HOH HOH A . 
E 3 HOH 81  1090 1090 HOH HOH A . 
E 3 HOH 82  1091 1091 HOH HOH A . 
E 3 HOH 83  1092 1092 HOH HOH A . 
E 3 HOH 84  1093 1093 HOH HOH A . 
E 3 HOH 85  1094 1094 HOH HOH A . 
E 3 HOH 86  1095 1095 HOH HOH A . 
E 3 HOH 87  1096 1096 HOH HOH A . 
E 3 HOH 88  1097 1097 HOH HOH A . 
E 3 HOH 89  1098 1098 HOH HOH A . 
E 3 HOH 90  1100 1100 HOH HOH A . 
E 3 HOH 91  1101 1101 HOH HOH A . 
E 3 HOH 92  1102 1102 HOH HOH A . 
E 3 HOH 93  1103 1103 HOH HOH A . 
E 3 HOH 94  1105 1105 HOH HOH A . 
E 3 HOH 95  1107 1107 HOH HOH A . 
E 3 HOH 96  1108 1108 HOH HOH A . 
E 3 HOH 97  1109 1109 HOH HOH A . 
E 3 HOH 98  1110 1110 HOH HOH A . 
E 3 HOH 99  1111 1111 HOH HOH A . 
E 3 HOH 100 1112 1112 HOH HOH A . 
E 3 HOH 101 1113 1113 HOH HOH A . 
E 3 HOH 102 1114 1114 HOH HOH A . 
E 3 HOH 103 1115 1115 HOH HOH A . 
E 3 HOH 104 1116 1116 HOH HOH A . 
E 3 HOH 105 1117 1117 HOH HOH A . 
E 3 HOH 106 1118 1118 HOH HOH A . 
E 3 HOH 107 1119 1119 HOH HOH A . 
E 3 HOH 108 1120 1120 HOH HOH A . 
E 3 HOH 109 1121 1121 HOH HOH A . 
E 3 HOH 110 1122 1122 HOH HOH A . 
E 3 HOH 111 1123 1123 HOH HOH A . 
E 3 HOH 112 1124 1124 HOH HOH A . 
E 3 HOH 113 1125 1125 HOH HOH A . 
E 3 HOH 114 1126 1126 HOH HOH A . 
E 3 HOH 115 1127 1127 HOH HOH A . 
E 3 HOH 116 1128 1128 HOH HOH A . 
E 3 HOH 117 1129 1129 HOH HOH A . 
E 3 HOH 118 1130 1130 HOH HOH A . 
E 3 HOH 119 1131 1131 HOH HOH A . 
E 3 HOH 120 1132 1132 HOH HOH A . 
E 3 HOH 121 1133 1133 HOH HOH A . 
E 3 HOH 122 1134 1134 HOH HOH A . 
E 3 HOH 123 1135 1135 HOH HOH A . 
E 3 HOH 124 1136 1136 HOH HOH A . 
E 3 HOH 125 1137 1137 HOH HOH A . 
E 3 HOH 126 1139 1139 HOH HOH A . 
E 3 HOH 127 1140 1140 HOH HOH A . 
E 3 HOH 128 1141 1141 HOH HOH A . 
E 3 HOH 129 1142 1142 HOH HOH A . 
E 3 HOH 130 1143 1143 HOH HOH A . 
E 3 HOH 131 1144 1144 HOH HOH A . 
E 3 HOH 132 1145 1145 HOH HOH A . 
E 3 HOH 133 1146 1146 HOH HOH A . 
E 3 HOH 134 1147 1147 HOH HOH A . 
E 3 HOH 135 1149 1149 HOH HOH A . 
E 3 HOH 136 1150 1150 HOH HOH A . 
E 3 HOH 137 1151 1151 HOH HOH A . 
E 3 HOH 138 1152 1152 HOH HOH A . 
E 3 HOH 139 1153 1153 HOH HOH A . 
E 3 HOH 140 1154 1154 HOH HOH A . 
E 3 HOH 141 1155 1155 HOH HOH A . 
E 3 HOH 142 1157 1157 HOH HOH A . 
E 3 HOH 143 1158 1158 HOH HOH A . 
E 3 HOH 144 1159 1159 HOH HOH A . 
E 3 HOH 145 1160 1160 HOH HOH A . 
E 3 HOH 146 1161 1161 HOH HOH A . 
E 3 HOH 147 1162 1162 HOH HOH A . 
E 3 HOH 148 1163 1163 HOH HOH A . 
E 3 HOH 149 1165 1165 HOH HOH A . 
E 3 HOH 150 1166 1166 HOH HOH A . 
E 3 HOH 151 1167 1167 HOH HOH A . 
E 3 HOH 152 1168 1168 HOH HOH A . 
E 3 HOH 153 1169 1169 HOH HOH A . 
E 3 HOH 154 1170 1170 HOH HOH A . 
E 3 HOH 155 1171 1171 HOH HOH A . 
E 3 HOH 156 1172 1172 HOH HOH A . 
E 3 HOH 157 1173 1173 HOH HOH A . 
E 3 HOH 158 1174 1174 HOH HOH A . 
# 
loop_
_pdbx_unobs_or_zero_occ_atoms.id 
_pdbx_unobs_or_zero_occ_atoms.PDB_model_num 
_pdbx_unobs_or_zero_occ_atoms.polymer_flag 
_pdbx_unobs_or_zero_occ_atoms.occupancy_flag 
_pdbx_unobs_or_zero_occ_atoms.auth_asym_id 
_pdbx_unobs_or_zero_occ_atoms.auth_comp_id 
_pdbx_unobs_or_zero_occ_atoms.auth_seq_id 
_pdbx_unobs_or_zero_occ_atoms.PDB_ins_code 
_pdbx_unobs_or_zero_occ_atoms.auth_atom_id 
_pdbx_unobs_or_zero_occ_atoms.label_alt_id 
_pdbx_unobs_or_zero_occ_atoms.label_asym_id 
_pdbx_unobs_or_zero_occ_atoms.label_comp_id 
_pdbx_unobs_or_zero_occ_atoms.label_seq_id 
_pdbx_unobs_or_zero_occ_atoms.label_atom_id 
1 1 Y 0 A MET 0 ? CB ? A MET 1 CB 
2 1 Y 0 A MET 0 ? CG ? A MET 1 CG 
3 1 Y 0 A MET 0 ? SD ? A MET 1 SD 
4 1 Y 0 A MET 0 ? CE ? A MET 1 CE 
# 
loop_
_software.name 
_software.classification 
_software.version 
_software.citation_id 
_software.pdbx_ordinal 
AMoRE     phasing          . ? 1 
SHELXL-97 refinement       . ? 2 
XDS       'data reduction' . ? 3 
XDS       'data scaling'   . ? 4 
# 
_cell.entry_id           1G2B 
_cell.length_a           31.100 
_cell.length_b           42.970 
_cell.length_c           53.050 
_cell.angle_alpha        90.00 
_cell.angle_beta         90.00 
_cell.angle_gamma        90.00 
_cell.Z_PDB              4 
_cell.pdbx_unique_axis   ? 
# 
_symmetry.entry_id                         1G2B 
_symmetry.space_group_name_H-M             'P 21 21 21' 
_symmetry.pdbx_full_space_group_name_H-M   ? 
_symmetry.cell_setting                     ? 
_symmetry.Int_Tables_number                19 
# 
_exptl.entry_id          1G2B 
_exptl.method            'X-RAY DIFFRACTION' 
_exptl.crystals_number   1 
# 
_exptl_crystal.id                    1 
_exptl_crystal.density_meas          ? 
_exptl_crystal.density_Matthews      2.49 
_exptl_crystal.density_percent_sol   50.51 
_exptl_crystal.description           ? 
# 
_exptl_crystal_grow.crystal_id      1 
_exptl_crystal_grow.method          'VAPOR DIFFUSION, HANGING DROP' 
_exptl_crystal_grow.temp            298 
_exptl_crystal_grow.temp_details    ? 
_exptl_crystal_grow.pH              ? 
_exptl_crystal_grow.pdbx_details    'VAPOR DIFFUSION, HANGING DROP, temperature 298K' 
_exptl_crystal_grow.pdbx_pH_range   . 
# 
_diffrn.id                     1 
_diffrn.ambient_temp           100 
_diffrn.ambient_temp_details   ? 
_diffrn.crystal_id             1 
# 
_diffrn_detector.diffrn_id              1 
_diffrn_detector.detector               'IMAGE PLATE' 
_diffrn_detector.type                   MARRESEARCH 
_diffrn_detector.pdbx_collection_date   ? 
_diffrn_detector.details                ? 
# 
_diffrn_radiation.diffrn_id                        1 
_diffrn_radiation.wavelength_id                    1 
_diffrn_radiation.pdbx_monochromatic_or_laue_m_l   M 
_diffrn_radiation.monochromator                    ? 
_diffrn_radiation.pdbx_diffrn_protocol             'SINGLE WAVELENGTH' 
_diffrn_radiation.pdbx_scattering_type             x-ray 
# 
_diffrn_radiation_wavelength.id           1 
_diffrn_radiation_wavelength.wavelength   . 
_diffrn_radiation_wavelength.wt           1.0 
# 
_diffrn_source.diffrn_id                   1 
_diffrn_source.source                      SYNCHROTRON 
_diffrn_source.type                        'EMBL/DESY, HAMBURG BEAMLINE X11' 
_diffrn_source.pdbx_synchrotron_site       'EMBL/DESY, HAMBURG' 
_diffrn_source.pdbx_synchrotron_beamline   X11 
_diffrn_source.pdbx_wavelength             ? 
_diffrn_source.pdbx_wavelength_list        ? 
# 
_reflns.entry_id                     1G2B 
_reflns.observed_criterion_sigma_I   ? 
_reflns.observed_criterion_sigma_F   ? 
_reflns.d_resolution_low             14.0 
_reflns.d_resolution_high            1.12 
_reflns.number_obs                   24461 
_reflns.number_all                   24461 
_reflns.percent_possible_obs         93.4 
_reflns.pdbx_Rmerge_I_obs            0.0710000 
_reflns.pdbx_Rsym_value              ? 
_reflns.pdbx_netI_over_sigmaI        ? 
_reflns.B_iso_Wilson_estimate        ? 
_reflns.pdbx_redundancy              ? 
_reflns.R_free_details               ? 
_reflns.limit_h_max                  ? 
_reflns.limit_h_min                  ? 
_reflns.limit_k_max                  ? 
_reflns.limit_k_min                  ? 
_reflns.limit_l_max                  ? 
_reflns.limit_l_min                  ? 
_reflns.observed_criterion_F_max     ? 
_reflns.observed_criterion_F_min     ? 
_reflns.pdbx_diffrn_id               1 
_reflns.pdbx_ordinal                 1 
# 
_reflns_shell.d_res_high             1.12 
_reflns_shell.d_res_low              1.20 
_reflns_shell.percent_possible_all   91.2 
_reflns_shell.Rmerge_I_obs           0.1400000 
_reflns_shell.pdbx_Rsym_value        ? 
_reflns_shell.meanI_over_sigI_obs    ? 
_reflns_shell.pdbx_redundancy        ? 
_reflns_shell.percent_possible_obs   ? 
_reflns_shell.number_unique_all      ? 
_reflns_shell.pdbx_diffrn_id         ? 
_reflns_shell.pdbx_ordinal           1 
# 
_refine.entry_id                                 1G2B 
_refine.ls_number_reflns_obs                     ? 
_refine.ls_number_reflns_all                     24461 
_refine.pdbx_ls_sigma_I                          ? 
_refine.pdbx_ls_sigma_F                          ? 
_refine.pdbx_data_cutoff_high_absF               ? 
_refine.pdbx_data_cutoff_low_absF                ? 
_refine.ls_d_res_low                             14.00 
_refine.ls_d_res_high                            1.12 
_refine.ls_percent_reflns_obs                    ? 
_refine.ls_R_factor_obs                          0.1480000 
_refine.ls_R_factor_all                          ? 
_refine.ls_R_factor_R_work                       ? 
_refine.ls_R_factor_R_free                       0.2020000 
_refine.ls_R_factor_R_free_error                 ? 
_refine.ls_R_factor_R_free_error_details         ? 
_refine.ls_percent_reflns_R_free                 5 
_refine.ls_number_reflns_R_free                  1292 
_refine.ls_number_parameters                     634 
_refine.ls_number_restraints                     742 
_refine.occupancy_min                            ? 
_refine.occupancy_max                            ? 
_refine.B_iso_mean                               ? 
_refine.aniso_B[1][1]                            ? 
_refine.aniso_B[2][2]                            ? 
_refine.aniso_B[3][3]                            ? 
_refine.aniso_B[1][2]                            ? 
_refine.aniso_B[1][3]                            ? 
_refine.aniso_B[2][3]                            ? 
_refine.solvent_model_details                    'MOEWS & KRETSINGER, J.MOL.BIOL.91(1973)201-228' 
_refine.solvent_model_param_ksol                 ? 
_refine.solvent_model_param_bsol                 ? 
_refine.pdbx_ls_cross_valid_method               R-FREE 
_refine.details                                  ? 
_refine.pdbx_starting_model                      ? 
_refine.pdbx_method_to_determine_struct          'AB INITIO' 
_refine.pdbx_isotropic_thermal_model             ? 
_refine.pdbx_stereochemistry_target_values       'ENGH AND HUBER' 
_refine.pdbx_stereochem_target_val_spec_case     ? 
_refine.pdbx_R_Free_selection_details            ? 
_refine.pdbx_overall_ESU_R_Free                  ? 
_refine.overall_SU_B                             ? 
_refine.ls_redundancy_reflns_obs                 ? 
_refine.B_iso_min                                ? 
_refine.B_iso_max                                ? 
_refine.overall_SU_ML                            ? 
_refine.pdbx_overall_ESU_R                       ? 
_refine.pdbx_data_cutoff_high_rms_absF           ? 
_refine.correlation_coeff_Fo_to_Fc               ? 
_refine.correlation_coeff_Fo_to_Fc_free          ? 
_refine.overall_SU_R_Cruickshank_DPI             ? 
_refine.overall_SU_R_free                        ? 
_refine.pdbx_refine_id                           'X-RAY DIFFRACTION' 
_refine.pdbx_diffrn_id                           1 
_refine.pdbx_TLS_residual_ADP_flag               ? 
_refine.pdbx_solvent_vdw_probe_radii             ? 
_refine.pdbx_solvent_ion_probe_radii             ? 
_refine.pdbx_solvent_shrinkage_radii             ? 
_refine.pdbx_overall_phase_error                 ? 
_refine.pdbx_overall_SU_R_free_Cruickshank_DPI   ? 
_refine.pdbx_overall_SU_R_Blow_DPI               ? 
_refine.pdbx_overall_SU_R_free_Blow_DPI          ? 
# 
_refine_analyze.entry_id                        1G2B 
_refine_analyze.Luzzati_coordinate_error_obs    ? 
_refine_analyze.Luzzati_sigma_a_obs             ? 
_refine_analyze.Luzzati_d_res_low_obs           ? 
_refine_analyze.Luzzati_coordinate_error_free   ? 
_refine_analyze.Luzzati_sigma_a_free            ? 
_refine_analyze.Luzzati_d_res_low_free          ? 
_refine_analyze.number_disordered_residues      ? 
_refine_analyze.occupancy_sum_hydrogen          442. 
_refine_analyze.occupancy_sum_non_hydrogen      664. 
_refine_analyze.pdbx_Luzzati_d_res_high_obs     ? 
_refine_analyze.pdbx_refine_id                  'X-RAY DIFFRACTION' 
# 
_refine_hist.pdbx_refine_id                   'X-RAY DIFFRACTION' 
_refine_hist.cycle_id                         LAST 
_refine_hist.pdbx_number_atoms_protein        526 
_refine_hist.pdbx_number_atoms_nucleic_acid   0 
_refine_hist.pdbx_number_atoms_ligand         15 
_refine_hist.number_atoms_solvent             158 
_refine_hist.number_atoms_total               699 
_refine_hist.d_res_high                       1.12 
_refine_hist.d_res_low                        14.00 
# 
loop_
_refine_ls_restr.type 
_refine_ls_restr.dev_ideal 
_refine_ls_restr.dev_ideal_target 
_refine_ls_restr.weight 
_refine_ls_restr.number 
_refine_ls_restr.pdbx_refine_id 
_refine_ls_restr.pdbx_restraint_function 
s_bond_d  0.026 ? ? ? 'X-RAY DIFFRACTION' ? 
s_angle_d 0.039 ? ? ? 'X-RAY DIFFRACTION' ? 
# 
_refine_ls_shell.pdbx_total_number_of_bins_used   ? 
_refine_ls_shell.d_res_high                       1.12 
_refine_ls_shell.d_res_low                        14.00 
_refine_ls_shell.number_reflns_R_work             ? 
_refine_ls_shell.R_factor_R_work                  0.1480000 
_refine_ls_shell.percent_reflns_obs               ? 
_refine_ls_shell.R_factor_R_free                  0.2030000 
_refine_ls_shell.R_factor_R_free_error            ? 
_refine_ls_shell.percent_reflns_R_free            ? 
_refine_ls_shell.number_reflns_R_free             1292 
_refine_ls_shell.number_reflns_obs                24461 
_refine_ls_shell.redundancy_reflns_obs            ? 
_refine_ls_shell.number_reflns_all                ? 
_refine_ls_shell.pdbx_refine_id                   'X-RAY DIFFRACTION' 
_refine_ls_shell.R_factor_all                     ? 
# 
_pdbx_refine.entry_id                                    1G2B 
_pdbx_refine.R_factor_all_no_cutoff                      ? 
_pdbx_refine.R_factor_obs_no_cutoff                      0.1480000 
_pdbx_refine.free_R_factor_no_cutoff                     0.2020000 
_pdbx_refine.free_R_val_test_set_size_perc_no_cutoff     5 
_pdbx_refine.free_R_val_test_set_ct_no_cutoff            1292 
_pdbx_refine.R_factor_all_4sig_cutoff                    ? 
_pdbx_refine.R_factor_obs_4sig_cutoff                    0.1360000 
_pdbx_refine.free_R_factor_4sig_cutoff                   0.1850000 
_pdbx_refine.free_R_val_test_set_size_perc_4sig_cutoff   ? 
_pdbx_refine.free_R_val_test_set_ct_4sig_cutoff          1120 
_pdbx_refine.number_reflns_obs_4sig_cutoff               21228 
_pdbx_refine.number_reflns_obs_no_cutoff                 ? 
_pdbx_refine.pdbx_refine_id                              'X-RAY DIFFRACTION' 
_pdbx_refine.free_R_error_no_cutoff                      ? 
# 
_struct.entry_id                  1G2B 
_struct.title                     'ALPHA-SPECTRIN SRC HOMOLOGY 3 DOMAIN, CIRCULAR PERMUTANT, CUT AT N47-D48' 
_struct.pdbx_model_details        ? 
_struct.pdbx_CASP_flag            ? 
_struct.pdbx_model_type_details   ? 
# 
_struct_keywords.entry_id        1G2B 
_struct_keywords.pdbx_keywords   'METAL BINDING PROTEIN' 
_struct_keywords.text            'CAPPING PROTEIN, CALCIUM-BINDING, DUPLICATION, SH3 DOMAIN, CYTOSKELETON, METAL BINDING PROTEIN' 
# 
loop_
_struct_asym.id 
_struct_asym.pdbx_blank_PDB_chainid_flag 
_struct_asym.pdbx_modified 
_struct_asym.entity_id 
_struct_asym.details 
A N N 1 ? 
B N N 2 ? 
C N N 2 ? 
D N N 2 ? 
E N N 3 ? 
# 
_struct_ref.id                         1 
_struct_ref.db_name                    UNP 
_struct_ref.db_code                    SPTA2_CHICK 
_struct_ref.entity_id                  1 
_struct_ref.pdbx_seq_one_letter_code   ? 
_struct_ref.pdbx_align_begin           ? 
_struct_ref.pdbx_db_accession          P07751 
_struct_ref.pdbx_db_isoform            ? 
# 
loop_
_struct_ref_seq.align_id 
_struct_ref_seq.ref_id 
_struct_ref_seq.pdbx_PDB_id_code 
_struct_ref_seq.pdbx_strand_id 
_struct_ref_seq.seq_align_beg 
_struct_ref_seq.pdbx_seq_align_beg_ins_code 
_struct_ref_seq.seq_align_end 
_struct_ref_seq.pdbx_seq_align_end_ins_code 
_struct_ref_seq.pdbx_db_accession 
_struct_ref_seq.db_align_beg 
_struct_ref_seq.pdbx_db_align_beg_ins_code 
_struct_ref_seq.db_align_end 
_struct_ref_seq.pdbx_db_align_end_ins_code 
_struct_ref_seq.pdbx_auth_seq_align_beg 
_struct_ref_seq.pdbx_auth_seq_align_end 
1 1 1G2B A 2  ? 16 ? P07751 1011 ? 1025 ? 48 62 
2 1 1G2B A 19 ? 62 ? P07751 967  ? 1010 ? 4  47 
# 
loop_
_struct_ref_seq_dif.align_id 
_struct_ref_seq_dif.pdbx_pdb_id_code 
_struct_ref_seq_dif.mon_id 
_struct_ref_seq_dif.pdbx_pdb_strand_id 
_struct_ref_seq_dif.seq_num 
_struct_ref_seq_dif.pdbx_pdb_ins_code 
_struct_ref_seq_dif.pdbx_seq_db_name 
_struct_ref_seq_dif.pdbx_seq_db_accession_code 
_struct_ref_seq_dif.db_mon_id 
_struct_ref_seq_dif.pdbx_seq_db_seq_num 
_struct_ref_seq_dif.details 
_struct_ref_seq_dif.pdbx_auth_seq_num 
_struct_ref_seq_dif.pdbx_ordinal 
1 1G2B MET A 1  ? UNP P07751 ? ? 'SEE REMARK 999' 0 1 
1 1G2B SER A 17 ? UNP P07751 ? ? 'SEE REMARK 999' 2 2 
1 1G2B GLY A 18 ? UNP P07751 ? ? 'SEE REMARK 999' 3 3 
# 
_pdbx_struct_assembly.id                   1 
_pdbx_struct_assembly.details              author_defined_assembly 
_pdbx_struct_assembly.method_details       ? 
_pdbx_struct_assembly.oligomeric_details   monomeric 
_pdbx_struct_assembly.oligomeric_count     1 
# 
_pdbx_struct_assembly_gen.assembly_id       1 
_pdbx_struct_assembly_gen.oper_expression   1 
_pdbx_struct_assembly_gen.asym_id_list      A,B,C,D,E 
# 
_pdbx_struct_oper_list.id                   1 
_pdbx_struct_oper_list.type                 'identity operation' 
_pdbx_struct_oper_list.name                 1_555 
_pdbx_struct_oper_list.symmetry_operation   x,y,z 
_pdbx_struct_oper_list.matrix[1][1]         1.0000000000 
_pdbx_struct_oper_list.matrix[1][2]         0.0000000000 
_pdbx_struct_oper_list.matrix[1][3]         0.0000000000 
_pdbx_struct_oper_list.vector[1]            0.0000000000 
_pdbx_struct_oper_list.matrix[2][1]         0.0000000000 
_pdbx_struct_oper_list.matrix[2][2]         1.0000000000 
_pdbx_struct_oper_list.matrix[2][3]         0.0000000000 
_pdbx_struct_oper_list.vector[2]            0.0000000000 
_pdbx_struct_oper_list.matrix[3][1]         0.0000000000 
_pdbx_struct_oper_list.matrix[3][2]         0.0000000000 
_pdbx_struct_oper_list.matrix[3][3]         1.0000000000 
_pdbx_struct_oper_list.vector[3]            0.0000000000 
# 
_struct_biol.id                    1 
_struct_biol.pdbx_parent_biol_id   ? 
_struct_biol.details               ? 
# 
_struct_sheet.id               A 
_struct_sheet.type             ? 
_struct_sheet.number_strands   5 
_struct_sheet.details          ? 
# 
loop_
_struct_sheet_order.sheet_id 
_struct_sheet_order.range_id_1 
_struct_sheet_order.range_id_2 
_struct_sheet_order.offset 
_struct_sheet_order.sense 
A 1 2 ? anti-parallel 
A 2 3 ? anti-parallel 
A 3 4 ? anti-parallel 
A 4 5 ? anti-parallel 
# 
loop_
_struct_sheet_range.sheet_id 
_struct_sheet_range.id 
_struct_sheet_range.beg_label_comp_id 
_struct_sheet_range.beg_label_asym_id 
_struct_sheet_range.beg_label_seq_id 
_struct_sheet_range.pdbx_beg_PDB_ins_code 
_struct_sheet_range.end_label_comp_id 
_struct_sheet_range.end_label_asym_id 
_struct_sheet_range.end_label_seq_id 
_struct_sheet_range.pdbx_end_PDB_ins_code 
_struct_sheet_range.beg_auth_comp_id 
_struct_sheet_range.beg_auth_asym_id 
_struct_sheet_range.beg_auth_seq_id 
_struct_sheet_range.end_auth_comp_id 
_struct_sheet_range.end_auth_asym_id 
_struct_sheet_range.end_auth_seq_id 
A 1 ARG A 3  ? PRO A 8  ? ARG A 49 PRO A 54 
A 2 TRP A 56 ? VAL A 61 ? TRP A 41 VAL A 46 
A 3 ILE A 45 ? ASN A 50 ? ILE A 30 ASN A 35 
A 4 LEU A 23 ? ALA A 26 ? LEU A 8  ALA A 11 
A 5 VAL A 12 ? LYS A 14 ? VAL A 58 LYS A 60 
# 
loop_
_pdbx_struct_sheet_hbond.sheet_id 
_pdbx_struct_sheet_hbond.range_id_1 
_pdbx_struct_sheet_hbond.range_id_2 
_pdbx_struct_sheet_hbond.range_1_label_atom_id 
_pdbx_struct_sheet_hbond.range_1_label_comp_id 
_pdbx_struct_sheet_hbond.range_1_label_asym_id 
_pdbx_struct_sheet_hbond.range_1_label_seq_id 
_pdbx_struct_sheet_hbond.range_1_PDB_ins_code 
_pdbx_struct_sheet_hbond.range_1_auth_atom_id 
_pdbx_struct_sheet_hbond.range_1_auth_comp_id 
_pdbx_struct_sheet_hbond.range_1_auth_asym_id 
_pdbx_struct_sheet_hbond.range_1_auth_seq_id 
_pdbx_struct_sheet_hbond.range_2_label_atom_id 
_pdbx_struct_sheet_hbond.range_2_label_comp_id 
_pdbx_struct_sheet_hbond.range_2_label_asym_id 
_pdbx_struct_sheet_hbond.range_2_label_seq_id 
_pdbx_struct_sheet_hbond.range_2_PDB_ins_code 
_pdbx_struct_sheet_hbond.range_2_auth_atom_id 
_pdbx_struct_sheet_hbond.range_2_auth_comp_id 
_pdbx_struct_sheet_hbond.range_2_auth_asym_id 
_pdbx_struct_sheet_hbond.range_2_auth_seq_id 
A 1 2 O VAL A 7  ? O VAL A 53 N TRP A 57 ? N TRP A 42 
A 2 3 N GLU A 60 ? N GLU A 45 O THR A 47 ? O THR A 32 
A 3 4 N LEU A 46 ? N LEU A 31 O VAL A 24 ? O VAL A 9  
A 4 5 N LEU A 25 ? N LEU A 10 O LYS A 13 ? O LYS A 59 
# 
loop_
_struct_site.id 
_struct_site.pdbx_evidence_code 
_struct_site.pdbx_auth_asym_id 
_struct_site.pdbx_auth_comp_id 
_struct_site.pdbx_auth_seq_id 
_struct_site.pdbx_auth_ins_code 
_struct_site.pdbx_num_residues 
_struct_site.details 
AC1 Software A SO4 63 ? 6 'BINDING SITE FOR RESIDUE SO4 A 63' 
AC2 Software A SO4 64 ? 5 'BINDING SITE FOR RESIDUE SO4 A 64' 
AC3 Software A SO4 65 ? 9 'BINDING SITE FOR RESIDUE SO4 A 65' 
# 
loop_
_struct_site_gen.id 
_struct_site_gen.site_id 
_struct_site_gen.pdbx_num_res 
_struct_site_gen.label_comp_id 
_struct_site_gen.label_asym_id 
_struct_site_gen.label_seq_id 
_struct_site_gen.pdbx_auth_ins_code 
_struct_site_gen.auth_comp_id 
_struct_site_gen.auth_asym_id 
_struct_site_gen.auth_seq_id 
_struct_site_gen.label_atom_id 
_struct_site_gen.label_alt_id 
_struct_site_gen.symmetry 
_struct_site_gen.details 
1  AC1 6 LYS A 13 ? LYS A 59   . ? 1_555 ? 
2  AC1 6 LYS A 14 ? LYS A 60   . ? 1_555 ? 
3  AC1 6 HOH E .  ? HOH A 1037 . ? 1_555 ? 
4  AC1 6 HOH E .  ? HOH A 1078 . ? 1_555 ? 
5  AC1 6 HOH E .  ? HOH A 1112 . ? 1_555 ? 
6  AC1 6 HOH E .  ? HOH A 1140 . ? 1_555 ? 
7  AC2 5 MET A 1  ? MET A 0    . ? 1_555 ? 
8  AC2 5 GLY A 20 ? GLY A 5    . ? 2_455 ? 
9  AC2 5 ARG A 3  ? ARG A 49   . ? 1_555 ? 
10 AC2 5 HOH E .  ? HOH A 1024 . ? 1_555 ? 
11 AC2 5 HOH E .  ? HOH A 1048 . ? 2_455 ? 
12 AC3 9 LYS A 33 ? LYS A 18   . ? 4_456 ? 
13 AC3 9 ARG A 3  ? ARG A 49   . ? 1_555 ? 
14 AC3 9 GLN A 4  ? GLN A 50   . ? 1_555 ? 
15 AC3 9 HOH E .  ? HOH A 1045 . ? 1_555 ? 
16 AC3 9 HOH E .  ? HOH A 1094 . ? 1_555 ? 
17 AC3 9 HOH E .  ? HOH A 1117 . ? 4_456 ? 
18 AC3 9 HOH E .  ? HOH A 1155 . ? 1_555 ? 
19 AC3 9 HOH E .  ? HOH A 1172 . ? 1_555 ? 
20 AC3 9 HOH E .  ? HOH A 1173 . ? 1_555 ? 
# 
_pdbx_validate_symm_contact.id                1 
_pdbx_validate_symm_contact.PDB_model_num     1 
_pdbx_validate_symm_contact.auth_atom_id_1    SD 
_pdbx_validate_symm_contact.auth_asym_id_1    A 
_pdbx_validate_symm_contact.auth_comp_id_1    MET 
_pdbx_validate_symm_contact.auth_seq_id_1     0 
_pdbx_validate_symm_contact.PDB_ins_code_1    ? 
_pdbx_validate_symm_contact.label_alt_id_1    ? 
_pdbx_validate_symm_contact.site_symmetry_1   1_555 
_pdbx_validate_symm_contact.auth_atom_id_2    O 
_pdbx_validate_symm_contact.auth_asym_id_2    A 
_pdbx_validate_symm_contact.auth_comp_id_2    HOH 
_pdbx_validate_symm_contact.auth_seq_id_2     1174 
_pdbx_validate_symm_contact.PDB_ins_code_2    ? 
_pdbx_validate_symm_contact.label_alt_id_2    ? 
_pdbx_validate_symm_contact.site_symmetry_2   1_455 
_pdbx_validate_symm_contact.dist              1.52 
# 
_pdbx_validate_rmsd_angle.id                         1 
_pdbx_validate_rmsd_angle.PDB_model_num              1 
_pdbx_validate_rmsd_angle.auth_atom_id_1             OE1 
_pdbx_validate_rmsd_angle.auth_asym_id_1             A 
_pdbx_validate_rmsd_angle.auth_comp_id_1             GLU 
_pdbx_validate_rmsd_angle.auth_seq_id_1              45 
_pdbx_validate_rmsd_angle.PDB_ins_code_1             ? 
_pdbx_validate_rmsd_angle.label_alt_id_1             A 
_pdbx_validate_rmsd_angle.auth_atom_id_2             CD 
_pdbx_validate_rmsd_angle.auth_asym_id_2             A 
_pdbx_validate_rmsd_angle.auth_comp_id_2             GLU 
_pdbx_validate_rmsd_angle.auth_seq_id_2              45 
_pdbx_validate_rmsd_angle.PDB_ins_code_2             ? 
_pdbx_validate_rmsd_angle.label_alt_id_2             A 
_pdbx_validate_rmsd_angle.auth_atom_id_3             OE2 
_pdbx_validate_rmsd_angle.auth_asym_id_3             A 
_pdbx_validate_rmsd_angle.auth_comp_id_3             GLU 
_pdbx_validate_rmsd_angle.auth_seq_id_3              45 
_pdbx_validate_rmsd_angle.PDB_ins_code_3             ? 
_pdbx_validate_rmsd_angle.label_alt_id_3             A 
_pdbx_validate_rmsd_angle.angle_value                133.58 
_pdbx_validate_rmsd_angle.angle_target_value         123.30 
_pdbx_validate_rmsd_angle.angle_deviation            10.28 
_pdbx_validate_rmsd_angle.angle_standard_deviation   1.20 
_pdbx_validate_rmsd_angle.linker_flag                N 
# 
loop_
_chem_comp_atom.comp_id 
_chem_comp_atom.atom_id 
_chem_comp_atom.type_symbol 
_chem_comp_atom.pdbx_aromatic_flag 
_chem_comp_atom.pdbx_stereo_config 
_chem_comp_atom.pdbx_ordinal 
ALA N    N N N 1   
ALA CA   C N S 2   
ALA C    C N N 3   
ALA O    O N N 4   
ALA CB   C N N 5   
ALA OXT  O N N 6   
ALA H    H N N 7   
ALA H2   H N N 8   
ALA HA   H N N 9   
ALA HB1  H N N 10  
ALA HB2  H N N 11  
ALA HB3  H N N 12  
ALA HXT  H N N 13  
ARG N    N N N 14  
ARG CA   C N S 15  
ARG C    C N N 16  
ARG O    O N N 17  
ARG CB   C N N 18  
ARG CG   C N N 19  
ARG CD   C N N 20  
ARG NE   N N N 21  
ARG CZ   C N N 22  
ARG NH1  N N N 23  
ARG NH2  N N N 24  
ARG OXT  O N N 25  
ARG H    H N N 26  
ARG H2   H N N 27  
ARG HA   H N N 28  
ARG HB2  H N N 29  
ARG HB3  H N N 30  
ARG HG2  H N N 31  
ARG HG3  H N N 32  
ARG HD2  H N N 33  
ARG HD3  H N N 34  
ARG HE   H N N 35  
ARG HH11 H N N 36  
ARG HH12 H N N 37  
ARG HH21 H N N 38  
ARG HH22 H N N 39  
ARG HXT  H N N 40  
ASN N    N N N 41  
ASN CA   C N S 42  
ASN C    C N N 43  
ASN O    O N N 44  
ASN CB   C N N 45  
ASN CG   C N N 46  
ASN OD1  O N N 47  
ASN ND2  N N N 48  
ASN OXT  O N N 49  
ASN H    H N N 50  
ASN H2   H N N 51  
ASN HA   H N N 52  
ASN HB2  H N N 53  
ASN HB3  H N N 54  
ASN HD21 H N N 55  
ASN HD22 H N N 56  
ASN HXT  H N N 57  
ASP N    N N N 58  
ASP CA   C N S 59  
ASP C    C N N 60  
ASP O    O N N 61  
ASP CB   C N N 62  
ASP CG   C N N 63  
ASP OD1  O N N 64  
ASP OD2  O N N 65  
ASP OXT  O N N 66  
ASP H    H N N 67  
ASP H2   H N N 68  
ASP HA   H N N 69  
ASP HB2  H N N 70  
ASP HB3  H N N 71  
ASP HD2  H N N 72  
ASP HXT  H N N 73  
GLN N    N N N 74  
GLN CA   C N S 75  
GLN C    C N N 76  
GLN O    O N N 77  
GLN CB   C N N 78  
GLN CG   C N N 79  
GLN CD   C N N 80  
GLN OE1  O N N 81  
GLN NE2  N N N 82  
GLN OXT  O N N 83  
GLN H    H N N 84  
GLN H2   H N N 85  
GLN HA   H N N 86  
GLN HB2  H N N 87  
GLN HB3  H N N 88  
GLN HG2  H N N 89  
GLN HG3  H N N 90  
GLN HE21 H N N 91  
GLN HE22 H N N 92  
GLN HXT  H N N 93  
GLU N    N N N 94  
GLU CA   C N S 95  
GLU C    C N N 96  
GLU O    O N N 97  
GLU CB   C N N 98  
GLU CG   C N N 99  
GLU CD   C N N 100 
GLU OE1  O N N 101 
GLU OE2  O N N 102 
GLU OXT  O N N 103 
GLU H    H N N 104 
GLU H2   H N N 105 
GLU HA   H N N 106 
GLU HB2  H N N 107 
GLU HB3  H N N 108 
GLU HG2  H N N 109 
GLU HG3  H N N 110 
GLU HE2  H N N 111 
GLU HXT  H N N 112 
GLY N    N N N 113 
GLY CA   C N N 114 
GLY C    C N N 115 
GLY O    O N N 116 
GLY OXT  O N N 117 
GLY H    H N N 118 
GLY H2   H N N 119 
GLY HA2  H N N 120 
GLY HA3  H N N 121 
GLY HXT  H N N 122 
HOH O    O N N 123 
HOH H1   H N N 124 
HOH H2   H N N 125 
ILE N    N N N 126 
ILE CA   C N S 127 
ILE C    C N N 128 
ILE O    O N N 129 
ILE CB   C N S 130 
ILE CG1  C N N 131 
ILE CG2  C N N 132 
ILE CD1  C N N 133 
ILE OXT  O N N 134 
ILE H    H N N 135 
ILE H2   H N N 136 
ILE HA   H N N 137 
ILE HB   H N N 138 
ILE HG12 H N N 139 
ILE HG13 H N N 140 
ILE HG21 H N N 141 
ILE HG22 H N N 142 
ILE HG23 H N N 143 
ILE HD11 H N N 144 
ILE HD12 H N N 145 
ILE HD13 H N N 146 
ILE HXT  H N N 147 
LEU N    N N N 148 
LEU CA   C N S 149 
LEU C    C N N 150 
LEU O    O N N 151 
LEU CB   C N N 152 
LEU CG   C N N 153 
LEU CD1  C N N 154 
LEU CD2  C N N 155 
LEU OXT  O N N 156 
LEU H    H N N 157 
LEU H2   H N N 158 
LEU HA   H N N 159 
LEU HB2  H N N 160 
LEU HB3  H N N 161 
LEU HG   H N N 162 
LEU HD11 H N N 163 
LEU HD12 H N N 164 
LEU HD13 H N N 165 
LEU HD21 H N N 166 
LEU HD22 H N N 167 
LEU HD23 H N N 168 
LEU HXT  H N N 169 
LYS N    N N N 170 
LYS CA   C N S 171 
LYS C    C N N 172 
LYS O    O N N 173 
LYS CB   C N N 174 
LYS CG   C N N 175 
LYS CD   C N N 176 
LYS CE   C N N 177 
LYS NZ   N N N 178 
LYS OXT  O N N 179 
LYS H    H N N 180 
LYS H2   H N N 181 
LYS HA   H N N 182 
LYS HB2  H N N 183 
LYS HB3  H N N 184 
LYS HG2  H N N 185 
LYS HG3  H N N 186 
LYS HD2  H N N 187 
LYS HD3  H N N 188 
LYS HE2  H N N 189 
LYS HE3  H N N 190 
LYS HZ1  H N N 191 
LYS HZ2  H N N 192 
LYS HZ3  H N N 193 
LYS HXT  H N N 194 
MET N    N N N 195 
MET CA   C N S 196 
MET C    C N N 197 
MET O    O N N 198 
MET CB   C N N 199 
MET CG   C N N 200 
MET SD   S N N 201 
MET CE   C N N 202 
MET OXT  O N N 203 
MET H    H N N 204 
MET H2   H N N 205 
MET HA   H N N 206 
MET HB2  H N N 207 
MET HB3  H N N 208 
MET HG2  H N N 209 
MET HG3  H N N 210 
MET HE1  H N N 211 
MET HE2  H N N 212 
MET HE3  H N N 213 
MET HXT  H N N 214 
PHE N    N N N 215 
PHE CA   C N S 216 
PHE C    C N N 217 
PHE O    O N N 218 
PHE CB   C N N 219 
PHE CG   C Y N 220 
PHE CD1  C Y N 221 
PHE CD2  C Y N 222 
PHE CE1  C Y N 223 
PHE CE2  C Y N 224 
PHE CZ   C Y N 225 
PHE OXT  O N N 226 
PHE H    H N N 227 
PHE H2   H N N 228 
PHE HA   H N N 229 
PHE HB2  H N N 230 
PHE HB3  H N N 231 
PHE HD1  H N N 232 
PHE HD2  H N N 233 
PHE HE1  H N N 234 
PHE HE2  H N N 235 
PHE HZ   H N N 236 
PHE HXT  H N N 237 
PRO N    N N N 238 
PRO CA   C N S 239 
PRO C    C N N 240 
PRO O    O N N 241 
PRO CB   C N N 242 
PRO CG   C N N 243 
PRO CD   C N N 244 
PRO OXT  O N N 245 
PRO H    H N N 246 
PRO HA   H N N 247 
PRO HB2  H N N 248 
PRO HB3  H N N 249 
PRO HG2  H N N 250 
PRO HG3  H N N 251 
PRO HD2  H N N 252 
PRO HD3  H N N 253 
PRO HXT  H N N 254 
SER N    N N N 255 
SER CA   C N S 256 
SER C    C N N 257 
SER O    O N N 258 
SER CB   C N N 259 
SER OG   O N N 260 
SER OXT  O N N 261 
SER H    H N N 262 
SER H2   H N N 263 
SER HA   H N N 264 
SER HB2  H N N 265 
SER HB3  H N N 266 
SER HG   H N N 267 
SER HXT  H N N 268 
SO4 S    S N N 269 
SO4 O1   O N N 270 
SO4 O2   O N N 271 
SO4 O3   O N N 272 
SO4 O4   O N N 273 
THR N    N N N 274 
THR CA   C N S 275 
THR C    C N N 276 
THR O    O N N 277 
THR CB   C N R 278 
THR OG1  O N N 279 
THR CG2  C N N 280 
THR OXT  O N N 281 
THR H    H N N 282 
THR H2   H N N 283 
THR HA   H N N 284 
THR HB   H N N 285 
THR HG1  H N N 286 
THR HG21 H N N 287 
THR HG22 H N N 288 
THR HG23 H N N 289 
THR HXT  H N N 290 
TRP N    N N N 291 
TRP CA   C N S 292 
TRP C    C N N 293 
TRP O    O N N 294 
TRP CB   C N N 295 
TRP CG   C Y N 296 
TRP CD1  C Y N 297 
TRP CD2  C Y N 298 
TRP NE1  N Y N 299 
TRP CE2  C Y N 300 
TRP CE3  C Y N 301 
TRP CZ2  C Y N 302 
TRP CZ3  C Y N 303 
TRP CH2  C Y N 304 
TRP OXT  O N N 305 
TRP H    H N N 306 
TRP H2   H N N 307 
TRP HA   H N N 308 
TRP HB2  H N N 309 
TRP HB3  H N N 310 
TRP HD1  H N N 311 
TRP HE1  H N N 312 
TRP HE3  H N N 313 
TRP HZ2  H N N 314 
TRP HZ3  H N N 315 
TRP HH2  H N N 316 
TRP HXT  H N N 317 
TYR N    N N N 318 
TYR CA   C N S 319 
TYR C    C N N 320 
TYR O    O N N 321 
TYR CB   C N N 322 
TYR CG   C Y N 323 
TYR CD1  C Y N 324 
TYR CD2  C Y N 325 
TYR CE1  C Y N 326 
TYR CE2  C Y N 327 
TYR CZ   C Y N 328 
TYR OH   O N N 329 
TYR OXT  O N N 330 
TYR H    H N N 331 
TYR H2   H N N 332 
TYR HA   H N N 333 
TYR HB2  H N N 334 
TYR HB3  H N N 335 
TYR HD1  H N N 336 
TYR HD2  H N N 337 
TYR HE1  H N N 338 
TYR HE2  H N N 339 
TYR HH   H N N 340 
TYR HXT  H N N 341 
VAL N    N N N 342 
VAL CA   C N S 343 
VAL C    C N N 344 
VAL O    O N N 345 
VAL CB   C N N 346 
VAL CG1  C N N 347 
VAL CG2  C N N 348 
VAL OXT  O N N 349 
VAL H    H N N 350 
VAL H2   H N N 351 
VAL HA   H N N 352 
VAL HB   H N N 353 
VAL HG11 H N N 354 
VAL HG12 H N N 355 
VAL HG13 H N N 356 
VAL HG21 H N N 357 
VAL HG22 H N N 358 
VAL HG23 H N N 359 
VAL HXT  H N N 360 
# 
loop_
_chem_comp_bond.comp_id 
_chem_comp_bond.atom_id_1 
_chem_comp_bond.atom_id_2 
_chem_comp_bond.value_order 
_chem_comp_bond.pdbx_aromatic_flag 
_chem_comp_bond.pdbx_stereo_config 
_chem_comp_bond.pdbx_ordinal 
ALA N   CA   sing N N 1   
ALA N   H    sing N N 2   
ALA N   H2   sing N N 3   
ALA CA  C    sing N N 4   
ALA CA  CB   sing N N 5   
ALA CA  HA   sing N N 6   
ALA C   O    doub N N 7   
ALA C   OXT  sing N N 8   
ALA CB  HB1  sing N N 9   
ALA CB  HB2  sing N N 10  
ALA CB  HB3  sing N N 11  
ALA OXT HXT  sing N N 12  
ARG N   CA   sing N N 13  
ARG N   H    sing N N 14  
ARG N   H2   sing N N 15  
ARG CA  C    sing N N 16  
ARG CA  CB   sing N N 17  
ARG CA  HA   sing N N 18  
ARG C   O    doub N N 19  
ARG C   OXT  sing N N 20  
ARG CB  CG   sing N N 21  
ARG CB  HB2  sing N N 22  
ARG CB  HB3  sing N N 23  
ARG CG  CD   sing N N 24  
ARG CG  HG2  sing N N 25  
ARG CG  HG3  sing N N 26  
ARG CD  NE   sing N N 27  
ARG CD  HD2  sing N N 28  
ARG CD  HD3  sing N N 29  
ARG NE  CZ   sing N N 30  
ARG NE  HE   sing N N 31  
ARG CZ  NH1  sing N N 32  
ARG CZ  NH2  doub N N 33  
ARG NH1 HH11 sing N N 34  
ARG NH1 HH12 sing N N 35  
ARG NH2 HH21 sing N N 36  
ARG NH2 HH22 sing N N 37  
ARG OXT HXT  sing N N 38  
ASN N   CA   sing N N 39  
ASN N   H    sing N N 40  
ASN N   H2   sing N N 41  
ASN CA  C    sing N N 42  
ASN CA  CB   sing N N 43  
ASN CA  HA   sing N N 44  
ASN C   O    doub N N 45  
ASN C   OXT  sing N N 46  
ASN CB  CG   sing N N 47  
ASN CB  HB2  sing N N 48  
ASN CB  HB3  sing N N 49  
ASN CG  OD1  doub N N 50  
ASN CG  ND2  sing N N 51  
ASN ND2 HD21 sing N N 52  
ASN ND2 HD22 sing N N 53  
ASN OXT HXT  sing N N 54  
ASP N   CA   sing N N 55  
ASP N   H    sing N N 56  
ASP N   H2   sing N N 57  
ASP CA  C    sing N N 58  
ASP CA  CB   sing N N 59  
ASP CA  HA   sing N N 60  
ASP C   O    doub N N 61  
ASP C   OXT  sing N N 62  
ASP CB  CG   sing N N 63  
ASP CB  HB2  sing N N 64  
ASP CB  HB3  sing N N 65  
ASP CG  OD1  doub N N 66  
ASP CG  OD2  sing N N 67  
ASP OD2 HD2  sing N N 68  
ASP OXT HXT  sing N N 69  
GLN N   CA   sing N N 70  
GLN N   H    sing N N 71  
GLN N   H2   sing N N 72  
GLN CA  C    sing N N 73  
GLN CA  CB   sing N N 74  
GLN CA  HA   sing N N 75  
GLN C   O    doub N N 76  
GLN C   OXT  sing N N 77  
GLN CB  CG   sing N N 78  
GLN CB  HB2  sing N N 79  
GLN CB  HB3  sing N N 80  
GLN CG  CD   sing N N 81  
GLN CG  HG2  sing N N 82  
GLN CG  HG3  sing N N 83  
GLN CD  OE1  doub N N 84  
GLN CD  NE2  sing N N 85  
GLN NE2 HE21 sing N N 86  
GLN NE2 HE22 sing N N 87  
GLN OXT HXT  sing N N 88  
GLU N   CA   sing N N 89  
GLU N   H    sing N N 90  
GLU N   H2   sing N N 91  
GLU CA  C    sing N N 92  
GLU CA  CB   sing N N 93  
GLU CA  HA   sing N N 94  
GLU C   O    doub N N 95  
GLU C   OXT  sing N N 96  
GLU CB  CG   sing N N 97  
GLU CB  HB2  sing N N 98  
GLU CB  HB3  sing N N 99  
GLU CG  CD   sing N N 100 
GLU CG  HG2  sing N N 101 
GLU CG  HG3  sing N N 102 
GLU CD  OE1  doub N N 103 
GLU CD  OE2  sing N N 104 
GLU OE2 HE2  sing N N 105 
GLU OXT HXT  sing N N 106 
GLY N   CA   sing N N 107 
GLY N   H    sing N N 108 
GLY N   H2   sing N N 109 
GLY CA  C    sing N N 110 
GLY CA  HA2  sing N N 111 
GLY CA  HA3  sing N N 112 
GLY C   O    doub N N 113 
GLY C   OXT  sing N N 114 
GLY OXT HXT  sing N N 115 
HOH O   H1   sing N N 116 
HOH O   H2   sing N N 117 
ILE N   CA   sing N N 118 
ILE N   H    sing N N 119 
ILE N   H2   sing N N 120 
ILE CA  C    sing N N 121 
ILE CA  CB   sing N N 122 
ILE CA  HA   sing N N 123 
ILE C   O    doub N N 124 
ILE C   OXT  sing N N 125 
ILE CB  CG1  sing N N 126 
ILE CB  CG2  sing N N 127 
ILE CB  HB   sing N N 128 
ILE CG1 CD1  sing N N 129 
ILE CG1 HG12 sing N N 130 
ILE CG1 HG13 sing N N 131 
ILE CG2 HG21 sing N N 132 
ILE CG2 HG22 sing N N 133 
ILE CG2 HG23 sing N N 134 
ILE CD1 HD11 sing N N 135 
ILE CD1 HD12 sing N N 136 
ILE CD1 HD13 sing N N 137 
ILE OXT HXT  sing N N 138 
LEU N   CA   sing N N 139 
LEU N   H    sing N N 140 
LEU N   H2   sing N N 141 
LEU CA  C    sing N N 142 
LEU CA  CB   sing N N 143 
LEU CA  HA   sing N N 144 
LEU C   O    doub N N 145 
LEU C   OXT  sing N N 146 
LEU CB  CG   sing N N 147 
LEU CB  HB2  sing N N 148 
LEU CB  HB3  sing N N 149 
LEU CG  CD1  sing N N 150 
LEU CG  CD2  sing N N 151 
LEU CG  HG   sing N N 152 
LEU CD1 HD11 sing N N 153 
LEU CD1 HD12 sing N N 154 
LEU CD1 HD13 sing N N 155 
LEU CD2 HD21 sing N N 156 
LEU CD2 HD22 sing N N 157 
LEU CD2 HD23 sing N N 158 
LEU OXT HXT  sing N N 159 
LYS N   CA   sing N N 160 
LYS N   H    sing N N 161 
LYS N   H2   sing N N 162 
LYS CA  C    sing N N 163 
LYS CA  CB   sing N N 164 
LYS CA  HA   sing N N 165 
LYS C   O    doub N N 166 
LYS C   OXT  sing N N 167 
LYS CB  CG   sing N N 168 
LYS CB  HB2  sing N N 169 
LYS CB  HB3  sing N N 170 
LYS CG  CD   sing N N 171 
LYS CG  HG2  sing N N 172 
LYS CG  HG3  sing N N 173 
LYS CD  CE   sing N N 174 
LYS CD  HD2  sing N N 175 
LYS CD  HD3  sing N N 176 
LYS CE  NZ   sing N N 177 
LYS CE  HE2  sing N N 178 
LYS CE  HE3  sing N N 179 
LYS NZ  HZ1  sing N N 180 
LYS NZ  HZ2  sing N N 181 
LYS NZ  HZ3  sing N N 182 
LYS OXT HXT  sing N N 183 
MET N   CA   sing N N 184 
MET N   H    sing N N 185 
MET N   H2   sing N N 186 
MET CA  C    sing N N 187 
MET CA  CB   sing N N 188 
MET CA  HA   sing N N 189 
MET C   O    doub N N 190 
MET C   OXT  sing N N 191 
MET CB  CG   sing N N 192 
MET CB  HB2  sing N N 193 
MET CB  HB3  sing N N 194 
MET CG  SD   sing N N 195 
MET CG  HG2  sing N N 196 
MET CG  HG3  sing N N 197 
MET SD  CE   sing N N 198 
MET CE  HE1  sing N N 199 
MET CE  HE2  sing N N 200 
MET CE  HE3  sing N N 201 
MET OXT HXT  sing N N 202 
PHE N   CA   sing N N 203 
PHE N   H    sing N N 204 
PHE N   H2   sing N N 205 
PHE CA  C    sing N N 206 
PHE CA  CB   sing N N 207 
PHE CA  HA   sing N N 208 
PHE C   O    doub N N 209 
PHE C   OXT  sing N N 210 
PHE CB  CG   sing N N 211 
PHE CB  HB2  sing N N 212 
PHE CB  HB3  sing N N 213 
PHE CG  CD1  doub Y N 214 
PHE CG  CD2  sing Y N 215 
PHE CD1 CE1  sing Y N 216 
PHE CD1 HD1  sing N N 217 
PHE CD2 CE2  doub Y N 218 
PHE CD2 HD2  sing N N 219 
PHE CE1 CZ   doub Y N 220 
PHE CE1 HE1  sing N N 221 
PHE CE2 CZ   sing Y N 222 
PHE CE2 HE2  sing N N 223 
PHE CZ  HZ   sing N N 224 
PHE OXT HXT  sing N N 225 
PRO N   CA   sing N N 226 
PRO N   CD   sing N N 227 
PRO N   H    sing N N 228 
PRO CA  C    sing N N 229 
PRO CA  CB   sing N N 230 
PRO CA  HA   sing N N 231 
PRO C   O    doub N N 232 
PRO C   OXT  sing N N 233 
PRO CB  CG   sing N N 234 
PRO CB  HB2  sing N N 235 
PRO CB  HB3  sing N N 236 
PRO CG  CD   sing N N 237 
PRO CG  HG2  sing N N 238 
PRO CG  HG3  sing N N 239 
PRO CD  HD2  sing N N 240 
PRO CD  HD3  sing N N 241 
PRO OXT HXT  sing N N 242 
SER N   CA   sing N N 243 
SER N   H    sing N N 244 
SER N   H2   sing N N 245 
SER CA  C    sing N N 246 
SER CA  CB   sing N N 247 
SER CA  HA   sing N N 248 
SER C   O    doub N N 249 
SER C   OXT  sing N N 250 
SER CB  OG   sing N N 251 
SER CB  HB2  sing N N 252 
SER CB  HB3  sing N N 253 
SER OG  HG   sing N N 254 
SER OXT HXT  sing N N 255 
SO4 S   O1   doub N N 256 
SO4 S   O2   doub N N 257 
SO4 S   O3   sing N N 258 
SO4 S   O4   sing N N 259 
THR N   CA   sing N N 260 
THR N   H    sing N N 261 
THR N   H2   sing N N 262 
THR CA  C    sing N N 263 
THR CA  CB   sing N N 264 
THR CA  HA   sing N N 265 
THR C   O    doub N N 266 
THR C   OXT  sing N N 267 
THR CB  OG1  sing N N 268 
THR CB  CG2  sing N N 269 
THR CB  HB   sing N N 270 
THR OG1 HG1  sing N N 271 
THR CG2 HG21 sing N N 272 
THR CG2 HG22 sing N N 273 
THR CG2 HG23 sing N N 274 
THR OXT HXT  sing N N 275 
TRP N   CA   sing N N 276 
TRP N   H    sing N N 277 
TRP N   H2   sing N N 278 
TRP CA  C    sing N N 279 
TRP CA  CB   sing N N 280 
TRP CA  HA   sing N N 281 
TRP C   O    doub N N 282 
TRP C   OXT  sing N N 283 
TRP CB  CG   sing N N 284 
TRP CB  HB2  sing N N 285 
TRP CB  HB3  sing N N 286 
TRP CG  CD1  doub Y N 287 
TRP CG  CD2  sing Y N 288 
TRP CD1 NE1  sing Y N 289 
TRP CD1 HD1  sing N N 290 
TRP CD2 CE2  doub Y N 291 
TRP CD2 CE3  sing Y N 292 
TRP NE1 CE2  sing Y N 293 
TRP NE1 HE1  sing N N 294 
TRP CE2 CZ2  sing Y N 295 
TRP CE3 CZ3  doub Y N 296 
TRP CE3 HE3  sing N N 297 
TRP CZ2 CH2  doub Y N 298 
TRP CZ2 HZ2  sing N N 299 
TRP CZ3 CH2  sing Y N 300 
TRP CZ3 HZ3  sing N N 301 
TRP CH2 HH2  sing N N 302 
TRP OXT HXT  sing N N 303 
TYR N   CA   sing N N 304 
TYR N   H    sing N N 305 
TYR N   H2   sing N N 306 
TYR CA  C    sing N N 307 
TYR CA  CB   sing N N 308 
TYR CA  HA   sing N N 309 
TYR C   O    doub N N 310 
TYR C   OXT  sing N N 311 
TYR CB  CG   sing N N 312 
TYR CB  HB2  sing N N 313 
TYR CB  HB3  sing N N 314 
TYR CG  CD1  doub Y N 315 
TYR CG  CD2  sing Y N 316 
TYR CD1 CE1  sing Y N 317 
TYR CD1 HD1  sing N N 318 
TYR CD2 CE2  doub Y N 319 
TYR CD2 HD2  sing N N 320 
TYR CE1 CZ   doub Y N 321 
TYR CE1 HE1  sing N N 322 
TYR CE2 CZ   sing Y N 323 
TYR CE2 HE2  sing N N 324 
TYR CZ  OH   sing N N 325 
TYR OH  HH   sing N N 326 
TYR OXT HXT  sing N N 327 
VAL N   CA   sing N N 328 
VAL N   H    sing N N 329 
VAL N   H2   sing N N 330 
VAL CA  C    sing N N 331 
VAL CA  CB   sing N N 332 
VAL CA  HA   sing N N 333 
VAL C   O    doub N N 334 
VAL C   OXT  sing N N 335 
VAL CB  CG1  sing N N 336 
VAL CB  CG2  sing N N 337 
VAL CB  HB   sing N N 338 
VAL CG1 HG11 sing N N 339 
VAL CG1 HG12 sing N N 340 
VAL CG1 HG13 sing N N 341 
VAL CG2 HG21 sing N N 342 
VAL CG2 HG22 sing N N 343 
VAL CG2 HG23 sing N N 344 
VAL OXT HXT  sing N N 345 
# 
_atom_sites.entry_id                    1G2B 
_atom_sites.fract_transf_matrix[1][1]   -0.01316741 
_atom_sites.fract_transf_matrix[1][2]   -0.01209196 
_atom_sites.fract_transf_matrix[1][3]   -0.02672608 
_atom_sites.fract_transf_matrix[2][1]   0.00943717 
_atom_sites.fract_transf_matrix[2][2]   -0.02073927 
_atom_sites.fract_transf_matrix[2][3]   0.00473377 
_atom_sites.fract_transf_matrix[3][1]   -0.01540470 
_atom_sites.fract_transf_matrix[3][2]   -0.00478341 
_atom_sites.fract_transf_matrix[3][3]   0.00975380 
_atom_sites.fract_transf_vector[1]      -0.000842 
_atom_sites.fract_transf_vector[2]      0.113932 
_atom_sites.fract_transf_vector[3]      0.312280 
# 
loop_
_atom_type.symbol 
C 
N 
O 
S 
# 
loop_
_atom_site.group_PDB 
_atom_site.id 
_atom_site.type_symbol 
_atom_site.label_atom_id 
_atom_site.label_alt_id 
_atom_site.label_comp_id 
_atom_site.label_asym_id 
_atom_site.label_entity_id 
_atom_site.label_seq_id 
_atom_site.pdbx_PDB_ins_code 
_atom_site.Cartn_x 
_atom_site.Cartn_y 
_atom_site.Cartn_z 
_atom_site.occupancy 
_atom_site.B_iso_or_equiv 
_atom_site.pdbx_formal_charge 
_atom_site.auth_seq_id 
_atom_site.auth_comp_id 
_atom_site.auth_asym_id 
_atom_site.auth_atom_id 
_atom_site.pdbx_PDB_model_num 
ATOM   1   N N   . MET A 1 1  ? 0.717   8.397   13.286  1.00 46.27 ? 0    MET A N   1 
ATOM   2   C CA  . MET A 1 1  ? 0.123   8.902   12.031  1.00 22.67 ? 0    MET A CA  1 
ATOM   3   C C   . MET A 1 1  ? 0.375   8.086   10.722  1.00 20.18 ? 0    MET A C   1 
ATOM   4   O O   . MET A 1 1  ? -0.310  7.185   10.346  1.00 29.62 ? 0    MET A O   1 
ATOM   5   C CB  . MET A 1 1  ? 0.624   10.332  11.788  0.00 26.20 ? 0    MET A CB  1 
ATOM   6   C CG  . MET A 1 1  ? 1.829   10.413  10.865  0.00 23.80 ? 0    MET A CG  1 
ATOM   7   S SD  . MET A 1 1  ? 3.281   9.585   11.543  0.00 36.11 ? 0    MET A SD  1 
ATOM   8   C CE  . MET A 1 1  ? 3.447   8.209   10.409  0.00 25.25 ? 0    MET A CE  1 
ATOM   9   N N   . ASP A 1 2  ? 1.456   8.484   10.061  1.00 20.52 ? 48   ASP A N   1 
ATOM   10  C CA  . ASP A 1 2  ? 2.004   7.719   8.966   1.00 24.26 ? 48   ASP A CA  1 
ATOM   11  C C   . ASP A 1 2  ? 2.315   6.300   9.511   1.00 16.57 ? 48   ASP A C   1 
ATOM   12  O O   . ASP A 1 2  ? 2.898   6.170   10.615  1.00 24.92 ? 48   ASP A O   1 
ATOM   13  C CB  . ASP A 1 2  ? 3.412   8.237   8.602   1.00 40.82 ? 48   ASP A CB  1 
ATOM   14  C CG  . ASP A 1 2  ? 3.259   9.592   7.904   1.00 54.38 ? 48   ASP A CG  1 
ATOM   15  O OD1 . ASP A 1 2  ? 2.110   9.908   7.512   1.00 81.63 ? 48   ASP A OD1 1 
ATOM   16  O OD2 . ASP A 1 2  ? 4.316   10.239  7.791   1.00 63.42 ? 48   ASP A OD2 1 
ATOM   17  N N   . ARG A 1 3  ? 1.970   5.255   8.737   1.00 13.15 ? 49   ARG A N   1 
ATOM   18  C CA  . ARG A 1 3  ? 2.227   3.870   9.154   1.00 14.41 ? 49   ARG A CA  1 
ATOM   19  C C   . ARG A 1 3  ? 2.757   3.107   7.956   1.00 12.05 ? 49   ARG A C   1 
ATOM   20  O O   . ARG A 1 3  ? 2.410   3.462   6.791   1.00 12.31 ? 49   ARG A O   1 
ATOM   21  C CB  . ARG A 1 3  ? 0.922   3.196   9.674   1.00 18.40 ? 49   ARG A CB  1 
ATOM   22  C CG  . ARG A 1 3  ? 0.154   3.940   10.762  1.00 21.03 ? 49   ARG A CG  1 
ATOM   23  C CD  . ARG A 1 3  ? 0.561   3.454   12.056  1.00 17.29 ? 49   ARG A CD  1 
ATOM   24  N NE  . ARG A 1 3  ? 0.012   4.198   13.174  1.00 21.64 ? 49   ARG A NE  1 
ATOM   25  C CZ  . ARG A 1 3  ? 0.587   4.190   14.441  1.00 15.24 ? 49   ARG A CZ  1 
ATOM   26  N NH1 . ARG A 1 3  ? 1.636   3.469   14.691  1.00 28.15 ? 49   ARG A NH1 1 
ATOM   27  N NH2 . ARG A 1 3  ? 0.023   4.892   15.381  1.00 18.00 ? 49   ARG A NH2 1 
ATOM   28  N N   . GLN A 1 4  ? 3.590   2.105   8.178   1.00 11.78 ? 50   GLN A N   1 
ATOM   29  C CA  . GLN A 1 4  ? 4.146   1.251   7.068   1.00 10.52 ? 50   GLN A CA  1 
ATOM   30  C C   . GLN A 1 4  ? 3.944   -0.180  7.388   1.00 9.86  ? 50   GLN A C   1 
ATOM   31  O O   . GLN A 1 4  ? 4.042   -0.623  8.519   1.00 11.90 ? 50   GLN A O   1 
ATOM   32  C CB  . GLN A 1 4  ? 5.619   1.515   6.884   1.00 14.91 ? 50   GLN A CB  1 
ATOM   33  C CG  . GLN A 1 4  ? 6.007   2.967   6.611   1.00 14.88 ? 50   GLN A CG  1 
ATOM   34  C CD  . GLN A 1 4  ? 7.425   3.247   6.289   1.00 21.26 ? 50   GLN A CD  1 
ATOM   35  O OE1 . GLN A 1 4  ? 8.280   2.335   6.430   1.00 28.03 ? 50   GLN A OE1 1 
ATOM   36  N NE2 . GLN A 1 4  ? 7.848   4.400   5.776   1.00 30.59 ? 50   GLN A NE2 1 
ATOM   37  N N   . GLY A 1 5  ? 3.598   -0.969  6.327   1.00 8.74  ? 51   GLY A N   1 
ATOM   38  C CA  . GLY A 1 5  ? 3.433   -2.401  6.476   1.00 8.01  ? 51   GLY A CA  1 
ATOM   39  C C   . GLY A 1 5  ? 2.885   -3.006  5.210   1.00 7.32  ? 51   GLY A C   1 
ATOM   40  O O   . GLY A 1 5  ? 2.812   -2.340  4.182   1.00 7.82  ? 51   GLY A O   1 
ATOM   41  N N   . PHE A 1 6  ? 2.501   -4.259  5.311   1.00 6.07  ? 52   PHE A N   1 
ATOM   42  C CA  . PHE A 1 6  ? 2.082   -4.985  4.163   1.00 6.24  ? 52   PHE A CA  1 
ATOM   43  C C   . PHE A 1 6  ? 0.588   -5.006  3.915   1.00 7.29  ? 52   PHE A C   1 
ATOM   44  O O   . PHE A 1 6  ? -0.201  -5.019  4.857   1.00 10.45 ? 52   PHE A O   1 
ATOM   45  C CB  . PHE A 1 6  ? 2.508   -6.528  4.344   1.00 7.97  ? 52   PHE A CB  1 
ATOM   46  C CG  . PHE A 1 6  ? 4.033   -6.692  4.278   1.00 7.68  ? 52   PHE A CG  1 
ATOM   47  C CD1 . PHE A 1 6  ? 4.693   -6.666  3.083   1.00 8.22  ? 52   PHE A CD1 1 
ATOM   48  C CD2 . PHE A 1 6  ? 4.756   -6.896  5.411   1.00 15.18 ? 52   PHE A CD2 1 
ATOM   49  C CE1 . PHE A 1 6  ? 6.067   -6.744  2.996   1.00 9.74  ? 52   PHE A CE1 1 
ATOM   50  C CE2 . PHE A 1 6  ? 6.102   -6.951  5.338   1.00 17.40 ? 52   PHE A CE2 1 
ATOM   51  C CZ  . PHE A 1 6  ? 6.736   -6.977  4.185   1.00 15.60 ? 52   PHE A CZ  1 
ATOM   52  N N   . VAL A 1 7  ? 0.209   -4.925  2.637   1.00 7.03  ? 53   VAL A N   1 
ATOM   53  C CA  . VAL A 1 7  ? -1.150  -5.161  2.236   1.00 7.28  ? 53   VAL A CA  1 
ATOM   54  C C   . VAL A 1 7  ? -1.165  -6.179  1.111   1.00 6.77  ? 53   VAL A C   1 
ATOM   55  O O   . VAL A 1 7  ? -0.170  -6.412  0.416   1.00 6.98  ? 53   VAL A O   1 
ATOM   56  C CB  . VAL A 1 7  ? -1.838  -3.887  1.735   1.00 8.11  ? 53   VAL A CB  1 
ATOM   57  C CG1 . VAL A 1 7  ? -1.943  -2.836  2.857   1.00 10.12 ? 53   VAL A CG1 1 
ATOM   58  C CG2 . VAL A 1 7  ? -1.180  -3.291  0.481   1.00 8.80  ? 53   VAL A CG2 1 
ATOM   59  N N   . PRO A 1 8  ? -2.315  -6.883  0.876   1.00 7.28  ? 54   PRO A N   1 
ATOM   60  C CA  . PRO A 1 8  ? -2.352  -7.840  -0.187  1.00 7.47  ? 54   PRO A CA  1 
ATOM   61  C C   . PRO A 1 8  ? -2.153  -7.175  -1.553  1.00 7.04  ? 54   PRO A C   1 
ATOM   62  O O   . PRO A 1 8  ? -2.835  -6.180  -1.846  1.00 7.38  ? 54   PRO A O   1 
ATOM   63  C CB  . PRO A 1 8  ? -3.758  -8.496  -0.061  1.00 8.22  ? 54   PRO A CB  1 
ATOM   64  C CG  . PRO A 1 8  ? -4.102  -8.217  1.386   1.00 9.40  ? 54   PRO A CG  1 
ATOM   65  C CD  . PRO A 1 8  ? -3.531  -6.855  1.706   1.00 9.43  ? 54   PRO A CD  1 
ATOM   66  N N   . ALA A 1 9  ? -1.244  -7.687  -2.347  1.00 7.77  ? 55   ALA A N   1 
ATOM   67  C CA  . ALA A 1 9  ? -0.938  -7.126  -3.623  1.00 7.63  ? 55   ALA A CA  1 
ATOM   68  C C   . ALA A 1 9  ? -2.170  -6.991  -4.524  1.00 6.53  ? 55   ALA A C   1 
ATOM   69  O O   . ALA A 1 9  ? -2.274  -6.035  -5.292  1.00 8.24  ? 55   ALA A O   1 
ATOM   70  C CB  . ALA A 1 9  ? 0.103   -8.019  -4.330  1.00 8.11  ? 55   ALA A CB  1 
ATOM   71  N N   . ALA A 1 10 ? -3.068  -7.928  -4.416  1.00 6.96  ? 56   ALA A N   1 
ATOM   72  C CA  . ALA A 1 10 ? -4.293  -7.908  -5.274  1.00 8.20  ? 56   ALA A CA  1 
ATOM   73  C C   . ALA A 1 10 ? -5.158  -6.678  -4.990  1.00 7.04  ? 56   ALA A C   1 
ATOM   74  O O   . ALA A 1 10 ? -6.006  -6.411  -5.844  1.00 8.11  ? 56   ALA A O   1 
ATOM   75  C CB  . ALA A 1 10 ? -5.097  -9.172  -5.084  1.00 10.18 ? 56   ALA A CB  1 
ATOM   76  N N   . TYR A 1 11 ? -5.016  -6.028  -3.843  1.00 6.20  ? 57   TYR A N   1 
ATOM   77  C CA  . TYR A 1 11 ? -5.912  -5.019  -3.424  1.00 6.31  ? 57   TYR A CA  1 
ATOM   78  C C   . TYR A 1 11 ? -5.419  -3.598  -3.794  1.00 6.71  ? 57   TYR A C   1 
ATOM   79  O O   . TYR A 1 11 ? -6.069  -2.656  -3.466  1.00 6.98  ? 57   TYR A O   1 
ATOM   80  C CB  . TYR A 1 11 ? -6.263  -5.106  -1.967  1.00 6.71  ? 57   TYR A CB  1 
ATOM   81  C CG  . TYR A 1 11 ? -6.847  -6.427  -1.515  1.00 7.39  ? 57   TYR A CG  1 
ATOM   82  C CD1 . TYR A 1 11 ? -7.330  -7.377  -2.422  1.00 7.61  ? 57   TYR A CD1 1 
ATOM   83  C CD2 . TYR A 1 11 ? -6.881  -6.731  -0.190  1.00 8.38  ? 57   TYR A CD2 1 
ATOM   84  C CE1 . TYR A 1 11 ? -7.870  -8.613  -1.900  1.00 9.44  ? 57   TYR A CE1 1 
ATOM   85  C CE2 . TYR A 1 11 ? -7.411  -7.968  0.284   1.00 9.09  ? 57   TYR A CE2 1 
ATOM   86  C CZ  . TYR A 1 11 ? -7.878  -8.842  -0.612  1.00 9.00  ? 57   TYR A CZ  1 
ATOM   87  O OH  . TYR A 1 11 ? -8.420  -10.121 -0.196  1.00 11.02 ? 57   TYR A OH  1 
ATOM   88  N N   . VAL A 1 12 ? -4.267  -3.481  -4.510  1.00 7.05  ? 58   VAL A N   1 
ATOM   89  C CA  . VAL A 1 12 ? -3.742  -2.242  -4.909  1.00 6.57  ? 58   VAL A CA  1 
ATOM   90  C C   . VAL A 1 12 ? -3.352  -2.318  -6.391  1.00 7.09  ? 58   VAL A C   1 
ATOM   91  O O   . VAL A 1 12 ? -3.044  -3.427  -6.865  1.00 10.44 ? 58   VAL A O   1 
ATOM   92  C CB  . VAL A 1 12 ? -2.546  -1.777  -4.067  1.00 7.25  ? 58   VAL A CB  1 
ATOM   93  C CG1 . VAL A 1 12 ? -2.977  -1.570  -2.579  1.00 8.56  ? 58   VAL A CG1 1 
ATOM   94  C CG2 . VAL A 1 12 ? -1.364  -2.715  -4.167  1.00 12.63 ? 58   VAL A CG2 1 
ATOM   95  N N   . LYS A 1 13 ? -3.318  -1.179  -7.026  1.00 7.46  ? 59   LYS A N   1 
ATOM   96  C CA  . LYS A 1 13 ? -2.956  -1.139  -8.476  1.00 8.29  ? 59   LYS A CA  1 
ATOM   97  C C   . LYS A 1 13 ? -1.782  -0.200  -8.641  1.00 8.31  ? 59   LYS A C   1 
ATOM   98  O O   . LYS A 1 13 ? -1.819  0.967   -8.256  1.00 8.21  ? 59   LYS A O   1 
ATOM   99  C CB  . LYS A 1 13 ? -4.151  -0.658  -9.306  1.00 11.07 ? 59   LYS A CB  1 
ATOM   100 C CG  . LYS A 1 13 ? -3.870  -0.506  -10.817 1.00 14.34 ? 59   LYS A CG  1 
ATOM   101 C CD  . LYS A 1 13 ? -5.198  -0.017  -11.524 1.00 32.70 ? 59   LYS A CD  1 
ATOM   102 C CE  . LYS A 1 13 ? -5.018  -0.043  -13.055 1.00 41.59 ? 59   LYS A CE  1 
ATOM   103 N NZ  . LYS A 1 13 ? -6.249  0.196   -13.860 1.00 66.98 ? 59   LYS A NZ  1 
ATOM   104 N N   . LYS A 1 14 ? -0.684  -0.691  -9.261  1.00 8.71  ? 60   LYS A N   1 
ATOM   105 C CA  . LYS A 1 14 ? 0.458   0.188   -9.515  1.00 9.37  ? 60   LYS A CA  1 
ATOM   106 C C   . LYS A 1 14 ? 0.097   1.307   -10.447 1.00 8.84  ? 60   LYS A C   1 
ATOM   107 O O   . LYS A 1 14 ? -0.425  1.060   -11.534 1.00 10.41 ? 60   LYS A O   1 
ATOM   108 C CB  . LYS A 1 14 ? 1.600   -0.598  -10.151 1.00 12.53 ? 60   LYS A CB  1 
ATOM   109 C CG  . LYS A 1 14 ? 2.272   -1.607  -9.233  1.00 13.27 ? 60   LYS A CG  1 
ATOM   110 C CD  . LYS A 1 14 ? 3.415   -2.299  -9.922  1.00 13.78 ? 60   LYS A CD  1 
ATOM   111 C CE  . LYS A 1 14 ? 4.221   -3.250  -9.007  1.00 19.86 ? 60   LYS A CE  1 
ATOM   112 N NZ  . LYS A 1 14 ? 5.490   -3.655  -9.679  1.00 29.40 ? 60   LYS A NZ  1 
ATOM   113 N N   . LEU A 1 15 ? 0.417   2.515   -10.123 1.00 8.34  ? 61   LEU A N   1 
ATOM   114 C CA  . LEU A 1 15 ? 0.432   3.627   -10.969 1.00 8.46  ? 61   LEU A CA  1 
ATOM   115 C C   . LEU A 1 15 ? 1.761   3.629   -11.752 1.00 7.97  ? 61   LEU A C   1 
ATOM   116 O O   . LEU A 1 15 ? 2.796   3.147   -11.321 1.00 7.46  ? 61   LEU A O   1 
ATOM   117 C CB  . LEU A 1 15 ? 0.289   4.984   -10.244 1.00 12.18 ? 61   LEU A CB  1 
ATOM   118 C CG  . LEU A 1 15 ? -1.011  4.971   -9.315  1.00 17.87 ? 61   LEU A CG  1 
ATOM   119 C CD1 . LEU A 1 15 ? -1.088  6.393   -8.748  1.00 24.96 ? 61   LEU A CD1 1 
ATOM   120 C CD2 . LEU A 1 15 ? -2.187  4.418   -10.030 1.00 17.16 ? 61   LEU A CD2 1 
ATOM   121 N N   . ASP A 1 16 ? 1.713   4.176   -12.979 1.00 8.24  ? 62   ASP A N   1 
ATOM   122 C CA  . ASP A 1 16 ? 2.955   4.318   -13.730 1.00 9.65  ? 62   ASP A CA  1 
ATOM   123 C C   . ASP A 1 16 ? 3.988   5.084   -12.962 1.00 7.60  ? 62   ASP A C   1 
ATOM   124 O O   . ASP A 1 16 ? 3.676   6.014   -12.232 1.00 9.30  ? 62   ASP A O   1 
ATOM   125 C CB  . ASP A 1 16 ? 2.730   5.044   -15.050 1.00 12.91 ? 62   ASP A CB  1 
ATOM   126 C CG  . ASP A 1 16 ? 1.917   4.252   -16.056 1.00 16.04 ? 62   ASP A CG  1 
ATOM   127 O OD1 . ASP A 1 16 ? 1.502   3.129   -15.793 1.00 20.36 ? 62   ASP A OD1 1 
ATOM   128 O OD2 . ASP A 1 16 ? 1.657   4.714   -17.177 1.00 29.25 ? 62   ASP A OD2 1 
ATOM   129 N N   . SER A 1 17 ? 5.242   4.699   -13.122 1.00 7.93  ? 2    SER A N   1 
ATOM   130 C CA  . SER A 1 17 ? 6.348   5.390   -12.500 1.00 8.51  ? 2    SER A CA  1 
ATOM   131 C C   . SER A 1 17 ? 6.393   6.837   -13.028 1.00 8.24  ? 2    SER A C   1 
ATOM   132 O O   . SER A 1 17 ? 6.076   7.106   -14.172 1.00 8.02  ? 2    SER A O   1 
ATOM   133 C CB  . SER A 1 17 ? 7.626   4.705   -12.777 1.00 9.66  ? 2    SER A CB  1 
ATOM   134 O OG  . SER A 1 17 ? 7.607   3.335   -12.382 1.00 12.07 ? 2    SER A OG  1 
ATOM   135 N N   . GLY A 1 18 ? 6.923   7.680   -12.131 1.00 8.83  ? 3    GLY A N   1 
ATOM   136 C CA  . GLY A 1 18 ? 7.057   9.126   -12.475 1.00 9.12  ? 3    GLY A CA  1 
ATOM   137 C C   . GLY A 1 18 ? 8.212   9.715   -11.663 1.00 9.94  ? 3    GLY A C   1 
ATOM   138 O O   . GLY A 1 18 ? 9.206   9.031   -11.372 1.00 14.36 ? 3    GLY A O   1 
ATOM   139 N N   . THR A 1 19 ? 8.030   10.960  -11.243 1.00 11.16 ? 4    THR A N   1 
ATOM   140 C CA  . THR A 1 19 ? 8.911   11.624  -10.375 1.00 11.15 ? 4    THR A CA  1 
ATOM   141 C C   . THR A 1 19 ? 8.838   11.068  -8.960  1.00 11.84 ? 4    THR A C   1 
ATOM   142 O O   . THR A 1 19 ? 7.741   10.840  -8.432  1.00 14.46 ? 4    THR A O   1 
ATOM   143 C CB  . THR A 1 19 ? 8.603   13.185  -10.320 1.00 11.58 ? 4    THR A CB  1 
ATOM   144 O OG1 . THR A 1 19 ? 8.673   13.620  -11.617 1.00 11.98 ? 4    THR A OG1 1 
ATOM   145 C CG2 . THR A 1 19 ? 9.618   13.899  -9.430  1.00 16.42 ? 4    THR A CG2 1 
ATOM   146 N N   . GLY A 1 20 ? 9.934   10.822  -8.260  1.00 12.97 ? 5    GLY A N   1 
ATOM   147 C CA  . GLY A 1 20 ? 9.909   10.361  -6.876  1.00 15.51 ? 5    GLY A CA  1 
ATOM   148 C C   . GLY A 1 20 ? 9.549   8.892   -6.736  1.00 11.72 ? 5    GLY A C   1 
ATOM   149 O O   . GLY A 1 20 ? 9.798   8.062   -7.665  1.00 14.39 ? 5    GLY A O   1 
ATOM   150 N N   . LYS A 1 21 ? 8.892   8.591   -5.656  1.00 10.90 ? 6    LYS A N   1 
ATOM   151 C CA  . LYS A 1 21 ? 8.660   7.238   -5.295  1.00 9.95  ? 6    LYS A CA  1 
ATOM   152 C C   . LYS A 1 21 ? 7.529   6.563   -6.090  1.00 8.67  ? 6    LYS A C   1 
ATOM   153 O O   . LYS A 1 21 ? 6.637   7.234   -6.668  1.00 9.83  ? 6    LYS A O   1 
ATOM   154 C CB  . LYS A 1 21 ? 8.328   7.203   -3.780  1.00 10.72 ? 6    LYS A CB  1 
ATOM   155 C CG  . LYS A 1 21 ? 9.564   7.713   -2.932  1.00 13.96 ? 6    LYS A CG  1 
ATOM   156 C CD  . LYS A 1 21 ? 9.100   7.838   -1.437  1.00 16.15 ? 6    LYS A CD  1 
ATOM   157 C CE  . LYS A 1 21 ? 10.221  8.505   -0.615  1.00 32.73 ? 6    LYS A CE  1 
ATOM   158 N NZ  . LYS A 1 21 ? 9.826   8.600   0.790   1.00 37.35 ? 6    LYS A NZ  1 
ATOM   159 N N   . GLU A 1 22 ? 7.549   5.249   -6.083  1.00 9.04  ? 7    GLU A N   1 
ATOM   160 C CA  . GLU A 1 22 ? 6.470   4.488   -6.697  1.00 7.91  ? 7    GLU A CA  1 
ATOM   161 C C   . GLU A 1 22 ? 5.167   4.679   -5.896  1.00 6.45  ? 7    GLU A C   1 
ATOM   162 O O   . GLU A 1 22 ? 5.204   4.841   -4.664  1.00 7.64  ? 7    GLU A O   1 
ATOM   163 C CB  . GLU A 1 22 ? 6.821   2.996   -6.754  1.00 9.16  ? 7    GLU A CB  1 
ATOM   164 C CG  . GLU A 1 22 ? 8.115   2.727   -7.567  1.00 10.24 ? 7    GLU A CG  1 
ATOM   165 C CD  . GLU A 1 22 ? 8.088   3.332   -8.931  1.00 11.51 ? 7    GLU A CD  1 
ATOM   166 O OE1 . GLU A 1 22 ? 7.144   3.016   -9.711  1.00 12.24 ? 7    GLU A OE1 1 
ATOM   167 O OE2 . GLU A 1 22 ? 8.940   4.183   -9.305  1.00 12.70 ? 7    GLU A OE2 1 
ATOM   168 N N   . LEU A 1 23 ? 4.052   4.609   -6.614  1.00 6.85  ? 8    LEU A N   1 
ATOM   169 C CA  . LEU A 1 23 ? 2.688   4.842   -6.021  1.00 6.91  ? 8    LEU A CA  1 
ATOM   170 C C   . LEU A 1 23 ? 1.756   3.731   -6.453  1.00 6.82  ? 8    LEU A C   1 
ATOM   171 O O   . LEU A 1 23 ? 1.870   3.210   -7.557  1.00 7.32  ? 8    LEU A O   1 
ATOM   172 C CB  . LEU A 1 23 ? 2.091   6.124   -6.510  1.00 7.52  ? 8    LEU A CB  1 
ATOM   173 C CG  . LEU A 1 23 ? 2.884   7.419   -6.163  1.00 7.31  ? 8    LEU A CG  1 
ATOM   174 C CD1 . LEU A 1 23 ? 2.228   8.615   -6.850  1.00 8.61  ? 8    LEU A CD1 1 
ATOM   175 C CD2 . LEU A 1 23 ? 2.987   7.661   -4.682  1.00 8.89  ? 8    LEU A CD2 1 
ATOM   176 N N   . VAL A 1 24 ? 0.797   3.384   -5.580  1.00 7.02  ? 9    VAL A N   1 
ATOM   177 C CA  . VAL A 1 24 ? -0.271  2.515   -5.875  1.00 6.20  ? 9    VAL A CA  1 
ATOM   178 C C   . VAL A 1 24 ? -1.612  3.183   -5.503  1.00 6.42  ? 9    VAL A C   1 
ATOM   179 O O   . VAL A 1 24 ? -1.674  4.005   -4.581  1.00 8.05  ? 9    VAL A O   1 
ATOM   180 C CB  . VAL A 1 24 ? -0.180  1.130   -5.198  1.00 6.34  ? 9    VAL A CB  1 
ATOM   181 C CG1 . VAL A 1 24 ? 1.057   0.399   -5.671  1.00 7.33  ? 9    VAL A CG1 1 
ATOM   182 C CG2 . VAL A 1 24 ? -0.151  1.182   -3.685  1.00 7.43  ? 9    VAL A CG2 1 
ATOM   183 N N   . LEU A 1 25 ? -2.695  2.715   -6.152  1.00 6.50  ? 10   LEU A N   1 
ATOM   184 C CA  . LEU A 1 25 ? -4.052  3.049   -5.829  1.00 7.01  ? 10   LEU A CA  1 
ATOM   185 C C   . LEU A 1 25 ? -4.691  1.912   -4.991  1.00 6.41  ? 10   LEU A C   1 
ATOM   186 O O   . LEU A 1 25 ? -4.663  0.767   -5.397  1.00 7.29  ? 10   LEU A O   1 
ATOM   187 C CB  . LEU A 1 25 ? -4.856  3.260   -7.074  1.00 8.62  ? 10   LEU A CB  1 
ATOM   188 C CG  . LEU A 1 25 ? -6.355  3.399   -6.948  1.00 9.89  ? 10   LEU A CG  1 
ATOM   189 C CD1 . LEU A 1 25 ? -6.718  4.667   -6.249  1.00 10.45 ? 10   LEU A CD1 1 
ATOM   190 C CD2 . LEU A 1 25 ? -7.049  3.343   -8.349  1.00 11.76 ? 10   LEU A CD2 1 
ATOM   191 N N   . ALA A 1 26 ? -5.247  2.235   -3.835  1.00 6.61  ? 11   ALA A N   1 
ATOM   192 C CA  . ALA A 1 26 ? -5.989  1.275   -3.039  1.00 6.40  ? 11   ALA A CA  1 
ATOM   193 C C   . ALA A 1 26 ? -7.324  1.011   -3.706  1.00 6.68  ? 11   ALA A C   1 
ATOM   194 O O   . ALA A 1 26 ? -8.150  1.904   -3.908  1.00 8.17  ? 11   ALA A O   1 
ATOM   195 C CB  . ALA A 1 26 ? -6.237  1.794   -1.622  1.00 8.06  ? 11   ALA A CB  1 
ATOM   196 N N   . LEU A 1 27 ? -7.561  -0.246  -4.103  1.00 6.50  ? 12   LEU A N   1 
ATOM   197 C CA  . LEU A 1 27 ? -8.782  -0.619  -4.765  1.00 6.81  ? 12   LEU A CA  1 
ATOM   198 C C   . LEU A 1 27 ? -9.949  -0.894  -3.857  1.00 7.43  ? 12   LEU A C   1 
ATOM   199 O O   . LEU A 1 27 ? -11.122 -0.776  -4.236  1.00 8.47  ? 12   LEU A O   1 
ATOM   200 C CB  . LEU A 1 27 ? -8.523  -1.898  -5.591  1.00 8.09  ? 12   LEU A CB  1 
ATOM   201 C CG  . LEU A 1 27 ? -7.544  -1.739  -6.741  1.00 9.08  ? 12   LEU A CG  1 
ATOM   202 C CD1 . LEU A 1 27 ? -7.281  -3.110  -7.368  1.00 11.07 ? 12   LEU A CD1 1 
ATOM   203 C CD2 . LEU A 1 27 ? -7.887  -0.705  -7.811  1.00 12.45 ? 12   LEU A CD2 1 
ATOM   204 N N   . TYR A 1 28 ? -9.681  -1.214  -2.592  1.00 7.34  ? 13   TYR A N   1 
ATOM   205 C CA  . TYR A 1 28 ? -10.679 -1.625  -1.571  1.00 7.01  ? 13   TYR A CA  1 
ATOM   206 C C   . TYR A 1 28 ? -10.257 -1.125  -0.238  1.00 7.49  ? 13   TYR A C   1 
ATOM   207 O O   . TYR A 1 28 ? -9.060  -0.892  0.023   1.00 8.21  ? 13   TYR A O   1 
ATOM   208 C CB  . TYR A 1 28 ? -10.835 -3.135  -1.491  1.00 7.93  ? 13   TYR A CB  1 
ATOM   209 C CG  . TYR A 1 28 ? -10.921 -3.784  -2.852  1.00 7.69  ? 13   TYR A CG  1 
ATOM   210 C CD1 . TYR A 1 28 ? -12.057 -3.530  -3.644  1.00 7.35  ? 13   TYR A CD1 1 
ATOM   211 C CD2 . TYR A 1 28 ? -9.898  -4.539  -3.402  1.00 9.60  ? 13   TYR A CD2 1 
ATOM   212 C CE1 . TYR A 1 28 ? -12.100 -4.091  -4.929  1.00 9.57  ? 13   TYR A CE1 1 
ATOM   213 C CE2 . TYR A 1 28 ? -9.945  -5.109  -4.653  1.00 9.78  ? 13   TYR A CE2 1 
ATOM   214 C CZ  . TYR A 1 28 ? -11.065 -4.851  -5.414  1.00 9.48  ? 13   TYR A CZ  1 
ATOM   215 O OH  . TYR A 1 28 ? -11.131 -5.352  -6.668  1.00 16.44 ? 13   TYR A OH  1 
ATOM   216 N N   . ASP A 1 29 ? -11.230 -0.927  0.664   1.00 7.61  ? 14   ASP A N   1 
ATOM   217 C CA  . ASP A 1 29 ? -10.922 -0.772  2.092   1.00 7.80  ? 14   ASP A CA  1 
ATOM   218 C C   . ASP A 1 29 ? -10.304 -2.022  2.579   1.00 7.70  ? 14   ASP A C   1 
ATOM   219 O O   . ASP A 1 29 ? -10.792 -3.140  2.303   1.00 9.34  ? 14   ASP A O   1 
ATOM   220 C CB  . ASP A 1 29 ? -12.199 -0.503  2.875   1.00 9.26  ? 14   ASP A CB  1 
ATOM   221 C CG  . ASP A 1 29 ? -12.878 0.793   2.757   1.00 10.33 ? 14   ASP A CG  1 
ATOM   222 O OD1 . ASP A 1 29 ? -12.372 1.728   2.109   1.00 9.96  ? 14   ASP A OD1 1 
ATOM   223 O OD2 . ASP A 1 29 ? -13.881 0.964   3.473   1.00 25.10 ? 14   ASP A OD2 1 
ATOM   224 N N   . TYR A 1 30 ? -9.242  -1.905  3.420   1.00 8.20  ? 15   TYR A N   1 
ATOM   225 C CA  . TYR A 1 30 ? -8.608  -3.082  3.980   1.00 7.88  ? 15   TYR A CA  1 
ATOM   226 C C   . TYR A 1 30 ? -8.142  -2.735  5.380   1.00 7.50  ? 15   TYR A C   1 
ATOM   227 O O   . TYR A 1 30 ? -7.250  -1.885  5.489   1.00 8.31  ? 15   TYR A O   1 
ATOM   228 C CB  . TYR A 1 30 ? -7.424  -3.593  3.139   1.00 8.02  ? 15   TYR A CB  1 
ATOM   229 C CG  . TYR A 1 30 ? -6.804  -4.890  3.689   1.00 8.17  ? 15   TYR A CG  1 
ATOM   230 C CD1 . TYR A 1 30 ? -7.402  -6.098  3.521   1.00 9.88  ? 15   TYR A CD1 1 
ATOM   231 C CD2 . TYR A 1 30 ? -5.629  -4.834  4.395   1.00 7.20  ? 15   TYR A CD2 1 
ATOM   232 C CE1 . TYR A 1 30 ? -6.840  -7.268  4.030   1.00 9.81  ? 15   TYR A CE1 1 
ATOM   233 C CE2 . TYR A 1 30 ? -5.048  -5.991  4.914   1.00 7.72  ? 15   TYR A CE2 1 
ATOM   234 C CZ  . TYR A 1 30 ? -5.700  -7.183  4.745   1.00 8.35  ? 15   TYR A CZ  1 
ATOM   235 O OH  . TYR A 1 30 ? -5.141  -8.386  5.197   1.00 9.71  ? 15   TYR A OH  1 
ATOM   236 N N   . GLN A 1 31 ? -8.726  -3.331  6.422   1.00 8.78  ? 16   GLN A N   1 
ATOM   237 C CA  . GLN A 1 31 ? -8.268  -3.175  7.763   1.00 9.40  ? 16   GLN A CA  1 
ATOM   238 C C   . GLN A 1 31 ? -7.218  -4.228  8.007   1.00 8.20  ? 16   GLN A C   1 
ATOM   239 O O   . GLN A 1 31 ? -7.425  -5.416  7.794   1.00 9.64  ? 16   GLN A O   1 
ATOM   240 C CB  . GLN A 1 31 ? -9.483  -3.423  8.740   1.00 16.20 ? 16   GLN A CB  1 
ATOM   241 C CG  . GLN A 1 31 ? -9.049  -3.018  10.132  1.00 27.34 ? 16   GLN A CG  1 
ATOM   242 C CD  . GLN A 1 31 ? -9.996  -2.960  11.257  1.00 27.10 ? 16   GLN A CD  1 
ATOM   243 O OE1 . GLN A 1 31 ? -11.118 -2.676  11.053  1.00 37.13 ? 16   GLN A OE1 1 
ATOM   244 N NE2 . GLN A 1 31 ? -9.469  -3.095  12.453  1.00 25.58 ? 16   GLN A NE2 1 
ATOM   245 N N   . GLU A 1 32 ? -6.111  -3.801  8.603   1.00 8.40  ? 17   GLU A N   1 
ATOM   246 C CA  . GLU A 1 32 ? -5.019  -4.697  8.923   1.00 8.70  ? 17   GLU A CA  1 
ATOM   247 C C   . GLU A 1 32 ? -5.550  -5.899  9.808   1.00 8.39  ? 17   GLU A C   1 
ATOM   248 O O   . GLU A 1 32 ? -6.352  -5.701  10.716  1.00 10.05 ? 17   GLU A O   1 
ATOM   249 C CB  . GLU A 1 32 ? -3.915  -3.974  9.670   1.00 9.41  ? 17   GLU A CB  1 
ATOM   250 C CG  . GLU A 1 32 ? -4.358  -3.339  10.990  1.00 12.27 ? 17   GLU A CG  1 
ATOM   251 C CD  . GLU A 1 32 ? -3.223  -2.416  11.479  1.00 15.63 ? 17   GLU A CD  1 
ATOM   252 O OE1 . GLU A 1 32 ? -2.090  -2.234  10.893  1.00 16.48 ? 17   GLU A OE1 1 
ATOM   253 O OE2 . GLU A 1 32 ? -3.405  -1.797  12.517  1.00 15.09 ? 17   GLU A OE2 1 
ATOM   254 N N   . LYS A 1 33 ? -5.094  -7.095  9.451   1.00 8.26  ? 18   LYS A N   1 
ATOM   255 C CA  . LYS A 1 33 ? -5.483  -8.330  10.116  1.00 8.74  ? 18   LYS A CA  1 
ATOM   256 C C   . LYS A 1 33 ? -4.389  -8.881  10.984  1.00 8.76  ? 18   LYS A C   1 
ATOM   257 O O   . LYS A 1 33 ? -4.649  -9.809  11.766  1.00 10.07 ? 18   LYS A O   1 
ATOM   258 C CB  . LYS A 1 33 ? -6.026  -9.384  9.142   1.00 11.56 ? 18   LYS A CB  1 
ATOM   259 C CG  . LYS A 1 33 ? -7.131  -9.050  8.241   1.00 16.01 ? 18   LYS A CG  1 
ATOM   260 C CD  . LYS A 1 33 ? -7.508  -10.227 7.304   1.00 22.41 ? 18   LYS A CD  1 
ATOM   261 C CE  . LYS A 1 33 ? -8.722  -10.403 6.447   1.00 32.76 ? 18   LYS A CE  1 
ATOM   262 N NZ  . LYS A 1 33 ? -10.018 -10.490 7.254   1.00 58.46 ? 18   LYS A NZ  1 
ATOM   263 N N   . SER A 1 34 ? -3.185  -8.371  10.908  1.00 9.71  ? 19   SER A N   1 
ATOM   264 C CA  . SER A 1 34 ? -2.033  -8.790  11.735  1.00 8.18  ? 19   SER A CA  1 
ATOM   265 C C   . SER A 1 34 ? -1.099  -7.613  11.833  1.00 7.49  ? 19   SER A C   1 
ATOM   266 O O   . SER A 1 34 ? -1.162  -6.679  11.025  1.00 8.31  ? 19   SER A O   1 
ATOM   267 C CB  . SER A 1 34 ? -1.354  -9.969  11.143  1.00 8.50  ? 19   SER A CB  1 
ATOM   268 O OG  . SER A 1 34 ? -0.627  -9.750  9.941   1.00 10.96 ? 19   SER A OG  1 
ATOM   269 N N   . PRO A 1 35 ? -0.271  -7.593  12.882  1.00 6.65  ? 20   PRO A N   1 
ATOM   270 C CA  . PRO A 1 35 ? 0.620   -6.415  13.112  1.00 7.68  ? 20   PRO A CA  1 
ATOM   271 C C   . PRO A 1 35 ? 1.503   -6.039  11.961  1.00 7.56  ? 20   PRO A C   1 
ATOM   272 O O   . PRO A 1 35 ? 1.881   -4.891  11.820  1.00 8.28  ? 20   PRO A O   1 
ATOM   273 C CB  . PRO A 1 35 ? 1.439   -6.822  14.361  1.00 9.23  ? 20   PRO A CB  1 
ATOM   274 C CG  . PRO A 1 35 ? 0.606   -7.831  15.046  1.00 8.50  ? 20   PRO A CG  1 
ATOM   275 C CD  . PRO A 1 35 ? -0.203  -8.535  13.994  1.00 8.06  ? 20   PRO A CD  1 
ATOM   276 N N   . ARG A 1 36 ? 1.934   -7.019  11.140  1.00 6.98  ? 21   ARG A N   1 
ATOM   277 C CA  . ARG A 1 36 ? 2.829   -6.682  10.037  1.00 7.14  ? 21   ARG A CA  1 
ATOM   278 C C   . ARG A 1 36 ? 2.124   -5.950  8.904   1.00 7.16  ? 21   ARG A C   1 
ATOM   279 O O   . ARG A 1 36 ? 2.798   -5.506  7.962   1.00 8.43  ? 21   ARG A O   1 
ATOM   280 C CB  . ARG A 1 36 ? 3.537   -7.941  9.516   1.00 7.34  ? 21   ARG A CB  1 
ATOM   281 C CG  . ARG A 1 36 ? 2.700   -8.937  8.807   1.00 6.74  ? 21   ARG A CG  1 
ATOM   282 C CD  . ARG A 1 36 ? 3.408   -10.224 8.566   1.00 7.62  ? 21   ARG A CD  1 
ATOM   283 N NE  . ARG A 1 36 ? 2.676   -11.173 7.699   1.00 6.91  ? 21   ARG A NE  1 
ATOM   284 C CZ  . ARG A 1 36 ? 3.123   -12.369 7.402   1.00 7.58  ? 21   ARG A CZ  1 
ATOM   285 N NH1 . ARG A 1 36 ? 4.243   -12.849 7.909   1.00 8.32  ? 21   ARG A NH1 1 
ATOM   286 N NH2 . ARG A 1 36 ? 2.414   -13.139 6.536   1.00 8.46  ? 21   ARG A NH2 1 
ATOM   287 N N   . GLU A 1 37 ? 0.804   -5.839  8.926   1.00 6.84  ? 22   GLU A N   1 
ATOM   288 C CA  . GLU A 1 37 ? 0.031   -5.170  7.902   1.00 7.10  ? 22   GLU A CA  1 
ATOM   289 C C   . GLU A 1 37 ? -0.220  -3.729  8.284   1.00 7.91  ? 22   GLU A C   1 
ATOM   290 O O   . GLU A 1 37 ? 0.275   -3.230  9.284   1.00 10.12 ? 22   GLU A O   1 
ATOM   291 C CB  . GLU A 1 37 ? -1.288  -5.923  7.705   1.00 7.13  ? 22   GLU A CB  1 
ATOM   292 C CG  . GLU A 1 37 ? -1.076  -7.362  7.220   1.00 7.70  ? 22   GLU A CG  1 
ATOM   293 C CD  . GLU A 1 37 ? -2.274  -8.263  7.307   1.00 8.28  ? 22   GLU A CD  1 
ATOM   294 O OE1 . GLU A 1 37 ? -3.388  -7.740  7.108   1.00 10.55 ? 22   GLU A OE1 1 
ATOM   295 O OE2 . GLU A 1 37 ? -2.026  -9.476  7.551   1.00 10.73 ? 22   GLU A OE2 1 
ATOM   296 N N   . VAL A 1 38 ? -0.926  -2.972  7.396   1.00 7.43  ? 23   VAL A N   1 
ATOM   297 C CA  . VAL A 1 38 ? -1.438  -1.634  7.630   1.00 7.36  ? 23   VAL A CA  1 
ATOM   298 C C   . VAL A 1 38 ? -2.797  -1.577  7.022   1.00 6.84  ? 23   VAL A C   1 
ATOM   299 O O   . VAL A 1 38 ? -3.217  -2.384  6.174   1.00 7.60  ? 23   VAL A O   1 
ATOM   300 C CB  . VAL A 1 38 ? -0.473  -0.577  7.060   1.00 8.72  ? 23   VAL A CB  1 
ATOM   301 C CG1 . VAL A 1 38 ? 0.769   -0.511  7.892   1.00 13.16 ? 23   VAL A CG1 1 
ATOM   302 C CG2 . VAL A 1 38 ? -0.286  -0.813  5.560   1.00 9.53  ? 23   VAL A CG2 1 
ATOM   303 N N   . THR A 1 39 ? -3.557  -0.561  7.466   1.00 7.67  ? 24   THR A N   1 
ATOM   304 C CA  . THR A 1 39 ? -4.899  -0.263  7.037   1.00 8.33  ? 24   THR A CA  1 
ATOM   305 C C   . THR A 1 39 ? -4.884  0.799   5.929   1.00 8.23  ? 24   THR A C   1 
ATOM   306 O O   . THR A 1 39 ? -4.214  1.791   5.997   1.00 9.10  ? 24   THR A O   1 
ATOM   307 C CB  . THR A 1 39 ? -5.722  0.194   8.240   1.00 8.44  ? 24   THR A CB  1 
ATOM   308 O OG1 . THR A 1 39 ? -5.874  -0.921  9.146   1.00 9.58  ? 24   THR A OG1 1 
ATOM   309 C CG2 . THR A 1 39 ? -7.099  0.748   7.839   1.00 9.65  ? 24   THR A CG2 1 
ATOM   310 N N   . MET A 1 40 ? -5.779  0.558   4.912   1.00 7.77  ? 25   MET A N   1 
ATOM   311 C CA  . MET A 1 40 ? -5.940  1.508   3.834   1.00 7.52  ? 25   MET A CA  1 
ATOM   312 C C   . MET A 1 40 ? -7.440  1.663   3.573   1.00 7.56  ? 25   MET A C   1 
ATOM   313 O O   . MET A 1 40 ? -8.253  0.787   3.880   1.00 8.01  ? 25   MET A O   1 
ATOM   314 C CB  . MET A 1 40 ? -5.207  1.127   2.584   1.00 8.16  ? 25   MET A CB  1 
ATOM   315 C CG  . MET A 1 40 ? -5.655  -0.184  2.008   1.00 7.95  ? 25   MET A CG  1 
ATOM   316 S SD  . MET A 1 40 ? -4.657  -0.730  0.606   1.00 8.12  ? 25   MET A SD  1 
ATOM   317 C CE  . MET A 1 40 ? -5.586  -2.248  0.192   1.00 11.32 ? 25   MET A CE  1 
ATOM   318 N N   . LYS A 1 41 ? -7.784  2.761   2.969   1.00 7.90  ? 26   LYS A N   1 
ATOM   319 C CA  . LYS A 1 41 ? -9.135  3.075   2.502   1.00 8.23  ? 26   LYS A CA  1 
ATOM   320 C C   . LYS A 1 41 ? -9.189  3.052   0.985   1.00 7.19  ? 26   LYS A C   1 
ATOM   321 O O   . LYS A 1 41 ? -8.277  3.587   0.320   1.00 7.79  ? 26   LYS A O   1 
ATOM   322 C CB  . LYS A 1 41 ? -9.638  4.433   2.967   1.00 9.24  ? 26   LYS A CB  1 
ATOM   323 C CG  . LYS A 1 41 ? -11.042 4.823   2.750   1.00 17.33 ? 26   LYS A CG  1 
ATOM   324 C CD  . LYS A 1 41 ? -11.296 6.160   3.473   1.00 23.20 ? 26   LYS A CD  1 
ATOM   325 C CE  . LYS A 1 41 ? -12.714 6.775   3.145   1.00 24.98 ? 26   LYS A CE  1 
ATOM   326 N NZ  . LYS A 1 41 ? -13.790 5.802   3.432   1.00 59.25 ? 26   LYS A NZ  1 
ATOM   327 N N   . LYS A 1 42 ? -10.278 2.590   0.397   1.00 8.24  ? 27   LYS A N   1 
ATOM   328 C CA  . LYS A 1 42 ? -10.501 2.601   -1.009  1.00 8.50  ? 27   LYS A CA  1 
ATOM   329 C C   . LYS A 1 42 ? -10.226 4.050   -1.538  1.00 8.54  ? 27   LYS A C   1 
ATOM   330 O O   . LYS A 1 42 ? -10.775 5.015   -1.010  1.00 9.38  ? 27   LYS A O   1 
ATOM   331 C CB  . LYS A 1 42 ? -11.919 2.192   -1.352  1.00 9.50  ? 27   LYS A CB  1 
ATOM   332 C CG  . LYS A 1 42 ? -12.209 2.192   -2.854  1.00 10.52 ? 27   LYS A CG  1 
ATOM   333 C CD  . LYS A 1 42 ? -13.570 1.469   -3.149  1.00 13.47 ? 27   LYS A CD  1 
ATOM   334 C CE  . LYS A 1 42 ? -14.126 1.803   -4.573  1.00 33.60 ? 27   LYS A CE  1 
ATOM   335 N NZ  . LYS A 1 42 ? -13.046 1.728   -5.563  1.00 42.58 ? 27   LYS A NZ  1 
ATOM   336 N N   . GLY A 1 43 ? -9.465  4.128   -2.620  1.00 7.70  ? 28   GLY A N   1 
ATOM   337 C CA  . GLY A 1 43 ? -9.156  5.393   -3.232  1.00 8.04  ? 28   GLY A CA  1 
ATOM   338 C C   . GLY A 1 43 ? -7.895  6.064   -2.722  1.00 7.62  ? 28   GLY A C   1 
ATOM   339 O O   . GLY A 1 43 ? -7.419  7.056   -3.347  1.00 8.09  ? 28   GLY A O   1 
ATOM   340 N N   . ASP A 1 44 ? -7.328  5.568   -1.652  1.00 7.77  ? 29   ASP A N   1 
ATOM   341 C CA  . ASP A 1 44 ? -6.047  6.120   -1.166  1.00 7.54  ? 29   ASP A CA  1 
ATOM   342 C C   . ASP A 1 44 ? -4.973  5.925   -2.184  1.00 7.58  ? 29   ASP A C   1 
ATOM   343 O O   . ASP A 1 44 ? -4.890  4.954   -2.911  1.00 7.71  ? 29   ASP A O   1 
ATOM   344 C CB  . ASP A 1 44 ? -5.633  5.439   0.143   1.00 7.92  ? 29   ASP A CB  1 
ATOM   345 C CG  . ASP A 1 44 ? -6.363  5.737   1.376   1.00 9.07  ? 29   ASP A CG  1 
ATOM   346 O OD1 . ASP A 1 44 ? -7.223  6.696   1.364   1.00 9.39  ? 29   ASP A OD1 1 
ATOM   347 O OD2 . ASP A 1 44 ? -6.091  5.051   2.402   1.00 10.02 ? 29   ASP A OD2 1 
ATOM   348 N N   . ILE A 1 45 ? -4.093  6.917   -2.250  1.00 7.09  ? 30   ILE A N   1 
ATOM   349 C CA  . ILE A 1 45 ? -2.872  6.906   -3.077  1.00 7.41  ? 30   ILE A CA  1 
ATOM   350 C C   . ILE A 1 45 ? -1.746  6.668   -2.125  1.00 6.94  ? 30   ILE A C   1 
ATOM   351 O O   . ILE A 1 45 ? -1.427  7.455   -1.227  1.00 7.51  ? 30   ILE A O   1 
ATOM   352 C CB  . ILE A 1 45 ? -2.683  8.189   -3.868  1.00 7.84  ? 30   ILE A CB  1 
ATOM   353 C CG1 . ILE A 1 45 ? -3.866  8.473   -4.778  1.00 8.16  ? 30   ILE A CG1 1 
ATOM   354 C CG2 . ILE A 1 45 ? -1.352  8.211   -4.614  1.00 9.68  ? 30   ILE A CG2 1 
ATOM   355 C CD1 . ILE A 1 45 ? -4.055  7.554   -5.832  1.00 11.87 ? 30   ILE A CD1 1 
ATOM   356 N N   . LEU A 1 46 ? -1.111  5.485   -2.223  1.00 6.67  ? 31   LEU A N   1 
ATOM   357 C CA  . LEU A 1 46 ? -0.131  5.011   -1.269  1.00 7.36  ? 31   LEU A CA  1 
ATOM   358 C C   . LEU A 1 46 ? 1.311   5.001   -1.863  1.00 6.23  ? 31   LEU A C   1 
ATOM   359 O O   . LEU A 1 46 ? 1.445   4.632   -3.018  1.00 8.71  ? 31   LEU A O   1 
ATOM   360 C CB  . LEU A 1 46 ? -0.456  3.611   -0.786  1.00 7.23  ? 31   LEU A CB  1 
ATOM   361 C CG  . LEU A 1 46 ? -1.877  3.314   -0.330  1.00 8.50  ? 31   LEU A CG  1 
ATOM   362 C CD1 . LEU A 1 46 ? -1.966  1.854   0.025   1.00 10.49 ? 31   LEU A CD1 1 
ATOM   363 C CD2 . LEU A 1 46 ? -2.228  4.255   0.783   1.00 10.77 ? 31   LEU A CD2 1 
ATOM   364 N N   . THR A 1 47 ? 2.261   5.384   -1.087  1.00 6.40  ? 32   THR A N   1 
ATOM   365 C CA  . THR A 1 47 ? 3.650   5.168   -1.465  1.00 6.77  ? 32   THR A CA  1 
ATOM   366 C C   . THR A 1 47 ? 3.995   3.699   -1.362  1.00 5.98  ? 32   THR A C   1 
ATOM   367 O O   . THR A 1 47 ? 3.766   3.080   -0.345  1.00 7.85  ? 32   THR A O   1 
ATOM   368 C CB  . THR A 1 47 ? 4.550   6.020   -0.596  1.00 7.79  ? 32   THR A CB  1 
ATOM   369 O OG1 . THR A 1 47 ? 4.154   7.404   -0.786  1.00 9.40  ? 32   THR A OG1 1 
ATOM   370 C CG2 . THR A 1 47 ? 6.026   5.836   -0.938  1.00 10.88 ? 32   THR A CG2 1 
ATOM   371 N N   . LEU A 1 48 ? 4.482   3.164   -2.467  1.00 7.25  ? 33   LEU A N   1 
ATOM   372 C CA  . LEU A 1 48 ? 4.839   1.761   -2.585  1.00 6.63  ? 33   LEU A CA  1 
ATOM   373 C C   . LEU A 1 48 ? 6.352   1.596   -2.210  1.00 7.23  ? 33   LEU A C   1 
ATOM   374 O O   . LEU A 1 48 ? 7.182   2.089   -2.921  1.00 11.09 ? 33   LEU A O   1 
ATOM   375 C CB  . LEU A 1 48 ? 4.617   1.236   -3.970  1.00 7.98  ? 33   LEU A CB  1 
ATOM   376 C CG  . LEU A 1 48 ? 4.991   -0.193  -4.271  1.00 7.56  ? 33   LEU A CG  1 
ATOM   377 C CD1 . LEU A 1 48 ? 4.251   -1.144  -3.358  1.00 8.16  ? 33   LEU A CD1 1 
ATOM   378 C CD2 . LEU A 1 48 ? 4.812   -0.504  -5.745  1.00 9.44  ? 33   LEU A CD2 1 
ATOM   379 N N   . LEU A 1 49 ? 6.590   0.851   -1.148  1.00 7.70  ? 34   LEU A N   1 
ATOM   380 C CA  . LEU A 1 49 ? 7.956   0.670   -0.635  1.00 9.14  ? 34   LEU A CA  1 
ATOM   381 C C   . LEU A 1 49 ? 8.625   -0.575  -1.172  1.00 7.83  ? 34   LEU A C   1 
ATOM   382 O O   . LEU A 1 49 ? 9.858   -0.604  -1.329  1.00 9.73  ? 34   LEU A O   1 
ATOM   383 C CB  . LEU A 1 49 ? 7.961   0.676   0.901   1.00 10.36 ? 34   LEU A CB  1 
ATOM   384 C CG  . LEU A 1 49 ? 7.337   1.914   1.586   1.00 12.47 ? 34   LEU A CG  1 
ATOM   385 C CD1 . LEU A 1 49 ? 7.385   1.944   3.044   1.00 23.83 ? 34   LEU A CD1 1 
ATOM   386 C CD2 . LEU A 1 49 ? 8.161   3.250   1.161   1.00 21.80 ? 34   LEU A CD2 1 
ATOM   387 N N   . ASN A 1 50 ? 7.852   -1.659  -1.325  1.00 7.72  ? 35   ASN A N   1 
ATOM   388 C CA  . ASN A 1 50 ? 8.465   -2.923  -1.735  1.00 7.35  ? 35   ASN A CA  1 
ATOM   389 C C   . ASN A 1 50 ? 7.428   -3.779  -2.372  1.00 8.06  ? 35   ASN A C   1 
ATOM   390 O O   . ASN A 1 50 ? 6.409   -4.102  -1.716  1.00 8.92  ? 35   ASN A O   1 
ATOM   391 C CB  . ASN A 1 50 ? 9.142   -3.573  -0.559  1.00 8.54  ? 35   ASN A CB  1 
ATOM   392 C CG  . ASN A 1 50 ? 9.931   -4.842  -0.912  1.00 8.24  ? 35   ASN A CG  1 
ATOM   393 O OD1 . ASN A 1 50 ? 9.391   -5.777  -1.491  1.00 8.46  ? 35   ASN A OD1 1 
ATOM   394 N ND2 . ASN A 1 50 ? 11.201  -4.758  -0.586  1.00 13.31 ? 35   ASN A ND2 1 
ATOM   395 N N   . SER A 1 51 ? 7.608   -4.161  -3.632  1.00 7.36  ? 36   SER A N   1 
ATOM   396 C CA  . SER A 1 51 ? 6.710   -5.048  -4.367  1.00 7.09  ? 36   SER A CA  1 
ATOM   397 C C   . SER A 1 51 ? 7.434   -6.314  -4.851  1.00 6.56  ? 36   SER A C   1 
ATOM   398 O O   . SER A 1 51 ? 7.027   -6.877  -5.855  1.00 8.85  ? 36   SER A O   1 
ATOM   399 C CB  . SER A 1 51 ? 6.060   -4.313  -5.535  1.00 8.85  ? 36   SER A CB  1 
ATOM   400 O OG  . SER A 1 51 ? 6.933   -3.797  -6.455  1.00 11.01 ? 36   SER A OG  1 
ATOM   401 N N   . THR A 1 52 ? 8.454   -6.770  -4.160  1.00 6.44  ? 37   THR A N   1 
ATOM   402 C CA  . THR A 1 52 ? 9.197   -7.938  -4.545  1.00 7.27  ? 37   THR A CA  1 
ATOM   403 C C   . THR A 1 52 ? 8.456   -9.264  -4.304  1.00 7.68  ? 37   THR A C   1 
ATOM   404 O O   . THR A 1 52 ? 8.775   -10.221 -5.024  1.00 9.12  ? 37   THR A O   1 
ATOM   405 C CB  . THR A 1 52 ? 10.567  -8.007  -3.837  1.00 7.90  ? 37   THR A CB  1 
ATOM   406 O OG1 . THR A 1 52 ? 10.406  -8.133  -2.447  1.00 8.02  ? 37   THR A OG1 1 
ATOM   407 C CG2 . THR A 1 52 ? 11.468  -6.779  -4.151  1.00 9.04  ? 37   THR A CG2 1 
ATOM   408 N N   . ASN A 1 53 ? 7.526   -9.271  -3.374  1.00 8.00  ? 38   ASN A N   1 
ATOM   409 C CA  . ASN A 1 53 ? 6.757   -10.485 -3.086  1.00 8.16  ? 38   ASN A CA  1 
ATOM   410 C C   . ASN A 1 53 ? 5.493   -10.483 -3.888  1.00 8.42  ? 38   ASN A C   1 
ATOM   411 O O   . ASN A 1 53 ? 4.853   -9.426  -4.002  1.00 9.07  ? 38   ASN A O   1 
ATOM   412 C CB  . ASN A 1 53 ? 6.447   -10.585 -1.589  1.00 7.76  ? 38   ASN A CB  1 
ATOM   413 C CG  . ASN A 1 53 ? 5.821   -11.863 -1.202  1.00 6.45  ? 38   ASN A CG  1 
ATOM   414 O OD1 . ASN A 1 53 ? 4.613   -11.999 -1.145  1.00 7.87  ? 38   ASN A OD1 1 
ATOM   415 N ND2 . ASN A 1 53 ? 6.628   -12.844 -0.929  1.00 7.18  ? 38   ASN A ND2 1 
ATOM   416 N N   . LYS A 1 54 ? 4.993   -11.614 -4.411  1.00 8.49  ? 39   LYS A N   1 
ATOM   417 C CA  . LYS A 1 54 ? 3.806   -11.589 -5.243  1.00 9.62  ? 39   LYS A CA  1 
ATOM   418 C C   . LYS A 1 54 ? 2.553   -11.399 -4.432  1.00 9.30  ? 39   LYS A C   1 
ATOM   419 O O   . LYS A 1 54 ? 1.556   -10.984 -5.031  1.00 11.46 ? 39   LYS A O   1 
ATOM   420 C CB  . LYS A 1 54 ? 3.758   -12.845 -6.121  1.00 12.13 ? 39   LYS A CB  1 
ATOM   421 C CG  . LYS A 1 54 ? 3.310   -14.014 -5.443  1.00 14.98 ? 39   LYS A CG  1 
ATOM   422 C CD  . LYS A 1 54 ? 3.167   -15.173 -6.461  1.00 26.87 ? 39   LYS A CD  1 
ATOM   423 C CE  . LYS A 1 54 ? 2.705   -16.452 -5.825  1.00 31.20 ? 39   LYS A CE  1 
ATOM   424 N NZ  . LYS A 1 54 ? 3.008   -17.761 -6.574  1.00 30.02 ? 39   LYS A NZ  1 
ATOM   425 N N   . ASP A 1 55 ? 2.564   -11.723 -3.161  1.00 8.99  ? 40   ASP A N   1 
ATOM   426 C CA  . ASP A 1 55 ? 1.331   -11.737 -2.333  1.00 8.69  ? 40   ASP A CA  1 
ATOM   427 C C   . ASP A 1 55 ? 1.238   -10.520 -1.485  1.00 7.52  ? 40   ASP A C   1 
ATOM   428 O O   . ASP A 1 55 ? 0.080   -10.079 -1.234  1.00 8.23  ? 40   ASP A O   1 
ATOM   429 C CB  . ASP A 1 55 ? 1.316   -12.992 -1.465  1.00 9.96  ? 40   ASP A CB  1 
ATOM   430 C CG  . ASP A 1 55 ? 1.220   -14.288 -2.184  1.00 13.59 ? 40   ASP A CG  1 
ATOM   431 O OD1 . ASP A 1 55 ? 0.367   -14.389 -3.102  1.00 18.72 ? 40   ASP A OD1 1 
ATOM   432 O OD2 . ASP A 1 55 ? 1.943   -15.268 -1.804  1.00 18.21 ? 40   ASP A OD2 1 
ATOM   433 N N   . TRP A 1 56 ? 2.351   -9.967  -0.949  1.00 6.98  ? 41   TRP A N   1 
ATOM   434 C CA  . TRP A 1 56 ? 2.302   -8.931  0.047   1.00 6.60  ? 41   TRP A CA  1 
ATOM   435 C C   . TRP A 1 56 ? 3.210   -7.780  -0.355  1.00 5.47  ? 41   TRP A C   1 
ATOM   436 O O   . TRP A 1 56 ? 4.410   -8.008  -0.550  1.00 6.97  ? 41   TRP A O   1 
ATOM   437 C CB  . TRP A 1 56 ? 2.790   -9.475  1.438   1.00 7.84  ? 41   TRP A CB  1 
ATOM   438 C CG  . TRP A 1 56 ? 1.771   -10.480 1.963   1.00 7.17  ? 41   TRP A CG  1 
ATOM   439 C CD1 . TRP A 1 56 ? 1.847   -11.854 1.931   1.00 8.82  ? 41   TRP A CD1 1 
ATOM   440 C CD2 . TRP A 1 56 ? 0.540   -10.179 2.625   1.00 6.98  ? 41   TRP A CD2 1 
ATOM   441 N NE1 . TRP A 1 56 ? 0.747   -12.413 2.480   1.00 9.90  ? 41   TRP A NE1 1 
ATOM   442 C CE2 . TRP A 1 56 ? -0.090  -11.401 2.942   1.00 9.54  ? 41   TRP A CE2 1 
ATOM   443 C CE3 . TRP A 1 56 ? -0.114  -8.982  2.980   1.00 7.50  ? 41   TRP A CE3 1 
ATOM   444 C CZ2 . TRP A 1 56 ? -1.326  -11.477 3.585   1.00 8.58  ? 41   TRP A CZ2 1 
ATOM   445 C CZ3 . TRP A 1 56 ? -1.320  -9.037  3.616   1.00 7.81  ? 41   TRP A CZ3 1 
ATOM   446 C CH2 . TRP A 1 56 ? -1.940  -10.313 3.926   1.00 8.78  ? 41   TRP A CH2 1 
ATOM   447 N N   . TRP A 1 57 ? 2.656   -6.579  -0.515  1.00 6.22  ? 42   TRP A N   1 
ATOM   448 C CA  . TRP A 1 57 ? 3.438   -5.427  -0.889  1.00 5.98  ? 42   TRP A CA  1 
ATOM   449 C C   . TRP A 1 57 ? 3.520   -4.465  0.315   1.00 5.83  ? 42   TRP A C   1 
ATOM   450 O O   . TRP A 1 57 ? 2.536   -4.257  1.012   1.00 6.81  ? 42   TRP A O   1 
ATOM   451 C CB  . TRP A 1 57 ? 2.804   -4.643  -2.115  1.00 6.56  ? 42   TRP A CB  1 
ATOM   452 C CG  . TRP A 1 57 ? 2.953   -5.429  -3.389  1.00 6.49  ? 42   TRP A CG  1 
ATOM   453 C CD1 . TRP A 1 57 ? 3.616   -6.641  -3.563  1.00 7.06  ? 42   TRP A CD1 1 
ATOM   454 C CD2 . TRP A 1 57 ? 2.457   -5.066  -4.662  1.00 6.81  ? 42   TRP A CD2 1 
ATOM   455 N NE1 . TRP A 1 57 ? 3.535   -7.007  -4.919  1.00 8.24  ? 42   TRP A NE1 1 
ATOM   456 C CE2 . TRP A 1 57 ? 2.822   -6.077  -5.583  1.00 8.48  ? 42   TRP A CE2 1 
ATOM   457 C CE3 . TRP A 1 57 ? 1.689   -3.946  -5.100  1.00 9.64  ? 42   TRP A CE3 1 
ATOM   458 C CZ2 . TRP A 1 57 ? 2.436   -5.974  -6.946  1.00 10.94 ? 42   TRP A CZ2 1 
ATOM   459 C CZ3 . TRP A 1 57 ? 1.331   -3.868  -6.435  1.00 10.75 ? 42   TRP A CZ3 1 
ATOM   460 C CH2 . TRP A 1 57 ? 1.694   -4.893  -7.334  1.00 11.56 ? 42   TRP A CH2 1 
ATOM   461 N N   . LYS A 1 58 ? 4.690   -3.884  0.541   1.00 6.66  ? 43   LYS A N   1 
ATOM   462 C CA  . LYS A 1 58 ? 4.907   -2.985  1.628   1.00 7.28  ? 43   LYS A CA  1 
ATOM   463 C C   . LYS A 1 58 ? 4.594   -1.568  1.141   1.00 6.77  ? 43   LYS A C   1 
ATOM   464 O O   . LYS A 1 58 ? 5.110   -1.120  0.098   1.00 6.94  ? 43   LYS A O   1 
ATOM   465 C CB  . LYS A 1 58 ? 6.269   -3.014  2.226   1.00 7.56  ? 43   LYS A CB  1 
ATOM   466 C CG  . LYS A 1 58 ? 6.498   -2.385  3.503   1.00 11.87 ? 43   LYS A CG  1 
ATOM   467 C CD  . LYS A 1 58 ? 7.850   -2.360  4.029   1.00 20.06 ? 43   LYS A CD  1 
ATOM   468 C CE  . LYS A 1 58 ? 7.927   -1.695  5.431   1.00 37.16 ? 43   LYS A CE  1 
ATOM   469 N NZ  . LYS A 1 58 ? 9.386   -1.510  5.754   1.00 48.46 ? 43   LYS A NZ  1 
ATOM   470 N N   . VAL A 1 59 ? 3.710   -0.894  1.826   1.00 7.21  ? 44   VAL A N   1 
ATOM   471 C CA  . VAL A 1 59 ? 3.249   0.461   1.542   1.00 6.84  ? 44   VAL A CA  1 
ATOM   472 C C   . VAL A 1 59 ? 3.344   1.373   2.796   1.00 7.49  ? 44   VAL A C   1 
ATOM   473 O O   . VAL A 1 59 ? 3.404   0.874   3.889   1.00 8.78  ? 44   VAL A O   1 
ATOM   474 C CB  . VAL A 1 59 ? 1.827   0.418   0.985   1.00 7.00  ? 44   VAL A CB  1 
ATOM   475 C CG1 . VAL A 1 59 ? 1.715   -0.330  -0.294  1.00 7.56  ? 44   VAL A CG1 1 
ATOM   476 C CG2 . VAL A 1 59 ? 0.781   -0.161  1.983   1.00 9.56  ? 44   VAL A CG2 1 
ATOM   477 N N   A GLU A 1 60 ? 3.261   2.689   2.470   0.41 8.52  ? 45   GLU A N   1 
ATOM   478 N N   B GLU A 1 60 ? 3.257   2.686   2.524   0.59 6.97  ? 45   GLU A N   1 
ATOM   479 C CA  A GLU A 1 60 ? 3.061   3.654   3.559   0.41 7.29  ? 45   GLU A CA  1 
ATOM   480 C CA  B GLU A 1 60 ? 3.238   3.664   3.551   0.59 7.91  ? 45   GLU A CA  1 
ATOM   481 C C   A GLU A 1 60 ? 1.671   4.313   3.303   0.41 7.17  ? 45   GLU A C   1 
ATOM   482 C C   B GLU A 1 60 ? 1.776   4.193   3.537   0.59 9.89  ? 45   GLU A C   1 
ATOM   483 O O   A GLU A 1 60 ? 1.409   4.772   2.182   0.41 9.36  ? 45   GLU A O   1 
ATOM   484 O O   B GLU A 1 60 ? 1.273   4.449   2.457   0.59 8.07  ? 45   GLU A O   1 
ATOM   485 C CB  A GLU A 1 60 ? 4.201   4.630   3.699   0.41 8.99  ? 45   GLU A CB  1 
ATOM   486 C CB  B GLU A 1 60 ? 4.041   4.914   3.314   0.59 7.54  ? 45   GLU A CB  1 
ATOM   487 C CG  A GLU A 1 60 ? 4.046   5.795   4.670   0.41 14.01 ? 45   GLU A CG  1 
ATOM   488 C CG  B GLU A 1 60 ? 3.887   5.897   4.448   0.59 14.48 ? 45   GLU A CG  1 
ATOM   489 C CD  A GLU A 1 60 ? 5.378   6.542   4.782   0.41 21.46 ? 45   GLU A CD  1 
ATOM   490 C CD  B GLU A 1 60 ? 5.029   6.827   4.725   0.59 15.43 ? 45   GLU A CD  1 
ATOM   491 O OE1 A GLU A 1 60 ? 5.703   7.111   3.695   0.41 28.08 ? 45   GLU A OE1 1 
ATOM   492 O OE1 B GLU A 1 60 ? 6.224   6.496   4.614   0.59 25.30 ? 45   GLU A OE1 1 
ATOM   493 O OE2 A GLU A 1 60 ? 5.917   6.478   5.934   0.41 19.38 ? 45   GLU A OE2 1 
ATOM   494 O OE2 B GLU A 1 60 ? 4.682   7.979   5.134   0.59 21.25 ? 45   GLU A OE2 1 
ATOM   495 N N   A VAL A 1 61 ? 0.865   4.307   4.372   0.41 5.11  ? 46   VAL A N   1 
ATOM   496 N N   B VAL A 1 61 ? 1.157   4.403   4.671   0.59 13.93 ? 46   VAL A N   1 
ATOM   497 C CA  A VAL A 1 61 ? -0.491  4.794   4.512   0.41 5.01  ? 46   VAL A CA  1 
ATOM   498 C CA  B VAL A 1 61 ? -0.170  5.012   4.724   0.59 12.83 ? 46   VAL A CA  1 
ATOM   499 C C   A VAL A 1 61 ? -0.559  5.984   5.438   0.41 6.31  ? 46   VAL A C   1 
ATOM   500 C C   B VAL A 1 61 ? -0.016  6.316   5.478   0.59 12.78 ? 46   VAL A C   1 
ATOM   501 O O   A VAL A 1 61 ? 0.302   6.172   6.290   0.41 13.91 ? 46   VAL A O   1 
ATOM   502 O O   B VAL A 1 61 ? 0.577   6.331   6.535   0.59 17.18 ? 46   VAL A O   1 
ATOM   503 C CB  A VAL A 1 61 ? -1.449  3.676   5.009   0.41 6.33  ? 46   VAL A CB  1 
ATOM   504 C CB  B VAL A 1 61 ? -1.162  4.040   5.336   0.59 13.80 ? 46   VAL A CB  1 
ATOM   505 C CG1 A VAL A 1 61 ? -1.340  2.514   4.073   0.41 7.39  ? 46   VAL A CG1 1 
ATOM   506 C CG1 B VAL A 1 61 ? -2.520  4.737   5.478   0.59 24.91 ? 46   VAL A CG1 1 
ATOM   507 C CG2 A VAL A 1 61 ? -1.014  3.408   6.431   0.41 7.93  ? 46   VAL A CG2 1 
ATOM   508 C CG2 B VAL A 1 61 ? -1.214  2.781   4.511   0.59 15.16 ? 46   VAL A CG2 1 
ATOM   509 N N   A ASN A 1 62 ? -1.679  6.722   5.283   0.41 5.59  ? 47   ASN A N   1 
ATOM   510 N N   B ASN A 1 62 ? -0.563  7.407   4.931   0.59 15.40 ? 47   ASN A N   1 
ATOM   511 C CA  A ASN A 1 62 ? -1.805  7.855   6.112   0.41 9.24  ? 47   ASN A CA  1 
ATOM   512 C CA  B ASN A 1 62 ? -0.258  8.702   5.633   0.59 15.45 ? 47   ASN A CA  1 
ATOM   513 C C   A ASN A 1 62 ? -2.520  7.511   7.427   0.41 8.70  ? 47   ASN A C   1 
ATOM   514 C C   B ASN A 1 62 ? -1.394  8.958   6.611   0.59 23.78 ? 47   ASN A C   1 
ATOM   515 O O   A ASN A 1 62 ? -2.778  8.523   8.146   0.41 11.31 ? 47   ASN A O   1 
ATOM   516 O O   B ASN A 1 62 ? -1.327  9.802   7.583   0.59 27.52 ? 47   ASN A O   1 
ATOM   517 C CB  A ASN A 1 62 ? -2.650  8.906   5.356   0.41 8.19  ? 47   ASN A CB  1 
ATOM   518 C CB  B ASN A 1 62 ? 0.099   9.740   4.560   0.59 16.22 ? 47   ASN A CB  1 
ATOM   519 C CG  A ASN A 1 62 ? -4.068  8.558   4.991   0.41 10.05 ? 47   ASN A CG  1 
ATOM   520 C CG  B ASN A 1 62 ? 1.358   9.348   3.761   0.59 15.73 ? 47   ASN A CG  1 
ATOM   521 O OD1 A ASN A 1 62 ? -4.760  7.846   5.775   0.41 8.06  ? 47   ASN A OD1 1 
ATOM   522 O OD1 B ASN A 1 62 ? 1.564   9.324   2.453   0.59 10.02 ? 47   ASN A OD1 1 
ATOM   523 N ND2 A ASN A 1 62 ? -4.615  9.041   3.883   0.41 9.36  ? 47   ASN A ND2 1 
ATOM   524 N ND2 B ASN A 1 62 ? 2.294   9.062   4.641   0.59 16.24 ? 47   ASN A ND2 1 
ATOM   525 O OXT A ASN A 1 62 ? -2.745  6.334   7.802   0.41 11.08 ? 47   ASN A OXT 1 
ATOM   526 O OXT B ASN A 1 62 ? -2.437  8.248   6.452   0.59 26.56 ? 47   ASN A OXT 1 
HETATM 527 S S   . SO4 B 2 .  ? -0.502  -4.189  -11.118 1.00 22.53 ? 63   SO4 A S   1 
HETATM 528 O O1  . SO4 B 2 .  ? -0.695  -3.541  -9.827  1.00 12.15 ? 63   SO4 A O1  1 
HETATM 529 O O2  . SO4 B 2 .  ? 0.700   -5.065  -11.007 1.00 42.20 ? 63   SO4 A O2  1 
HETATM 530 O O3  . SO4 B 2 .  ? -1.650  -5.150  -11.207 1.00 47.51 ? 63   SO4 A O3  1 
HETATM 531 O O4  . SO4 B 2 .  ? -0.624  -3.310  -12.258 1.00 39.40 ? 63   SO4 A O4  1 
HETATM 532 S S   . SO4 C 2 .  ? -3.224  6.163   14.014  1.00 40.14 ? 64   SO4 A S   1 
HETATM 533 O O1  . SO4 C 2 .  ? -2.639  6.102   15.359  1.00 60.01 ? 64   SO4 A O1  1 
HETATM 534 O O2  . SO4 C 2 .  ? -2.154  6.013   13.028  1.00 41.73 ? 64   SO4 A O2  1 
HETATM 535 O O3  . SO4 C 2 .  ? -4.378  5.292   13.787  1.00 54.95 ? 64   SO4 A O3  1 
HETATM 536 O O4  . SO4 C 2 .  ? -3.821  7.503   13.915  1.00 45.63 ? 64   SO4 A O4  1 
HETATM 537 S S   . SO4 D 2 .  ? 3.483   0.942   12.023  0.56 35.30 ? 65   SO4 A S   1 
HETATM 538 O O1  . SO4 D 2 .  ? 4.431   -0.165  12.116  0.56 46.20 ? 65   SO4 A O1  1 
HETATM 539 O O2  . SO4 D 2 .  ? 4.023   1.725   10.909  0.56 23.26 ? 65   SO4 A O2  1 
HETATM 540 O O3  . SO4 D 2 .  ? 2.085   0.509   11.821  0.56 50.32 ? 65   SO4 A O3  1 
HETATM 541 O O4  . SO4 D 2 .  ? 3.406   1.728   13.264  0.56 37.43 ? 65   SO4 A O4  1 
HETATM 542 O O   . HOH E 3 .  ? 6.935   -7.310  -1.359  1.00 9.41  ? 1001 HOH A O   1 
HETATM 543 O O   . HOH E 3 .  ? -9.978  2.836   -5.958  1.00 14.40 ? 1002 HOH A O   1 
HETATM 544 O O   . HOH E 3 .  ? 5.517   -5.010  8.400   1.00 12.43 ? 1003 HOH A O   1 
HETATM 545 O O   . HOH E 3 .  ? 7.780   6.677   -9.623  1.00 11.18 ? 1004 HOH A O   1 
HETATM 546 O O   . HOH E 3 .  ? 10.033  -3.324  -4.885  1.00 14.92 ? 1005 HOH A O   1 
HETATM 547 O O   . HOH E 3 .  ? -13.836 -1.534  -0.466  1.00 9.12  ? 1006 HOH A O   1 
HETATM 548 O O   . HOH E 3 .  ? 7.598   10.608  -4.069  1.00 12.23 ? 1007 HOH A O   1 
HETATM 549 O O   . HOH E 3 .  ? 4.660   4.338   -9.507  1.00 8.65  ? 1008 HOH A O   1 
HETATM 550 O O   . HOH E 3 .  ? -9.571  7.230   0.076   1.00 11.62 ? 1009 HOH A O   1 
HETATM 551 O O   . HOH E 3 .  ? -11.675 -7.661  -8.121  1.00 13.73 ? 1010 HOH A O   1 
HETATM 552 O O   . HOH E 3 .  ? 0.261   -10.498 6.393   1.00 11.86 ? 1011 HOH A O   1 
HETATM 553 O O   . HOH E 3 .  ? -7.047  -10.839 12.499  1.00 12.08 ? 1012 HOH A O   1 
HETATM 554 O O   . HOH E 3 .  ? 3.033   -15.196 0.619   1.00 15.27 ? 1013 HOH A O   1 
HETATM 555 O O   . HOH E 3 .  ? -0.921  10.442  8.495   0.41 17.12 ? 1014 HOH A O   1 
HETATM 556 O O   . HOH E 3 .  ? -9.185  -9.668  11.248  1.00 19.40 ? 1015 HOH A O   1 
HETATM 557 O O   . HOH E 3 .  ? 4.168   8.991   -15.054 1.00 9.29  ? 1016 HOH A O   1 
HETATM 558 O O   . HOH E 3 .  ? -2.598  1.086   9.757   1.00 13.97 ? 1017 HOH A O   1 
HETATM 559 O O   . HOH E 3 .  ? -7.033  -13.420 4.570   1.00 20.90 ? 1018 HOH A O   1 
HETATM 560 O O   . HOH E 3 .  ? 0.548   6.817   -13.489 1.00 49.57 ? 1020 HOH A O   1 
HETATM 561 O O   . HOH E 3 .  ? -3.105  -10.605 -2.894  1.00 14.41 ? 1022 HOH A O   1 
HETATM 562 O O   . HOH E 3 .  ? 7.261   -7.205  8.913   1.00 20.63 ? 1023 HOH A O   1 
HETATM 563 O O   . HOH E 3 .  ? -3.623  2.564   13.870  1.00 16.72 ? 1024 HOH A O   1 
HETATM 564 O O   . HOH E 3 .  ? 0.641   7.041   1.435   1.00 17.48 ? 1025 HOH A O   1 
HETATM 565 O O   . HOH E 3 .  ? 10.119  -4.646  -6.894  1.00 38.23 ? 1026 HOH A O   1 
HETATM 566 O O   . HOH E 3 .  ? -6.399  5.759   5.085   1.00 16.68 ? 1027 HOH A O   1 
HETATM 567 O O   . HOH E 3 .  ? -3.147  -14.338 2.798   1.00 14.57 ? 1028 HOH A O   1 
HETATM 568 O O   . HOH E 3 .  ? -4.683  -5.887  -8.406  1.00 16.88 ? 1029 HOH A O   1 
HETATM 569 O O   . HOH E 3 .  ? 9.068   3.705   -4.004  1.00 19.88 ? 1030 HOH A O   1 
HETATM 570 O O   . HOH E 3 .  ? -5.821  -10.815 3.633   1.00 12.19 ? 1031 HOH A O   1 
HETATM 571 O O   . HOH E 3 .  ? 7.699   0.579   -14.555 1.00 29.22 ? 1033 HOH A O   1 
HETATM 572 O O   . HOH E 3 .  ? -8.281  -10.270 2.512   1.00 12.86 ? 1034 HOH A O   1 
HETATM 573 O O   . HOH E 3 .  ? -2.144  -13.925 -1.676  1.00 21.71 ? 1035 HOH A O   1 
HETATM 574 O O   . HOH E 3 .  ? -2.187  -11.540 -0.356  1.00 15.46 ? 1036 HOH A O   1 
HETATM 575 O O   . HOH E 3 .  ? -1.706  -5.587  -8.010  1.00 13.08 ? 1037 HOH A O   1 
HETATM 576 O O   . HOH E 3 .  ? 2.905   -2.506  10.359  1.00 18.25 ? 1038 HOH A O   1 
HETATM 577 O O   . HOH E 3 .  ? -9.884  8.910   -1.839  1.00 25.15 ? 1039 HOH A O   1 
HETATM 578 O O   . HOH E 3 .  ? 1.894   -9.580  -7.480  1.00 25.19 ? 1040 HOH A O   1 
HETATM 579 O O   . HOH E 3 .  ? -4.031  -12.045 1.719   1.00 14.25 ? 1041 HOH A O   1 
HETATM 580 O O   . HOH E 3 .  ? 4.227   8.709   1.566   1.00 26.53 ? 1042 HOH A O   1 
HETATM 581 O O   . HOH E 3 .  ? -0.340  -8.070  -8.290  1.00 19.08 ? 1043 HOH A O   1 
HETATM 582 O O   . HOH E 3 .  ? 12.327  -2.653  -3.582  1.00 35.34 ? 1044 HOH A O   1 
HETATM 583 O O   . HOH E 3 .  ? -0.758  -0.037  11.647  1.00 18.36 ? 1045 HOH A O   1 
HETATM 584 O O   . HOH E 3 .  ? -8.950  -6.830  10.919  1.00 18.03 ? 1046 HOH A O   1 
HETATM 585 O O   . HOH E 3 .  ? -2.287  -9.936  -7.703  1.00 27.97 ? 1047 HOH A O   1 
HETATM 586 O O   . HOH E 3 .  ? 11.987  9.895   -11.799 1.00 28.42 ? 1048 HOH A O   1 
HETATM 587 O O   . HOH E 3 .  ? -10.815 -7.300  8.860   1.00 34.95 ? 1049 HOH A O   1 
HETATM 588 O O   . HOH E 3 .  ? 0.431   -17.516 -2.224  1.00 41.81 ? 1050 HOH A O   1 
HETATM 589 O O   . HOH E 3 .  ? -2.206  7.602   1.642   1.00 22.35 ? 1051 HOH A O   1 
HETATM 590 O O   . HOH E 3 .  ? 8.799   0.350   -4.661  1.00 30.21 ? 1052 HOH A O   1 
HETATM 591 O O   . HOH E 3 .  ? -7.556  8.497   3.410   1.00 20.05 ? 1053 HOH A O   1 
HETATM 592 O O   . HOH E 3 .  ? 6.044   0.496   -9.494  1.00 20.97 ? 1054 HOH A O   1 
HETATM 593 O O   . HOH E 3 .  ? -11.321 -4.697  5.923   1.00 23.40 ? 1055 HOH A O   1 
HETATM 594 O O   . HOH E 3 .  ? 9.614   12.266  -3.169  1.00 31.63 ? 1056 HOH A O   1 
HETATM 595 O O   . HOH E 3 .  ? -8.924  7.625   5.606   1.00 31.57 ? 1057 HOH A O   1 
HETATM 596 O O   . HOH E 3 .  ? -8.384  7.771   -5.854  1.00 17.17 ? 1058 HOH A O   1 
HETATM 597 O O   . HOH E 3 .  ? 9.648   1.636   -12.942 1.00 30.45 ? 1059 HOH A O   1 
HETATM 598 O O   . HOH E 3 .  ? 4.917   -8.530  -7.328  1.00 25.19 ? 1060 HOH A O   1 
HETATM 599 O O   . HOH E 3 .  ? 5.838   2.790   -15.309 1.00 12.46 ? 1061 HOH A O   1 
HETATM 600 O O   . HOH E 3 .  ? 6.125   -6.350  -8.350  1.00 32.39 ? 1062 HOH A O   1 
HETATM 601 O O   . HOH E 3 .  ? -0.745  4.977   -13.951 1.00 35.51 ? 1063 HOH A O   1 
HETATM 602 O O   . HOH E 3 .  ? -16.351 0.693   2.853   1.00 24.16 ? 1064 HOH A O   1 
HETATM 603 O O   . HOH E 3 .  ? 11.450  1.627   -0.694  1.00 28.07 ? 1065 HOH A O   1 
HETATM 604 O O   . HOH E 3 .  ? 10.695  4.235   -1.129  1.00 36.79 ? 1066 HOH A O   1 
HETATM 605 O O   . HOH E 3 .  ? 5.304   -3.921  10.863  1.00 22.09 ? 1067 HOH A O   1 
HETATM 606 O O   . HOH E 3 .  ? 4.764   -11.953 -9.988  1.00 43.41 ? 1068 HOH A O   1 
HETATM 607 O O   . HOH E 3 .  ? -13.379 5.530   -0.206  1.00 23.75 ? 1070 HOH A O   1 
HETATM 608 O O   . HOH E 3 .  ? 1.268   1.063   -13.949 1.00 27.39 ? 1071 HOH A O   1 
HETATM 609 O O   . HOH E 3 .  ? -8.712  -11.834 10.748  0.50 33.67 ? 1072 HOH A O   1 
HETATM 610 O O   . HOH E 3 .  ? -12.266 -1.152  -6.774  1.00 19.69 ? 1075 HOH A O   1 
HETATM 611 O O   . HOH E 3 .  ? -14.384 -0.689  5.643   1.00 24.73 ? 1076 HOH A O   1 
HETATM 612 O O   . HOH E 3 .  ? -1.211  -1.119  -12.934 1.00 24.39 ? 1078 HOH A O   1 
HETATM 613 O O   . HOH E 3 .  ? -14.174 3.755   1.681   1.00 20.32 ? 1080 HOH A O   1 
HETATM 614 O O   . HOH E 3 .  ? -7.053  -4.330  13.171  1.00 17.50 ? 1081 HOH A O   1 
HETATM 615 O O   . HOH E 3 .  ? -6.664  -0.129  11.633  1.00 17.33 ? 1082 HOH A O   1 
HETATM 616 O O   . HOH E 3 .  ? -4.751  1.814   11.605  1.00 22.48 ? 1083 HOH A O   1 
HETATM 617 O O   . HOH E 3 .  ? 8.313   -1.521  -6.039  1.00 19.30 ? 1084 HOH A O   1 
HETATM 618 O O   . HOH E 3 .  ? -3.486  5.844   3.167   1.00 17.14 ? 1085 HOH A O   1 
HETATM 619 O O   . HOH E 3 .  ? 3.598   1.401   -9.030  1.00 16.98 ? 1086 HOH A O   1 
HETATM 620 O O   . HOH E 3 .  ? -11.809 -3.476  -8.215  1.00 20.93 ? 1087 HOH A O   1 
HETATM 621 O O   . HOH E 3 .  ? -13.222 -4.240  1.880   0.50 10.33 ? 1088 HOH A O   1 
HETATM 622 O O   . HOH E 3 .  ? 10.523  6.676   -12.618 1.00 20.52 ? 1090 HOH A O   1 
HETATM 623 O O   . HOH E 3 .  ? -8.817  -6.573  -9.524  1.00 25.98 ? 1091 HOH A O   1 
HETATM 624 O O   . HOH E 3 .  ? 0.200   -2.861  12.193  1.00 19.64 ? 1092 HOH A O   1 
HETATM 625 O O   . HOH E 3 .  ? -2.950  3.073   8.247   1.00 20.50 ? 1093 HOH A O   1 
HETATM 626 O O   . HOH E 3 .  ? 4.160   4.495   11.530  1.00 48.16 ? 1094 HOH A O   1 
HETATM 627 O O   . HOH E 3 .  ? 10.569  -4.139  2.791   1.00 32.86 ? 1095 HOH A O   1 
HETATM 628 O O   . HOH E 3 .  ? 12.255  -2.251  0.300   1.00 25.56 ? 1096 HOH A O   1 
HETATM 629 O O   . HOH E 3 .  ? 11.088  4.882   -7.716  1.00 26.69 ? 1097 HOH A O   1 
HETATM 630 O O   . HOH E 3 .  ? -10.235 0.998   5.908   1.00 26.47 ? 1098 HOH A O   1 
HETATM 631 O O   . HOH E 3 .  ? 13.415  -5.757  -7.167  1.00 28.79 ? 1100 HOH A O   1 
HETATM 632 O O   . HOH E 3 .  ? -1.634  -11.442 -5.115  1.00 23.45 ? 1101 HOH A O   1 
HETATM 633 O O   . HOH E 3 .  ? -10.640 1.265   -8.136  1.00 37.89 ? 1102 HOH A O   1 
HETATM 634 O O   . HOH E 3 .  ? -5.790  -2.051  13.539  1.00 19.42 ? 1103 HOH A O   1 
HETATM 635 O O   . HOH E 3 .  ? -9.959  -4.089  -10.401 1.00 28.05 ? 1105 HOH A O   1 
HETATM 636 O O   . HOH E 3 .  ? 4.623   -8.005  12.755  1.00 23.99 ? 1107 HOH A O   1 
HETATM 637 O O   . HOH E 3 .  ? -12.038 4.574   -5.478  1.00 28.99 ? 1108 HOH A O   1 
HETATM 638 O O   . HOH E 3 .  ? 10.809  4.247   -11.322 1.00 24.19 ? 1109 HOH A O   1 
HETATM 639 O O   . HOH E 3 .  ? -5.183  -4.020  -10.375 1.00 25.63 ? 1110 HOH A O   1 
HETATM 640 O O   . HOH E 3 .  ? 10.895  -1.367  1.944   1.00 27.87 ? 1111 HOH A O   1 
HETATM 641 O O   . HOH E 3 .  ? 1.232   -7.606  -10.398 1.00 46.68 ? 1112 HOH A O   1 
HETATM 642 O O   . HOH E 3 .  ? -9.662  -6.724  6.784   1.00 25.75 ? 1113 HOH A O   1 
HETATM 643 O O   . HOH E 3 .  ? 11.323  0.412   3.257   1.00 35.47 ? 1114 HOH A O   1 
HETATM 644 O O   . HOH E 3 .  ? 12.967  12.118  -13.569 1.00 58.48 ? 1115 HOH A O   1 
HETATM 645 O O   . HOH E 3 .  ? 7.426   -1.434  -8.558  1.00 30.06 ? 1116 HOH A O   1 
HETATM 646 O O   . HOH E 3 .  ? -12.334 -9.916  7.673   1.00 32.68 ? 1117 HOH A O   1 
HETATM 647 O O   . HOH E 3 .  ? -11.990 -1.401  6.697   1.00 38.44 ? 1118 HOH A O   1 
HETATM 648 O O   . HOH E 3 .  ? 10.323  -4.740  5.240   1.00 51.62 ? 1119 HOH A O   1 
HETATM 649 O O   . HOH E 3 .  ? 2.639   -3.553  -13.397 1.00 44.10 ? 1120 HOH A O   1 
HETATM 650 O O   . HOH E 3 .  ? 4.637   1.200   -11.935 1.00 34.55 ? 1121 HOH A O   1 
HETATM 651 O O   . HOH E 3 .  ? 10.978  7.885   -10.018 1.00 37.15 ? 1122 HOH A O   1 
HETATM 652 O O   . HOH E 3 .  ? -0.793  -15.032 -5.368  1.00 33.64 ? 1123 HOH A O   1 
HETATM 653 O O   . HOH E 3 .  ? 10.180  -7.092  -7.886  1.00 33.53 ? 1124 HOH A O   1 
HETATM 654 O O   . HOH E 3 .  ? 13.937  -5.009  7.148   1.00 56.42 ? 1125 HOH A O   1 
HETATM 655 O O   . HOH E 3 .  ? -0.450  10.580  14.346  1.00 29.37 ? 1126 HOH A O   1 
HETATM 656 O O   . HOH E 3 .  ? 10.911  3.944   -5.268  1.00 41.58 ? 1127 HOH A O   1 
HETATM 657 O O   . HOH E 3 .  ? -12.728 6.801   -3.744  1.00 46.49 ? 1128 HOH A O   1 
HETATM 658 O O   . HOH E 3 .  ? 7.633   7.237   2.065   1.00 38.34 ? 1129 HOH A O   1 
HETATM 659 O O   . HOH E 3 .  ? -14.040 2.322   -7.761  1.00 37.90 ? 1130 HOH A O   1 
HETATM 660 O O   . HOH E 3 .  ? -2.384  2.402   -13.383 1.00 31.79 ? 1131 HOH A O   1 
HETATM 661 O O   . HOH E 3 .  ? -11.114 -10.459 13.340  1.00 40.62 ? 1132 HOH A O   1 
HETATM 662 O O   . HOH E 3 .  ? 10.941  5.437   1.182   1.00 40.69 ? 1133 HOH A O   1 
HETATM 663 O O   . HOH E 3 .  ? 9.309   9.063   10.150  1.00 47.96 ? 1134 HOH A O   1 
HETATM 664 O O   . HOH E 3 .  ? -12.052 -9.738  9.947   0.50 41.33 ? 1135 HOH A O   1 
HETATM 665 O O   . HOH E 3 .  ? -6.797  4.126   9.635   1.00 48.15 ? 1136 HOH A O   1 
HETATM 666 O O   . HOH E 3 .  ? 2.748   -9.434  -11.945 1.00 42.25 ? 1137 HOH A O   1 
HETATM 667 O O   . HOH E 3 .  ? 8.833   -3.962  -10.105 1.00 41.55 ? 1139 HOH A O   1 
HETATM 668 O O   . HOH E 3 .  ? 3.508   -6.064  -10.481 1.00 39.40 ? 1140 HOH A O   1 
HETATM 669 O O   . HOH E 3 .  ? 12.069  10.472  -3.787  1.00 41.72 ? 1141 HOH A O   1 
HETATM 670 O O   . HOH E 3 .  ? 6.115   -6.299  12.388  1.00 41.15 ? 1142 HOH A O   1 
HETATM 671 O O   . HOH E 3 .  ? 12.365  7.639   -5.284  1.00 47.87 ? 1143 HOH A O   1 
HETATM 672 O O   . HOH E 3 .  ? 2.142   -11.041 -9.624  1.00 41.96 ? 1144 HOH A O   1 
HETATM 673 O O   . HOH E 3 .  ? -5.482  -6.276  -10.527 0.50 32.38 ? 1145 HOH A O   1 
HETATM 674 O O   . HOH E 3 .  ? 6.147   -0.506  -12.161 1.00 43.56 ? 1146 HOH A O   1 
HETATM 675 O O   . HOH E 3 .  ? 14.813  -5.065  -5.486  1.00 42.95 ? 1147 HOH A O   1 
HETATM 676 O O   . HOH E 3 .  ? -7.466  9.026   7.681   1.00 45.71 ? 1149 HOH A O   1 
HETATM 677 O O   . HOH E 3 .  ? 11.405  -6.009  6.944   1.00 34.60 ? 1150 HOH A O   1 
HETATM 678 O O   . HOH E 3 .  ? 5.384   0.539   -14.550 1.00 68.23 ? 1151 HOH A O   1 
HETATM 679 O O   . HOH E 3 .  ? -4.668  4.575   7.172   1.00 25.84 ? 1152 HOH A O   1 
HETATM 680 O O   . HOH E 3 .  ? 10.028  0.100   -15.447 0.50 27.12 ? 1153 HOH A O   1 
HETATM 681 O O   . HOH E 3 .  ? 5.206   13.750  9.064   1.00 50.29 ? 1154 HOH A O   1 
HETATM 682 O O   . HOH E 3 .  ? 6.527   -0.722  10.178  1.00 39.76 ? 1155 HOH A O   1 
HETATM 683 O O   . HOH E 3 .  ? 3.546   12.376  7.924   1.00 55.17 ? 1157 HOH A O   1 
HETATM 684 O O   . HOH E 3 .  ? 7.282   -2.418  8.773   1.00 51.97 ? 1158 HOH A O   1 
HETATM 685 O O   . HOH E 3 .  ? -10.514 3.194   6.889   0.50 30.41 ? 1159 HOH A O   1 
HETATM 686 O O   . HOH E 3 .  ? -16.770 3.751   1.591   1.00 40.55 ? 1160 HOH A O   1 
HETATM 687 O O   . HOH E 3 .  ? 11.055  -9.666  -7.033  0.50 24.42 ? 1161 HOH A O   1 
HETATM 688 O O   . HOH E 3 .  ? 11.239  9.224   3.519   1.00 50.80 ? 1162 HOH A O   1 
HETATM 689 O O   . HOH E 3 .  ? 6.894   -10.419 -7.308  0.50 13.12 ? 1163 HOH A O   1 
HETATM 690 O O   . HOH E 3 .  ? 0.061   12.916  12.024  0.50 27.37 ? 1165 HOH A O   1 
HETATM 691 O O   . HOH E 3 .  ? 6.901   9.273   8.753   0.50 22.25 ? 1166 HOH A O   1 
HETATM 692 O O   . HOH E 3 .  ? 0.727   -17.241 -8.130  0.50 27.38 ? 1167 HOH A O   1 
HETATM 693 O O   . HOH E 3 .  ? -3.130  9.071   10.494  0.41 22.83 ? 1168 HOH A O   1 
HETATM 694 O O   . HOH E 3 .  ? -15.871 7.177   0.620   1.00 55.19 ? 1169 HOH A O   1 
HETATM 695 O O   . HOH E 3 .  ? 2.505   -5.128  -15.208 1.00 55.81 ? 1170 HOH A O   1 
HETATM 696 O O   . HOH E 3 .  ? -8.786  0.643   -10.903 1.00 47.43 ? 1171 HOH A O   1 
HETATM 697 O O   . HOH E 3 .  ? 1.959   -0.236  11.749  0.44 14.02 ? 1172 HOH A O   1 
HETATM 698 O O   . HOH E 3 .  ? 5.792   2.916   11.757  1.00 67.57 ? 1173 HOH A O   1 
HETATM 699 O O   . HOH E 3 .  ? -8.385  -1.085  -13.962 1.00 39.96 ? 1174 HOH A O   1 
# 
loop_
_atom_site_anisotrop.id 
_atom_site_anisotrop.type_symbol 
_atom_site_anisotrop.pdbx_label_atom_id 
_atom_site_anisotrop.pdbx_label_alt_id 
_atom_site_anisotrop.pdbx_label_comp_id 
_atom_site_anisotrop.pdbx_label_asym_id 
_atom_site_anisotrop.pdbx_label_seq_id 
_atom_site_anisotrop.pdbx_PDB_ins_code 
_atom_site_anisotrop.U[1][1] 
_atom_site_anisotrop.U[2][2] 
_atom_site_anisotrop.U[3][3] 
_atom_site_anisotrop.U[1][2] 
_atom_site_anisotrop.U[1][3] 
_atom_site_anisotrop.U[2][3] 
_atom_site_anisotrop.pdbx_auth_seq_id 
_atom_site_anisotrop.pdbx_auth_comp_id 
_atom_site_anisotrop.pdbx_auth_asym_id 
_atom_site_anisotrop.pdbx_auth_atom_id 
1   N N   . MET A 1  ? 0.5808 0.9059 0.2714 -0.0286 0.0649  0.0720  0    MET A N   
2   C CA  . MET A 1  ? 0.2594 0.2944 0.3074 0.0253  0.0994  -0.0745 0    MET A CA  
3   C C   . MET A 1  ? 0.3628 0.1037 0.3001 0.0555  0.0761  -0.0117 0    MET A C   
4   O O   . MET A 1  ? 0.5323 0.1644 0.4287 -0.0761 0.1803  -0.0692 0    MET A O   
5   C CB  . MET A 1  ? 0.2074 0.2920 0.4961 -0.0454 0.1035  -0.2342 0    MET A CB  
6   C CG  . MET A 1  ? 0.1770 0.2408 0.4864 -0.0471 0.0767  -0.1893 0    MET A CG  
7   S SD  . MET A 1  ? 0.1863 0.2026 0.9831 -0.0313 -0.0987 -0.3330 0    MET A SD  
8   C CE  . MET A 1  ? 0.4100 0.0127 0.5367 -0.0698 0.0901  -0.0186 0    MET A CE  
9   N N   . ASP A 2  ? 0.4394 0.1488 0.1914 -0.0021 0.0831  -0.0130 48   ASP A N   
10  C CA  . ASP A 2  ? 0.5461 0.1272 0.2485 -0.0216 0.1486  -0.0324 48   ASP A CA  
11  C C   . ASP A 2  ? 0.3063 0.1539 0.1694 -0.0314 0.0363  -0.0604 48   ASP A C   
12  O O   . ASP A 2  ? 0.4472 0.2728 0.2268 0.0240  -0.0510 -0.1268 48   ASP A O   
13  C CB  . ASP A 2  ? 0.6572 0.3606 0.5330 -0.0280 0.3779  0.1691  48   ASP A CB  
14  C CG  . ASP A 2  ? 0.8874 0.4586 0.7201 0.0512  0.5678  0.3267  48   ASP A CG  
15  O OD1 . ASP A 2  ? 0.9066 0.5072 1.6879 -0.0930 0.2204  0.7817  48   ASP A OD1 
16  O OD2 . ASP A 2  ? 0.9061 0.4970 1.0066 0.0339  0.5320  0.4839  48   ASP A OD2 
17  N N   . ARG A 3  ? 0.2337 0.1098 0.1559 -0.0224 0.0315  -0.0280 49   ARG A N   
18  C CA  . ARG A 3  ? 0.2743 0.1370 0.1363 0.0340  0.0152  -0.0141 49   ARG A CA  
19  C C   . ARG A 3  ? 0.2495 0.0863 0.1220 -0.0021 0.0226  0.0089  49   ARG A C   
20  O O   . ARG A 3  ? 0.1997 0.1424 0.1257 0.0234  0.0342  0.0195  49   ARG A O   
21  C CB  . ARG A 3  ? 0.4167 0.1432 0.1391 -0.0349 0.1046  -0.0021 49   ARG A CB  
22  C CG  . ARG A 3  ? 0.4402 0.2297 0.1293 -0.0158 0.1149  0.0086  49   ARG A CG  
23  C CD  . ARG A 3  ? 0.2803 0.2201 0.1566 0.0653  0.0552  -0.0361 49   ARG A CD  
24  N NE  . ARG A 3  ? 0.4290 0.2709 0.1223 0.1026  0.0094  -0.0485 49   ARG A NE  
25  C CZ  . ARG A 3  ? 0.2694 0.1746 0.1352 -0.0747 0.0374  0.0022  49   ARG A CZ  
26  N NH1 . ARG A 3  ? 0.3245 0.5395 0.2056 0.0918  0.0427  0.0715  49   ARG A NH1 
27  N NH2 . ARG A 3  ? 0.3652 0.2213 0.0976 -0.0764 0.0485  -0.0128 49   ARG A NH2 
28  N N   . GLN A 4  ? 0.2403 0.1040 0.1032 -0.0011 -0.0019 -0.0136 50   GLN A N   
29  C CA  . GLN A 4  ? 0.1930 0.0810 0.1258 0.0120  0.0109  0.0081  50   GLN A CA  
30  C C   . GLN A 4  ? 0.1889 0.0823 0.1033 0.0097  -0.0314 0.0163  50   GLN A C   
31  O O   . GLN A 4  ? 0.2239 0.1383 0.0900 0.0052  -0.0166 0.0181  50   GLN A O   
32  C CB  . GLN A 4  ? 0.1943 0.1776 0.1948 -0.0217 0.0123  0.0053  50   GLN A CB  
33  C CG  . GLN A 4  ? 0.2466 0.1788 0.1401 -0.0635 0.0038  -0.0173 50   GLN A CG  
34  C CD  . GLN A 4  ? 0.2181 0.3051 0.2848 -0.0910 -0.0743 0.0866  50   GLN A CD  
35  O OE1 . GLN A 4  ? 0.2543 0.4468 0.3636 0.0124  -0.1288 -0.0293 50   GLN A OE1 
36  N NE2 . GLN A 4  ? 0.4063 0.3245 0.4313 -0.2592 -0.0263 0.0037  50   GLN A NE2 
37  N N   . GLY A 5  ? 0.1553 0.0797 0.0969 0.0234  -0.0097 0.0122  51   GLY A N   
38  C CA  . GLY A 5  ? 0.1280 0.0792 0.0972 0.0048  0.0125  0.0131  51   GLY A CA  
39  C C   . GLY A 5  ? 0.1273 0.0726 0.0780 0.0336  0.0347  0.0172  51   GLY A C   
40  O O   . GLY A 5  ? 0.1327 0.0850 0.0795 0.0130  0.0177  0.0201  51   GLY A O   
41  N N   . PHE A 6  ? 0.0755 0.0838 0.0711 0.0021  0.0024  0.0309  52   PHE A N   
42  C CA  . PHE A 6  ? 0.0755 0.0967 0.0650 0.0059  0.0080  0.0198  52   PHE A CA  
43  C C   . PHE A 6  ? 0.0737 0.1270 0.0763 0.0021  0.0086  0.0103  52   PHE A C   
44  O O   . PHE A 6  ? 0.0908 0.2325 0.0738 -0.0186 0.0132  0.0215  52   PHE A O   
45  C CB  . PHE A 6  ? 0.0983 0.0951 0.1094 0.0060  -0.0009 0.0073  52   PHE A CB  
46  C CG  . PHE A 6  ? 0.1036 0.0864 0.1019 0.0176  -0.0020 0.0171  52   PHE A CG  
47  C CD1 . PHE A 6  ? 0.1199 0.1074 0.0849 0.0035  0.0024  0.0235  52   PHE A CD1 
48  C CD2 . PHE A 6  ? 0.1615 0.3255 0.0899 0.1513  -0.0147 -0.0055 52   PHE A CD2 
49  C CE1 . PHE A 6  ? 0.1231 0.1072 0.1397 0.0355  0.0070  -0.0088 52   PHE A CE1 
50  C CE2 . PHE A 6  ? 0.1657 0.3594 0.1362 0.1411  -0.0519 -0.0387 52   PHE A CE2 
51  C CZ  . PHE A 6  ? 0.1268 0.2941 0.1718 0.0592  -0.0247 -0.0690 52   PHE A CZ  
52  N N   . VAL A 7  ? 0.0669 0.1320 0.0683 0.0007  0.0156  0.0139  53   VAL A N   
53  C CA  . VAL A 7  ? 0.0592 0.1274 0.0901 0.0159  0.0119  0.0147  53   VAL A CA  
54  C C   . VAL A 7  ? 0.0762 0.1111 0.0700 0.0010  0.0120  0.0295  53   VAL A C   
55  O O   . VAL A 7  ? 0.0678 0.1096 0.0878 0.0164  0.0095  0.0239  53   VAL A O   
56  C CB  . VAL A 7  ? 0.0827 0.1328 0.0927 0.0273  0.0050  0.0104  53   VAL A CB  
57  C CG1 . VAL A 7  ? 0.1214 0.1450 0.1181 0.0211  -0.0117 -0.0174 53   VAL A CG1 
58  C CG2 . VAL A 7  ? 0.0994 0.1242 0.1106 0.0313  0.0094  0.0245  53   VAL A CG2 
59  N N   . PRO A 8  ? 0.0639 0.1317 0.0810 0.0025  0.0071  0.0104  54   PRO A N   
60  C CA  . PRO A 8  ? 0.0603 0.1362 0.0876 0.0222  -0.0018 0.0079  54   PRO A CA  
61  C C   . PRO A 8  ? 0.0556 0.1200 0.0919 0.0163  -0.0007 0.0062  54   PRO A C   
62  O O   . PRO A 8  ? 0.0658 0.1003 0.1140 0.0111  -0.0006 -0.0031 54   PRO A O   
63  C CB  . PRO A 8  ? 0.0748 0.1322 0.1055 0.0087  -0.0028 0.0175  54   PRO A CB  
64  C CG  . PRO A 8  ? 0.0568 0.1908 0.1096 -0.0168 0.0066  0.0136  54   PRO A CG  
65  C CD  . PRO A 8  ? 0.0591 0.1953 0.1039 -0.0002 0.0114  -0.0093 54   PRO A CD  
66  N N   . ALA A 9  ? 0.0846 0.1090 0.1017 0.0264  0.0169  0.0202  55   ALA A N   
67  C CA  . ALA A 9  ? 0.0614 0.1137 0.1149 0.0085  0.0297  0.0272  55   ALA A CA  
68  C C   . ALA A 9  ? 0.0711 0.0893 0.0877 0.0153  0.0376  0.0124  55   ALA A C   
69  O O   . ALA A 9  ? 0.1054 0.1048 0.1029 0.0144  0.0197  0.0218  55   ALA A O   
70  C CB  . ALA A 9  ? 0.0969 0.1042 0.1069 0.0289  0.0235  0.0230  55   ALA A CB  
71  N N   . ALA A 10 ? 0.0888 0.0825 0.0930 0.0135  0.0079  0.0150  56   ALA A N   
72  C CA  . ALA A 10 ? 0.1138 0.0908 0.1069 -0.0003 -0.0125 -0.0056 56   ALA A CA  
73  C C   . ALA A 10 ? 0.0873 0.0901 0.0902 0.0026  -0.0095 0.0042  56   ALA A C   
74  O O   . ALA A 10 ? 0.0944 0.1103 0.1035 -0.0055 -0.0045 0.0114  56   ALA A O   
75  C CB  . ALA A 10 ? 0.1519 0.0922 0.1430 -0.0110 -0.0222 -0.0152 56   ALA A CB  
76  N N   . TYR A 11 ? 0.0877 0.0542 0.0936 0.0008  -0.0047 0.0186  57   TYR A N   
77  C CA  . TYR A 11 ? 0.0830 0.0644 0.0922 0.0047  -0.0101 0.0115  57   TYR A CA  
78  C C   . TYR A 11 ? 0.0754 0.0648 0.1146 0.0053  0.0050  0.0041  57   TYR A C   
79  O O   . TYR A 11 ? 0.0769 0.0682 0.1200 0.0102  0.0232  0.0265  57   TYR A O   
80  C CB  . TYR A 11 ? 0.0811 0.0692 0.1045 0.0149  0.0041  0.0159  57   TYR A CB  
81  C CG  . TYR A 11 ? 0.0616 0.0993 0.1199 0.0019  0.0175  0.0273  57   TYR A CG  
82  C CD1 . TYR A 11 ? 0.0750 0.0683 0.1457 0.0085  0.0260  0.0206  57   TYR A CD1 
83  C CD2 . TYR A 11 ? 0.0692 0.1184 0.1310 0.0130  0.0322  0.0314  57   TYR A CD2 
84  C CE1 . TYR A 11 ? 0.1058 0.0808 0.1721 -0.0002 0.0276  0.0350  57   TYR A CE1 
85  C CE2 . TYR A 11 ? 0.0760 0.1178 0.1516 -0.0016 0.0055  0.0561  57   TYR A CE2 
86  C CZ  . TYR A 11 ? 0.0686 0.1077 0.1657 0.0185  0.0026  0.0444  57   TYR A CZ  
87  O OH  . TYR A 11 ? 0.1305 0.1136 0.1745 -0.0094 0.0128  0.0318  57   TYR A OH  
88  N N   . VAL A 12 ? 0.0869 0.0644 0.1167 0.0086  0.0187  0.0221  58   VAL A N   
89  C CA  . VAL A 12 ? 0.0848 0.0624 0.1026 0.0177  0.0217  0.0172  58   VAL A CA  
90  C C   . VAL A 12 ? 0.0731 0.0867 0.1098 0.0114  0.0354  0.0143  58   VAL A C   
91  O O   . VAL A 12 ? 0.1748 0.0896 0.1322 0.0230  0.0543  0.0206  58   VAL A O   
92  C CB  . VAL A 12 ? 0.0947 0.0594 0.1214 -0.0047 0.0255  0.0166  58   VAL A CB  
93  C CG1 . VAL A 12 ? 0.1018 0.1232 0.1003 0.0204  -0.0014 0.0215  58   VAL A CG1 
94  C CG2 . VAL A 12 ? 0.0635 0.1696 0.2469 0.0178  0.0224  -0.0348 58   VAL A CG2 
95  N N   . LYS A 13 ? 0.1156 0.0744 0.0935 -0.0071 0.0159  0.0132  59   LYS A N   
96  C CA  . LYS A 13 ? 0.1200 0.0894 0.1057 -0.0102 -0.0004 0.0107  59   LYS A CA  
97  C C   . LYS A 13 ? 0.1139 0.1041 0.0978 0.0001  0.0237  0.0078  59   LYS A C   
98  O O   . LYS A 13 ? 0.1285 0.0794 0.1041 -0.0041 0.0406  0.0192  59   LYS A O   
99  C CB  . LYS A 13 ? 0.1380 0.1481 0.1345 -0.0186 -0.0190 0.0307  59   LYS A CB  
100 C CG  . LYS A 13 ? 0.1980 0.2185 0.1284 0.0395  -0.0034 0.0323  59   LYS A CG  
101 C CD  . LYS A 13 ? 0.1812 0.8973 0.1641 0.1307  0.0286  0.1580  59   LYS A CD  
102 C CE  . LYS A 13 ? 0.5483 0.8863 0.1456 0.1077  -0.0627 0.1735  59   LYS A CE  
103 N NZ  . LYS A 13 ? 0.8596 1.3665 0.3187 0.5257  -0.3258 -0.2497 59   LYS A NZ  
104 N N   . LYS A 14 ? 0.1211 0.0981 0.1118 0.0312  0.0243  0.0172  60   LYS A N   
105 C CA  . LYS A 14 ? 0.1052 0.1299 0.1208 0.0220  0.0182  0.0353  60   LYS A CA  
106 C C   . LYS A 14 ? 0.0871 0.1192 0.1297 -0.0050 -0.0065 0.0201  60   LYS A C   
107 O O   . LYS A 14 ? 0.1641 0.1136 0.1179 -0.0002 -0.0036 0.0176  60   LYS A O   
108 C CB  . LYS A 14 ? 0.1336 0.1805 0.1620 0.0545  0.0481  0.0596  60   LYS A CB  
109 C CG  . LYS A 14 ? 0.1375 0.1653 0.2014 0.0465  0.0336  0.0647  60   LYS A CG  
110 C CD  . LYS A 14 ? 0.1411 0.1602 0.2223 0.0433  0.0183  0.0368  60   LYS A CD  
111 C CE  . LYS A 14 ? 0.2724 0.2473 0.2347 0.1664  0.0348  0.0473  60   LYS A CE  
112 N NZ  . LYS A 14 ? 0.3677 0.3383 0.4112 0.2777  0.1289  0.1126  60   LYS A NZ  
113 N N   . LEU A 15 ? 0.1043 0.1159 0.0967 -0.0152 0.0300  0.0287  61   LEU A N   
114 C CA  . LEU A 15 ? 0.0824 0.1229 0.1163 0.0341  0.0154  0.0387  61   LEU A CA  
115 C C   . LEU A 15 ? 0.1064 0.0764 0.1202 0.0254  0.0410  0.0309  61   LEU A C   
116 O O   . LEU A 15 ? 0.0955 0.0808 0.1072 0.0164  0.0267  0.0237  61   LEU A O   
117 C CB  . LEU A 15 ? 0.1554 0.1327 0.1748 0.0871  0.0320  0.0185  61   LEU A CB  
118 C CG  . LEU A 15 ? 0.1649 0.2869 0.2271 0.1461  0.0325  0.0007  61   LEU A CG  
119 C CD1 . LEU A 15 ? 0.2600 0.4193 0.2689 0.2579  -0.0915 -0.1712 61   LEU A CD1 
120 C CD2 . LEU A 15 ? 0.1748 0.1791 0.2981 0.0281  0.0962  0.1011  61   LEU A CD2 
121 N N   . ASP A 16 ? 0.0873 0.1011 0.1249 -0.0009 0.0216  0.0319  62   ASP A N   
122 C CA  . ASP A 16 ? 0.1120 0.1262 0.1286 -0.0341 0.0339  0.0397  62   ASP A CA  
123 C C   . ASP A 16 ? 0.0907 0.0694 0.1286 0.0026  0.0468  0.0299  62   ASP A C   
124 O O   . ASP A 16 ? 0.1109 0.0833 0.1593 0.0248  0.0480  0.0243  62   ASP A O   
125 C CB  . ASP A 16 ? 0.1200 0.2062 0.1642 -0.0099 0.0192  0.1005  62   ASP A CB  
126 C CG  . ASP A 16 ? 0.1087 0.3650 0.1356 -0.0120 0.0115  0.0815  62   ASP A CG  
127 O OD1 . ASP A 16 ? 0.2318 0.4183 0.1234 -0.1608 0.0622  -0.0090 62   ASP A OD1 
128 O OD2 . ASP A 16 ? 0.1792 0.7712 0.1608 -0.0900 -0.0063 0.2276  62   ASP A OD2 
129 N N   . SER A 17 ? 0.0997 0.0804 0.1212 0.0124  0.0300  0.0152  2    SER A N   
130 C CA  . SER A 17 ? 0.0988 0.1074 0.1170 -0.0027 0.0374  0.0195  2    SER A CA  
131 C C   . SER A 17 ? 0.0969 0.1071 0.1091 -0.0125 0.0342  0.0072  2    SER A C   
132 O O   . SER A 17 ? 0.1046 0.0843 0.1158 -0.0024 0.0233  0.0082  2    SER A O   
133 C CB  . SER A 17 ? 0.1067 0.1483 0.1119 0.0180  0.0304  0.0215  2    SER A CB  
134 O OG  . SER A 17 ? 0.1408 0.1304 0.1873 0.0305  0.0480  0.0201  2    SER A OG  
135 N N   . GLY A 18 ? 0.1084 0.1093 0.1180 -0.0200 0.0336  0.0060  3    GLY A N   
136 C CA  . GLY A 18 ? 0.1028 0.1154 0.1283 -0.0161 0.0419  -0.0183 3    GLY A CA  
137 C C   . GLY A 18 ? 0.0925 0.1330 0.1521 -0.0384 0.0444  -0.0179 3    GLY A C   
138 O O   . GLY A 18 ? 0.1534 0.1559 0.2365 -0.0161 -0.0180 0.0228  3    GLY A O   
139 N N   . THR A 19 ? 0.1093 0.1516 0.1629 -0.0433 0.0388  -0.0392 4    THR A N   
140 C CA  . THR A 19 ? 0.1281 0.1533 0.1423 -0.0587 0.0474  -0.0241 4    THR A CA  
141 C C   . THR A 19 ? 0.1442 0.1692 0.1365 -0.0625 0.0622  -0.0334 4    THR A C   
142 O O   . THR A 19 ? 0.1694 0.2370 0.1431 -0.0948 0.0711  -0.0176 4    THR A O   
143 C CB  . THR A 19 ? 0.1301 0.1569 0.1529 -0.0513 0.0853  -0.0374 4    THR A CB  
144 O OG1 . THR A 19 ? 0.1291 0.1345 0.1916 -0.0270 0.0567  -0.0081 4    THR A OG1 
145 C CG2 . THR A 19 ? 0.1963 0.2357 0.1920 -0.1193 0.1038  -0.0994 4    THR A CG2 
146 N N   . GLY A 20 ? 0.1838 0.1335 0.1755 -0.0735 0.0372  0.0220  5    GLY A N   
147 C CA  . GLY A 20 ? 0.2836 0.1425 0.1632 -0.1034 0.0350  0.0318  5    GLY A CA  
148 C C   . GLY A 20 ? 0.1854 0.1468 0.1130 -0.0760 0.0244  0.0142  5    GLY A C   
149 O O   . GLY A 20 ? 0.2466 0.1529 0.1473 -0.0866 0.0804  0.0042  5    GLY A O   
150 N N   . LYS A 21 ? 0.1477 0.1582 0.1082 -0.0531 0.0238  0.0184  6    LYS A N   
151 C CA  . LYS A 21 ? 0.1182 0.1419 0.1179 -0.0399 0.0068  0.0194  6    LYS A CA  
152 C C   . LYS A 21 ? 0.0914 0.1137 0.1241 -0.0243 0.0236  0.0242  6    LYS A C   
153 O O   . LYS A 21 ? 0.1185 0.1045 0.1505 -0.0092 -0.0058 0.0137  6    LYS A O   
154 C CB  . LYS A 21 ? 0.1324 0.1487 0.1261 -0.0020 0.0066  0.0366  6    LYS A CB  
155 C CG  . LYS A 21 ? 0.2209 0.1660 0.1436 -0.0074 -0.0505 0.0019  6    LYS A CG  
156 C CD  . LYS A 21 ? 0.2448 0.2214 0.1475 -0.0163 -0.0209 0.0626  6    LYS A CD  
157 C CE  . LYS A 21 ? 0.7465 0.3156 0.1817 -0.2292 -0.2125 0.0531  6    LYS A CE  
158 N NZ  . LYS A 21 ? 0.6820 0.4714 0.2657 -0.3152 -0.0948 -0.0374 6    LYS A NZ  
159 N N   . GLU A 22 ? 0.0745 0.1167 0.1521 -0.0071 -0.0061 0.0273  7    GLU A N   
160 C CA  . GLU A 22 ? 0.0801 0.1036 0.1168 -0.0178 0.0244  0.0147  7    GLU A CA  
161 C C   . GLU A 22 ? 0.0799 0.0589 0.1063 0.0049  0.0145  0.0294  7    GLU A C   
162 O O   . GLU A 22 ? 0.1086 0.0750 0.1069 -0.0078 0.0181  0.0324  7    GLU A O   
163 C CB  . GLU A 22 ? 0.0758 0.0933 0.1791 0.0157  0.0361  0.0394  7    GLU A CB  
164 C CG  . GLU A 22 ? 0.1100 0.1322 0.1466 0.0027  0.0391  -0.0115 7    GLU A CG  
165 C CD  . GLU A 22 ? 0.0860 0.1680 0.1832 0.0337  0.0651  0.0257  7    GLU A CD  
166 O OE1 . GLU A 22 ? 0.1280 0.1897 0.1475 0.0418  0.0510  0.0316  7    GLU A OE1 
167 O OE2 . GLU A 22 ? 0.1332 0.1561 0.1935 0.0302  0.0693  0.0330  7    GLU A OE2 
168 N N   . LEU A 23 ? 0.0802 0.0785 0.1017 -0.0091 0.0242  0.0213  8    LEU A N   
169 C CA  . LEU A 23 ? 0.0783 0.0806 0.1038 0.0048  0.0184  0.0154  8    LEU A CA  
170 C C   . LEU A 23 ? 0.0928 0.0631 0.1031 0.0049  0.0271  0.0291  8    LEU A C   
171 O O   . LEU A 23 ? 0.0844 0.0939 0.0999 0.0006  0.0333  0.0162  8    LEU A O   
172 C CB  . LEU A 23 ? 0.0909 0.0654 0.1294 0.0075  0.0289  -0.0056 8    LEU A CB  
173 C CG  . LEU A 23 ? 0.0736 0.0846 0.1196 -0.0008 0.0076  0.0114  8    LEU A CG  
174 C CD1 . LEU A 23 ? 0.1025 0.0851 0.1397 0.0091  0.0342  0.0267  8    LEU A CD1 
175 C CD2 . LEU A 23 ? 0.1293 0.0961 0.1125 -0.0136 0.0077  0.0021  8    LEU A CD2 
176 N N   . VAL A 24 ? 0.0701 0.0914 0.1050 -0.0082 0.0321  -0.0063 9    VAL A N   
177 C CA  . VAL A 24 ? 0.0772 0.0709 0.0875 -0.0028 0.0250  0.0159  9    VAL A CA  
178 C C   . VAL A 24 ? 0.0774 0.0532 0.1132 -0.0106 0.0238  0.0109  9    VAL A C   
179 O O   . VAL A 24 ? 0.0855 0.1030 0.1175 0.0016  0.0136  -0.0121 9    VAL A O   
180 C CB  . VAL A 24 ? 0.0630 0.0791 0.0987 0.0011  0.0167  0.0108  9    VAL A CB  
181 C CG1 . VAL A 24 ? 0.0870 0.0824 0.1092 0.0194  0.0060  0.0188  9    VAL A CG1 
182 C CG2 . VAL A 24 ? 0.0903 0.0974 0.0947 -0.0154 0.0256  0.0116  9    VAL A CG2 
183 N N   . LEU A 25 ? 0.0803 0.0606 0.1063 0.0030  0.0186  0.0220  10   LEU A N   
184 C CA  . LEU A 25 ? 0.0804 0.0687 0.1172 -0.0011 0.0140  0.0064  10   LEU A CA  
185 C C   . LEU A 25 ? 0.0557 0.0674 0.1206 0.0064  0.0260  0.0140  10   LEU A C   
186 O O   . LEU A 25 ? 0.0913 0.0698 0.1158 0.0039  0.0254  0.0130  10   LEU A O   
187 C CB  . LEU A 25 ? 0.1025 0.1129 0.1122 0.0001  0.0098  0.0284  10   LEU A CB  
188 C CG  . LEU A 25 ? 0.0979 0.1370 0.1409 0.0151  0.0044  0.0178  10   LEU A CG  
189 C CD1 . LEU A 25 ? 0.1180 0.1238 0.1551 0.0306  0.0012  0.0396  10   LEU A CD1 
190 C CD2 . LEU A 25 ? 0.1398 0.1331 0.1738 0.0182  -0.0336 0.0291  10   LEU A CD2 
191 N N   . ALA A 26 ? 0.0543 0.0649 0.1317 0.0031  0.0216  0.0174  11   ALA A N   
192 C CA  . ALA A 26 ? 0.0598 0.0629 0.1205 0.0005  0.0120  0.0303  11   ALA A CA  
193 C C   . ALA A 26 ? 0.0636 0.0701 0.1203 -0.0054 0.0171  0.0306  11   ALA A C   
194 O O   . ALA A 26 ? 0.0741 0.0727 0.1635 0.0091  0.0045  0.0258  11   ALA A O   
195 C CB  . ALA A 26 ? 0.0965 0.0896 0.1202 0.0009  0.0129  0.0159  11   ALA A CB  
196 N N   . LEU A 27 ? 0.0604 0.0676 0.1187 -0.0082 0.0133  0.0221  12   LEU A N   
197 C CA  . LEU A 27 ? 0.0705 0.0665 0.1218 -0.0011 0.0062  0.0297  12   LEU A CA  
198 C C   . LEU A 27 ? 0.0671 0.0865 0.1287 0.0052  0.0180  0.0287  12   LEU A C   
199 O O   . LEU A 27 ? 0.0691 0.1037 0.1490 -0.0009 0.0104  0.0322  12   LEU A O   
200 C CB  . LEU A 27 ? 0.0783 0.1179 0.1112 -0.0183 0.0080  -0.0039 12   LEU A CB  
201 C CG  . LEU A 27 ? 0.1246 0.1131 0.1073 0.0067  0.0196  0.0065  12   LEU A CG  
202 C CD1 . LEU A 27 ? 0.1533 0.1350 0.1323 0.0212  0.0295  -0.0044 12   LEU A CD1 
203 C CD2 . LEU A 27 ? 0.2011 0.1362 0.1357 -0.0183 0.0201  0.0374  12   LEU A CD2 
204 N N   . TYR A 28 ? 0.0639 0.0815 0.1335 -0.0008 0.0195  0.0243  13   TYR A N   
205 C CA  . TYR A 28 ? 0.0822 0.0679 0.1161 -0.0080 0.0193  0.0195  13   TYR A CA  
206 C C   . TYR A 28 ? 0.0912 0.0652 0.1282 -0.0205 0.0037  0.0221  13   TYR A C   
207 O O   . TYR A 28 ? 0.0691 0.1141 0.1288 -0.0089 0.0158  0.0175  13   TYR A O   
208 C CB  . TYR A 28 ? 0.0950 0.0609 0.1452 -0.0085 0.0052  0.0200  13   TYR A CB  
209 C CG  . TYR A 28 ? 0.0793 0.0615 0.1512 -0.0020 0.0299  0.0154  13   TYR A CG  
210 C CD1 . TYR A 28 ? 0.0811 0.0704 0.1277 -0.0004 0.0301  0.0164  13   TYR A CD1 
211 C CD2 . TYR A 28 ? 0.0953 0.0947 0.1747 0.0196  0.0253  0.0155  13   TYR A CD2 
212 C CE1 . TYR A 28 ? 0.1261 0.0733 0.1641 -0.0204 0.0051  0.0020  13   TYR A CE1 
213 C CE2 . TYR A 28 ? 0.1443 0.0617 0.1658 -0.0003 0.0738  0.0272  13   TYR A CE2 
214 C CZ  . TYR A 28 ? 0.1693 0.0517 0.1393 -0.0334 0.0513  -0.0148 13   TYR A CZ  
215 O OH  . TYR A 28 ? 0.3809 0.0965 0.1474 -0.0074 0.0238  -0.0179 13   TYR A OH  
216 N N   . ASP A 29 ? 0.0686 0.0966 0.1241 -0.0143 0.0038  0.0195  14   ASP A N   
217 C CA  . ASP A 29 ? 0.0901 0.0854 0.1209 0.0018  0.0079  -0.0070 14   ASP A CA  
218 C C   . ASP A 29 ? 0.0960 0.0836 0.1132 -0.0105 0.0121  0.0114  14   ASP A C   
219 O O   . ASP A 29 ? 0.1131 0.0901 0.1515 -0.0175 -0.0040 0.0181  14   ASP A O   
220 C CB  . ASP A 29 ? 0.1033 0.0843 0.1641 -0.0026 0.0439  0.0062  14   ASP A CB  
221 C CG  . ASP A 29 ? 0.0909 0.0865 0.2152 0.0001  0.0490  0.0093  14   ASP A CG  
222 O OD1 . ASP A 29 ? 0.0955 0.1069 0.1760 0.0176  0.0482  0.0470  14   ASP A OD1 
223 O OD2 . ASP A 29 ? 0.2003 0.1573 0.5960 0.0525  0.2768  0.0866  14   ASP A OD2 
224 N N   . TYR A 30 ? 0.0829 0.0928 0.1358 -0.0061 0.0067  0.0173  15   TYR A N   
225 C CA  . TYR A 30 ? 0.0812 0.0849 0.1332 -0.0238 0.0003  0.0163  15   TYR A CA  
226 C C   . TYR A 30 ? 0.0901 0.0728 0.1221 0.0000  0.0101  0.0029  15   TYR A C   
227 O O   . TYR A 30 ? 0.1038 0.0839 0.1282 -0.0149 0.0060  0.0069  15   TYR A O   
228 C CB  . TYR A 30 ? 0.1189 0.0661 0.1196 -0.0010 0.0176  0.0062  15   TYR A CB  
229 C CG  . TYR A 30 ? 0.1313 0.0821 0.0968 -0.0147 0.0083  0.0328  15   TYR A CG  
230 C CD1 . TYR A 30 ? 0.1185 0.0765 0.1806 -0.0080 -0.0331 0.0162  15   TYR A CD1 
231 C CD2 . TYR A 30 ? 0.1006 0.0662 0.1067 -0.0008 0.0345  -0.0025 15   TYR A CD2 
232 C CE1 . TYR A 30 ? 0.1398 0.0865 0.1463 -0.0259 -0.0213 0.0415  15   TYR A CE1 
233 C CE2 . TYR A 30 ? 0.1022 0.0860 0.1054 -0.0062 0.0151  0.0124  15   TYR A CE2 
234 C CZ  . TYR A 30 ? 0.1263 0.0759 0.1150 -0.0066 -0.0010 0.0263  15   TYR A CZ  
235 O OH  . TYR A 30 ? 0.1488 0.0891 0.1310 0.0076  -0.0234 0.0098  15   TYR A OH  
236 N N   . GLN A 31 ? 0.1046 0.1026 0.1262 -0.0084 0.0139  0.0144  16   GLN A N   
237 C CA  . GLN A 31 ? 0.1066 0.1325 0.1182 0.0063  0.0253  0.0194  16   GLN A CA  
238 C C   . GLN A 31 ? 0.0931 0.1079 0.1106 -0.0078 0.0280  0.0097  16   GLN A C   
239 O O   . GLN A 31 ? 0.1105 0.1097 0.1463 -0.0007 0.0035  0.0328  16   GLN A O   
240 C CB  . GLN A 31 ? 0.1035 0.3486 0.1635 0.0471  0.0638  0.0515  16   GLN A CB  
241 C CG  . GLN A 31 ? 0.2170 0.6777 0.1443 0.0207  0.0713  0.0238  16   GLN A CG  
242 C CD  . GLN A 31 ? 0.1999 0.6299 0.2000 0.1020  0.0858  -0.0421 16   GLN A CD  
243 O OE1 . GLN A 31 ? 0.2016 0.5777 0.6316 0.1444  0.1658  0.2794  16   GLN A OE1 
244 N NE2 . GLN A 31 ? 0.5565 0.2697 0.1457 0.1190  0.0954  0.0086  16   GLN A NE2 
245 N N   . GLU A 32 ? 0.1079 0.1132 0.0982 -0.0032 0.0282  0.0140  17   GLU A N   
246 C CA  . GLU A 32 ? 0.1160 0.1203 0.0944 0.0030  0.0295  0.0092  17   GLU A CA  
247 C C   . GLU A 32 ? 0.0944 0.1123 0.1122 -0.0084 0.0284  0.0082  17   GLU A C   
248 O O   . GLU A 32 ? 0.1157 0.1582 0.1079 -0.0247 0.0418  -0.0004 17   GLU A O   
249 C CB  . GLU A 32 ? 0.1121 0.1208 0.1246 -0.0161 0.0259  0.0091  17   GLU A CB  
250 C CG  . GLU A 32 ? 0.1837 0.1804 0.1023 -0.0295 0.0215  -0.0066 17   GLU A CG  
251 C CD  . GLU A 32 ? 0.1955 0.2946 0.1037 -0.0958 -0.0097 -0.0087 17   GLU A CD  
252 O OE1 . GLU A 32 ? 0.1803 0.2402 0.2056 -0.0096 0.0109  0.0614  17   GLU A OE1 
253 O OE2 . GLU A 32 ? 0.2472 0.2083 0.1178 -0.0885 -0.0043 0.0220  17   GLU A OE2 
254 N N   . LYS A 33 ? 0.0945 0.1117 0.1076 -0.0044 0.0181  0.0203  18   LYS A N   
255 C CA  . LYS A 33 ? 0.1092 0.1281 0.0947 -0.0249 0.0100  0.0265  18   LYS A CA  
256 C C   . LYS A 33 ? 0.1154 0.1154 0.1020 -0.0086 0.0218  0.0276  18   LYS A C   
257 O O   . LYS A 33 ? 0.1213 0.0993 0.1621 -0.0278 0.0079  0.0546  18   LYS A O   
258 C CB  . LYS A 33 ? 0.1670 0.1098 0.1624 -0.0328 -0.0237 0.0270  18   LYS A CB  
259 C CG  . LYS A 33 ? 0.2165 0.2633 0.1284 -0.0801 -0.0588 0.0668  18   LYS A CG  
260 C CD  . LYS A 33 ? 0.4092 0.2548 0.1874 0.0451  -0.1805 0.0271  18   LYS A CD  
261 C CE  . LYS A 33 ? 0.4593 0.6023 0.1830 -0.1368 -0.1615 -0.0400 18   LYS A CE  
262 N NZ  . LYS A 33 ? 0.7485 0.6578 0.8150 -0.2693 -0.4556 0.0621  18   LYS A NZ  
263 N N   . SER A 34 ? 0.1089 0.1269 0.1329 -0.0270 -0.0032 0.0651  19   SER A N   
264 C CA  . SER A 34 ? 0.1096 0.0982 0.1030 -0.0075 0.0085  0.0451  19   SER A CA  
265 C C   . SER A 34 ? 0.0812 0.1056 0.0979 -0.0029 0.0227  0.0379  19   SER A C   
266 O O   . SER A 34 ? 0.0972 0.1081 0.1104 -0.0106 0.0065  0.0600  19   SER A O   
267 C CB  . SER A 34 ? 0.1285 0.0960 0.0983 -0.0194 0.0177  0.0419  19   SER A CB  
268 O OG  . SER A 34 ? 0.1591 0.1558 0.1014 -0.0475 0.0290  0.0046  19   SER A OG  
269 N N   . PRO A 35 ? 0.0926 0.0830 0.0768 0.0063  0.0252  0.0227  20   PRO A N   
270 C CA  . PRO A 35 ? 0.1011 0.0898 0.1009 -0.0009 0.0235  0.0208  20   PRO A CA  
271 C C   . PRO A 35 ? 0.1055 0.1058 0.0761 -0.0161 0.0033  0.0110  20   PRO A C   
272 O O   . PRO A 35 ? 0.1206 0.0857 0.1081 -0.0005 0.0218  0.0262  20   PRO A O   
273 C CB  . PRO A 35 ? 0.1295 0.1455 0.0759 0.0137  0.0148  0.0142  20   PRO A CB  
274 C CG  . PRO A 35 ? 0.1392 0.1085 0.0752 0.0406  0.0191  0.0147  20   PRO A CG  
275 C CD  . PRO A 35 ? 0.1074 0.1125 0.0863 0.0197  0.0260  0.0373  20   PRO A CD  
276 N N   . ARG A 36 ? 0.1013 0.0942 0.0698 -0.0075 0.0191  0.0251  21   ARG A N   
277 C CA  . ARG A 36 ? 0.0979 0.1039 0.0694 -0.0068 0.0146  0.0186  21   ARG A CA  
278 C C   . ARG A 36 ? 0.1000 0.1127 0.0594 -0.0077 0.0126  0.0178  21   ARG A C   
279 O O   . ARG A 36 ? 0.1184 0.1031 0.0988 -0.0207 0.0098  0.0243  21   ARG A O   
280 C CB  . ARG A 36 ? 0.0856 0.1050 0.0883 -0.0083 0.0073  0.0123  21   ARG A CB  
281 C CG  . ARG A 36 ? 0.0928 0.0895 0.0738 0.0000  0.0136  0.0167  21   ARG A CG  
282 C CD  . ARG A 36 ? 0.1018 0.0909 0.0970 -0.0021 0.0160  0.0155  21   ARG A CD  
283 N NE  . ARG A 36 ? 0.0651 0.0907 0.1068 0.0099  0.0226  0.0040  21   ARG A NE  
284 C CZ  . ARG A 36 ? 0.0645 0.0973 0.1263 0.0152  0.0304  0.0064  21   ARG A CZ  
285 N NH1 . ARG A 36 ? 0.0846 0.0880 0.1435 0.0197  0.0291  0.0389  21   ARG A NH1 
286 N NH2 . ARG A 36 ? 0.0672 0.1041 0.1502 0.0187  0.0234  -0.0141 21   ARG A NH2 
287 N N   . GLU A 37 ? 0.1012 0.0867 0.0719 -0.0005 0.0152  0.0251  22   GLU A N   
288 C CA  . GLU A 37 ? 0.1012 0.0882 0.0802 -0.0113 0.0114  0.0193  22   GLU A CA  
289 C C   . GLU A 37 ? 0.1467 0.0832 0.0708 -0.0039 0.0178  0.0218  22   GLU A C   
290 O O   . GLU A 37 ? 0.1901 0.0910 0.1034 -0.0070 -0.0073 0.0066  22   GLU A O   
291 C CB  . GLU A 37 ? 0.0827 0.0882 0.1000 0.0021  0.0051  0.0043  22   GLU A CB  
292 C CG  . GLU A 37 ? 0.0794 0.0865 0.1268 0.0139  0.0200  0.0077  22   GLU A CG  
293 C CD  . GLU A 37 ? 0.1147 0.0876 0.1123 -0.0008 0.0168  -0.0105 22   GLU A CD  
294 O OE1 . GLU A 37 ? 0.0892 0.1429 0.1688 -0.0052 -0.0029 -0.0136 22   GLU A OE1 
295 O OE2 . GLU A 37 ? 0.1284 0.1066 0.1727 -0.0007 0.0276  0.0029  22   GLU A OE2 
296 N N   . VAL A 38 ? 0.0870 0.0890 0.1062 0.0150  0.0275  0.0144  23   VAL A N   
297 C CA  . VAL A 38 ? 0.1081 0.0785 0.0929 -0.0108 0.0075  0.0187  23   VAL A CA  
298 C C   . VAL A 38 ? 0.0965 0.0789 0.0844 0.0001  0.0283  0.0112  23   VAL A C   
299 O O   . VAL A 38 ? 0.0944 0.0888 0.1054 0.0035  0.0148  -0.0115 23   VAL A O   
300 C CB  . VAL A 38 ? 0.0937 0.1026 0.1352 -0.0009 0.0266  0.0321  23   VAL A CB  
301 C CG1 . VAL A 38 ? 0.1229 0.2238 0.1535 -0.0452 0.0014  0.0748  23   VAL A CG1 
302 C CG2 . VAL A 38 ? 0.1218 0.1171 0.1232 0.0264  0.0400  0.0532  23   VAL A CG2 
303 N N   . THR A 39 ? 0.0928 0.0881 0.1107 0.0007  0.0272  -0.0161 24   THR A N   
304 C CA  . THR A 39 ? 0.0870 0.0862 0.1434 -0.0037 0.0322  -0.0006 24   THR A CA  
305 C C   . THR A 39 ? 0.0910 0.0735 0.1482 0.0013  0.0335  -0.0078 24   THR A C   
306 O O   . THR A 39 ? 0.0985 0.0897 0.1576 -0.0274 0.0103  0.0068  24   THR A O   
307 C CB  . THR A 39 ? 0.0852 0.0959 0.1395 -0.0014 0.0289  -0.0305 24   THR A CB  
308 O OG1 . THR A 39 ? 0.1068 0.1068 0.1503 0.0112  0.0391  -0.0119 24   THR A OG1 
309 C CG2 . THR A 39 ? 0.0925 0.1133 0.1609 0.0111  0.0575  0.0012  24   THR A CG2 
310 N N   . MET A 40 ? 0.0915 0.0663 0.1375 -0.0105 0.0368  0.0002  25   MET A N   
311 C CA  . MET A 40 ? 0.0844 0.0594 0.1419 0.0033  0.0414  0.0157  25   MET A CA  
312 C C   . MET A 40 ? 0.0950 0.0598 0.1324 -0.0070 0.0397  0.0071  25   MET A C   
313 O O   . MET A 40 ? 0.0824 0.0763 0.1458 -0.0107 0.0310  0.0144  25   MET A O   
314 C CB  . MET A 40 ? 0.0976 0.0963 0.1163 -0.0101 0.0280  0.0077  25   MET A CB  
315 C CG  . MET A 40 ? 0.0723 0.1149 0.1148 -0.0059 0.0087  -0.0114 25   MET A CG  
316 S SD  . MET A 40 ? 0.1037 0.0841 0.1208 -0.0041 0.0275  0.0166  25   MET A SD  
317 C CE  . MET A 40 ? 0.1856 0.0964 0.1483 -0.0290 0.0506  -0.0097 25   MET A CE  
318 N N   . LYS A 41 ? 0.0930 0.0760 0.1314 -0.0158 0.0056  0.0133  26   LYS A N   
319 C CA  . LYS A 41 ? 0.0961 0.0725 0.1441 -0.0117 0.0219  0.0340  26   LYS A CA  
320 C C   . LYS A 41 ? 0.0726 0.0627 0.1380 0.0045  0.0131  0.0247  26   LYS A C   
321 O O   . LYS A 41 ? 0.0790 0.0800 0.1372 -0.0065 0.0117  0.0282  26   LYS A O   
322 C CB  . LYS A 41 ? 0.1123 0.0927 0.1462 0.0055  0.0586  0.0301  26   LYS A CB  
323 C CG  . LYS A 41 ? 0.1188 0.2055 0.3343 0.0437  -0.0178 -0.0388 26   LYS A CG  
324 C CD  . LYS A 41 ? 0.1993 0.2241 0.4582 0.0792  0.0539  -0.0648 26   LYS A CD  
325 C CE  . LYS A 41 ? 0.2891 0.3558 0.3042 0.2075  0.1125  0.0695  26   LYS A CE  
326 N NZ  . LYS A 41 ? 0.1781 0.6934 1.3799 0.1097  0.0527  0.2665  26   LYS A NZ  
327 N N   . LYS A 42 ? 0.0701 0.0903 0.1526 0.0087  0.0168  0.0176  27   LYS A N   
328 C CA  . LYS A 42 ? 0.0998 0.0803 0.1429 -0.0133 0.0032  0.0309  27   LYS A CA  
329 C C   . LYS A 42 ? 0.0767 0.0965 0.1513 0.0163  0.0253  0.0324  27   LYS A C   
330 O O   . LYS A 42 ? 0.0866 0.0945 0.1752 0.0258  0.0298  0.0319  27   LYS A O   
331 C CB  . LYS A 42 ? 0.0810 0.0864 0.1934 0.0109  -0.0115 0.0237  27   LYS A CB  
332 C CG  . LYS A 42 ? 0.0965 0.1192 0.1840 0.0118  -0.0065 -0.0053 27   LYS A CG  
333 C CD  . LYS A 42 ? 0.0926 0.1610 0.2583 0.0009  -0.0180 -0.0082 27   LYS A CD  
334 C CE  . LYS A 42 ? 0.3641 0.7541 0.1585 -0.3110 -0.0796 -0.0627 27   LYS A CE  
335 N NZ  . LYS A 42 ? 0.4909 0.7889 0.3378 -0.2299 0.0787  0.2015  27   LYS A NZ  
336 N N   . GLY A 43 ? 0.0674 0.0667 0.1586 0.0120  0.0225  0.0208  28   GLY A N   
337 C CA  . GLY A 43 ? 0.1059 0.0616 0.1378 0.0086  0.0155  0.0273  28   GLY A CA  
338 C C   . GLY A 43 ? 0.0781 0.0649 0.1465 0.0196  0.0250  0.0264  28   GLY A C   
339 O O   . GLY A 43 ? 0.0970 0.0674 0.1430 0.0189  0.0305  0.0300  28   GLY A O   
340 N N   . ASP A 44 ? 0.0920 0.0618 0.1414 -0.0004 0.0208  0.0301  29   ASP A N   
341 C CA  . ASP A 44 ? 0.0856 0.0565 0.1444 -0.0010 0.0252  0.0189  29   ASP A CA  
342 C C   . ASP A 44 ? 0.0922 0.0514 0.1446 0.0029  0.0186  0.0189  29   ASP A C   
343 O O   . ASP A 44 ? 0.0834 0.0690 0.1407 -0.0076 0.0324  0.0069  29   ASP A O   
344 C CB  . ASP A 44 ? 0.1053 0.0573 0.1384 0.0025  0.0208  0.0104  29   ASP A CB  
345 C CG  . ASP A 44 ? 0.1312 0.0627 0.1506 -0.0169 0.0485  0.0062  29   ASP A CG  
346 O OD1 . ASP A 44 ? 0.1168 0.1126 0.1272 0.0019  0.0426  -0.0051 29   ASP A OD1 
347 O OD2 . ASP A 44 ? 0.1260 0.0905 0.1641 -0.0300 0.0263  0.0259  29   ASP A OD2 
348 N N   . ILE A 45 ? 0.0921 0.0442 0.1331 0.0083  0.0312  0.0227  30   ILE A N   
349 C CA  . ILE A 45 ? 0.0854 0.0775 0.1186 0.0043  0.0206  0.0105  30   ILE A CA  
350 C C   . ILE A 45 ? 0.0859 0.0634 0.1143 -0.0084 0.0321  0.0250  30   ILE A C   
351 O O   . ILE A 45 ? 0.0977 0.0656 0.1221 0.0087  0.0024  0.0177  30   ILE A O   
352 C CB  . ILE A 45 ? 0.0916 0.0841 0.1221 0.0052  0.0319  0.0235  30   ILE A CB  
353 C CG1 . ILE A 45 ? 0.1018 0.0784 0.1296 0.0019  0.0251  0.0289  30   ILE A CG1 
354 C CG2 . ILE A 45 ? 0.1189 0.1306 0.1184 0.0237  0.0544  0.0432  30   ILE A CG2 
355 C CD1 . ILE A 45 ? 0.1718 0.0846 0.1945 -0.0165 -0.0239 -0.0028 30   ILE A CD1 
356 N N   . LEU A 46 ? 0.0840 0.0771 0.0924 0.0021  0.0192  0.0156  31   LEU A N   
357 C CA  . LEU A 46 ? 0.0954 0.0845 0.0999 0.0097  0.0240  0.0232  31   LEU A CA  
358 C C   . LEU A 46 ? 0.0803 0.0589 0.0977 -0.0073 0.0116  0.0207  31   LEU A C   
359 O O   . LEU A 46 ? 0.0931 0.1372 0.1005 -0.0245 0.0291  0.0024  31   LEU A O   
360 C CB  . LEU A 46 ? 0.0659 0.0739 0.1350 0.0124  0.0284  0.0302  31   LEU A CB  
361 C CG  . LEU A 46 ? 0.0739 0.1194 0.1297 -0.0008 0.0132  0.0629  31   LEU A CG  
362 C CD1 . LEU A 46 ? 0.1023 0.1369 0.1592 -0.0276 0.0195  0.0659  31   LEU A CD1 
363 C CD2 . LEU A 46 ? 0.1134 0.1406 0.1552 0.0359  0.0762  0.0728  31   LEU A CD2 
364 N N   . THR A 47 ? 0.0811 0.0600 0.1022 0.0144  0.0085  0.0216  32   THR A N   
365 C CA  . THR A 47 ? 0.0788 0.0730 0.1055 0.0067  0.0197  0.0254  32   THR A CA  
366 C C   . THR A 47 ? 0.0614 0.0693 0.0966 0.0118  0.0267  0.0381  32   THR A C   
367 O O   . THR A 47 ? 0.1051 0.0895 0.1037 0.0157  0.0258  0.0391  32   THR A O   
368 C CB  . THR A 47 ? 0.0850 0.0887 0.1224 0.0036  0.0023  0.0155  32   THR A CB  
369 O OG1 . THR A 47 ? 0.1010 0.0829 0.1732 -0.0078 0.0151  0.0189  32   THR A OG1 
370 C CG2 . THR A 47 ? 0.0799 0.1691 0.1645 -0.0020 0.0183  0.0201  32   THR A CG2 
371 N N   . LEU A 48 ? 0.0966 0.0717 0.1071 0.0211  0.0424  0.0398  33   LEU A N   
372 C CA  . LEU A 48 ? 0.0779 0.0658 0.1080 -0.0052 0.0197  0.0386  33   LEU A CA  
373 C C   . LEU A 48 ? 0.0727 0.0622 0.1397 0.0058  0.0284  0.0376  33   LEU A C   
374 O O   . LEU A 48 ? 0.0900 0.1361 0.1951 0.0018  0.0555  0.0693  33   LEU A O   
375 C CB  . LEU A 48 ? 0.1191 0.0818 0.1022 0.0107  0.0159  0.0380  33   LEU A CB  
376 C CG  . LEU A 48 ? 0.0792 0.0869 0.1213 0.0231  0.0272  0.0310  33   LEU A CG  
377 C CD1 . LEU A 48 ? 0.0920 0.0774 0.1406 0.0152  0.0342  0.0240  33   LEU A CD1 
378 C CD2 . LEU A 48 ? 0.1250 0.1037 0.1300 0.0341  0.0248  0.0168  33   LEU A CD2 
379 N N   . LEU A 49 ? 0.0893 0.0750 0.1285 0.0246  0.0185  0.0287  34   LEU A N   
380 C CA  . LEU A 49 ? 0.0904 0.0935 0.1634 0.0331  -0.0106 -0.0031 34   LEU A CA  
381 C C   . LEU A 49 ? 0.0620 0.0891 0.1464 0.0214  0.0031  0.0219  34   LEU A C   
382 O O   . LEU A 49 ? 0.0742 0.1008 0.1946 0.0245  0.0143  0.0048  34   LEU A O   
383 C CB  . LEU A 49 ? 0.1241 0.1028 0.1670 0.0119  -0.0396 -0.0185 34   LEU A CB  
384 C CG  . LEU A 49 ? 0.1288 0.1574 0.1878 0.0454  -0.0166 -0.0313 34   LEU A CG  
385 C CD1 . LEU A 49 ? 0.4012 0.3154 0.1889 0.2475  -0.0423 -0.0494 34   LEU A CD1 
386 C CD2 . LEU A 49 ? 0.2690 0.0720 0.4874 0.0547  -0.1144 0.0314  34   LEU A CD2 
387 N N   . ASN A 50 ? 0.0986 0.0830 0.1115 0.0097  -0.0018 0.0223  35   ASN A N   
388 C CA  . ASN A 50 ? 0.0736 0.0892 0.1165 0.0162  0.0344  0.0302  35   ASN A CA  
389 C C   . ASN A 50 ? 0.0828 0.1016 0.1219 0.0044  0.0266  0.0185  35   ASN A C   
390 O O   . ASN A 50 ? 0.1001 0.1109 0.1281 -0.0119 0.0435  -0.0081 35   ASN A O   
391 C CB  . ASN A 50 ? 0.0872 0.0988 0.1385 0.0282  0.0127  0.0332  35   ASN A CB  
392 C CG  . ASN A 50 ? 0.0828 0.0683 0.1620 0.0102  0.0128  0.0308  35   ASN A CG  
393 O OD1 . ASN A 50 ? 0.0771 0.0821 0.1621 0.0371  0.0113  0.0319  35   ASN A OD1 
394 N ND2 . ASN A 50 ? 0.0816 0.1226 0.3016 0.0221  0.0061  -0.0147 35   ASN A ND2 
395 N N   . SER A 51 ? 0.0753 0.0817 0.1228 0.0257  0.0309  0.0315  36   SER A N   
396 C CA  . SER A 51 ? 0.0548 0.0982 0.1164 0.0254  0.0127  0.0358  36   SER A CA  
397 C C   . SER A 51 ? 0.0761 0.0905 0.0826 0.0269  0.0163  0.0386  36   SER A C   
398 O O   . SER A 51 ? 0.1003 0.1286 0.1074 0.0423  0.0028  0.0231  36   SER A O   
399 C CB  . SER A 51 ? 0.0882 0.0975 0.1507 0.0336  0.0166  0.0558  36   SER A CB  
400 O OG  . SER A 51 ? 0.1615 0.1437 0.1130 0.0289  0.0183  0.0424  36   SER A OG  
401 N N   . THR A 52 ? 0.0786 0.0829 0.0831 0.0243  0.0142  0.0255  37   THR A N   
402 C CA  . THR A 52 ? 0.0676 0.0967 0.1119 0.0309  0.0406  0.0221  37   THR A CA  
403 C C   . THR A 52 ? 0.1035 0.0823 0.1062 0.0277  0.0182  0.0303  37   THR A C   
404 O O   . THR A 52 ? 0.1126 0.1007 0.1333 0.0316  0.0362  0.0017  37   THR A O   
405 C CB  . THR A 52 ? 0.0831 0.0967 0.1204 0.0304  0.0258  0.0488  37   THR A CB  
406 O OG1 . THR A 52 ? 0.0934 0.0849 0.1262 0.0207  0.0088  0.0273  37   THR A OG1 
407 C CG2 . THR A 52 ? 0.0765 0.1227 0.1441 0.0235  0.0447  0.0353  37   THR A CG2 
408 N N   . ASN A 53 ? 0.0840 0.0845 0.1355 0.0219  0.0322  0.0387  38   ASN A N   
409 C CA  . ASN A 53 ? 0.0812 0.0984 0.1303 0.0179  0.0125  0.0217  38   ASN A CA  
410 C C   . ASN A 53 ? 0.0965 0.0928 0.1305 0.0365  0.0073  -0.0152 38   ASN A C   
411 O O   . ASN A 53 ? 0.0976 0.1046 0.1426 0.0295  -0.0120 -0.0049 38   ASN A O   
412 C CB  . ASN A 53 ? 0.0697 0.0914 0.1338 0.0033  0.0100  0.0397  38   ASN A CB  
413 C CG  . ASN A 53 ? 0.0619 0.0705 0.1127 0.0165  -0.0063 0.0157  38   ASN A CG  
414 O OD1 . ASN A 53 ? 0.0586 0.0878 0.1525 0.0071  -0.0084 0.0253  38   ASN A OD1 
415 N ND2 . ASN A 53 ? 0.0617 0.0863 0.1250 0.0252  -0.0054 0.0078  38   ASN A ND2 
416 N N   . LYS A 54 ? 0.0830 0.1083 0.1314 0.0259  0.0106  0.0021  39   LYS A N   
417 C CA  . LYS A 54 ? 0.0850 0.1351 0.1455 0.0228  0.0113  -0.0257 39   LYS A CA  
418 C C   . LYS A 54 ? 0.0765 0.1442 0.1328 0.0081  -0.0091 -0.0383 39   LYS A C   
419 O O   . LYS A 54 ? 0.1043 0.1836 0.1474 0.0581  -0.0085 -0.0193 39   LYS A O   
420 C CB  . LYS A 54 ? 0.1217 0.1538 0.1853 0.0301  0.0004  -0.0464 39   LYS A CB  
421 C CG  . LYS A 54 ? 0.1543 0.1592 0.2558 -0.0066 0.0317  -0.0425 39   LYS A CG  
422 C CD  . LYS A 54 ? 0.3087 0.1905 0.5217 0.0293  -0.0527 -0.1862 39   LYS A CD  
423 C CE  . LYS A 54 ? 0.4658 0.2279 0.4915 -0.0738 -0.1283 -0.1844 39   LYS A CE  
424 N NZ  . LYS A 54 ? 0.3411 0.2130 0.5866 -0.0276 -0.0078 -0.1553 39   LYS A NZ  
425 N N   . ASP A 55 ? 0.0917 0.1158 0.1341 0.0090  0.0053  -0.0168 40   ASP A N   
426 C CA  . ASP A 55 ? 0.0798 0.1095 0.1409 -0.0012 -0.0011 -0.0297 40   ASP A CA  
427 C C   . ASP A 55 ? 0.0677 0.1070 0.1112 0.0056  0.0053  0.0008  40   ASP A C   
428 O O   . ASP A 55 ? 0.0760 0.1073 0.1292 0.0160  -0.0041 0.0018  40   ASP A O   
429 C CB  . ASP A 55 ? 0.0889 0.1108 0.1788 -0.0061 0.0286  -0.0182 40   ASP A CB  
430 C CG  . ASP A 55 ? 0.1766 0.1141 0.2259 -0.0127 -0.0199 -0.0250 40   ASP A CG  
431 O OD1 . ASP A 55 ? 0.1771 0.2097 0.3244 0.0154  -0.0660 -0.1255 40   ASP A OD1 
432 O OD2 . ASP A 55 ? 0.2936 0.0994 0.2991 0.0197  -0.0457 -0.0258 40   ASP A OD2 
433 N N   . TRP A 56 ? 0.0761 0.0742 0.1151 -0.0143 0.0057  0.0142  41   TRP A N   
434 C CA  . TRP A 56 ? 0.0831 0.0683 0.0995 -0.0033 0.0103  0.0230  41   TRP A CA  
435 C C   . TRP A 56 ? 0.0666 0.0664 0.0748 0.0094  0.0134  0.0072  41   TRP A C   
436 O O   . TRP A 56 ? 0.0761 0.0762 0.1125 0.0140  0.0238  0.0168  41   TRP A O   
437 C CB  . TRP A 56 ? 0.0936 0.0870 0.1172 -0.0021 0.0002  0.0384  41   TRP A CB  
438 C CG  . TRP A 56 ? 0.0775 0.0905 0.1046 0.0102  0.0084  0.0428  41   TRP A CG  
439 C CD1 . TRP A 56 ? 0.1047 0.0874 0.1428 0.0005  0.0198  0.0377  41   TRP A CD1 
440 C CD2 . TRP A 56 ? 0.0781 0.0890 0.0983 0.0025  -0.0007 0.0272  41   TRP A CD2 
441 N NE1 . TRP A 56 ? 0.1161 0.0942 0.1659 -0.0070 0.0371  0.0198  41   TRP A NE1 
442 C CE2 . TRP A 56 ? 0.0852 0.0967 0.1806 0.0017  0.0134  0.0523  41   TRP A CE2 
443 C CE3 . TRP A 56 ? 0.0652 0.0842 0.1355 0.0089  -0.0054 0.0397  41   TRP A CE3 
444 C CZ2 . TRP A 56 ? 0.0981 0.1008 0.1271 -0.0084 0.0187  0.0195  41   TRP A CZ2 
445 C CZ3 . TRP A 56 ? 0.0752 0.1109 0.1106 0.0024  -0.0023 0.0179  41   TRP A CZ3 
446 C CH2 . TRP A 56 ? 0.1011 0.0961 0.1365 0.0070  0.0109  0.0382  41   TRP A CH2 
447 N N   . TRP A 57 ? 0.0811 0.0585 0.0969 0.0089  0.0171  0.0210  42   TRP A N   
448 C CA  . TRP A 57 ? 0.0760 0.0679 0.0834 0.0191  0.0128  0.0221  42   TRP A CA  
449 C C   . TRP A 57 ? 0.0760 0.0538 0.0916 0.0055  0.0269  0.0304  42   TRP A C   
450 O O   . TRP A 57 ? 0.0696 0.1012 0.0880 0.0122  0.0287  0.0109  42   TRP A O   
451 C CB  . TRP A 57 ? 0.0849 0.0780 0.0863 0.0195  0.0217  0.0312  42   TRP A CB  
452 C CG  . TRP A 57 ? 0.0650 0.0960 0.0856 0.0067  0.0216  0.0224  42   TRP A CG  
453 C CD1 . TRP A 57 ? 0.0842 0.0881 0.0961 0.0048  0.0290  0.0099  42   TRP A CD1 
454 C CD2 . TRP A 57 ? 0.0779 0.0945 0.0863 0.0145  0.0318  0.0191  42   TRP A CD2 
455 N NE1 . TRP A 57 ? 0.0942 0.1104 0.1087 0.0293  0.0299  0.0111  42   TRP A NE1 
456 C CE2 . TRP A 57 ? 0.1073 0.1185 0.0962 0.0222  0.0164  0.0102  42   TRP A CE2 
457 C CE3 . TRP A 57 ? 0.0930 0.1795 0.0939 0.0789  0.0310  0.0241  42   TRP A CE3 
458 C CZ2 . TRP A 57 ? 0.1584 0.1657 0.0916 0.0562  0.0219  0.0002  42   TRP A CZ2 
459 C CZ3 . TRP A 57 ? 0.1466 0.1600 0.1016 0.0635  0.0147  0.0247  42   TRP A CZ3 
460 C CH2 . TRP A 57 ? 0.1478 0.1836 0.1076 0.0663  0.0282  0.0096  42   TRP A CH2 
461 N N   . LYS A 58 ? 0.0656 0.0665 0.1209 0.0041  0.0079  0.0173  43   LYS A N   
462 C CA  . LYS A 58 ? 0.0997 0.0744 0.1023 -0.0063 0.0151  0.0267  43   LYS A CA  
463 C C   . LYS A 58 ? 0.0849 0.0853 0.0870 0.0136  0.0054  0.0142  43   LYS A C   
464 O O   . LYS A 58 ? 0.0934 0.0771 0.0933 0.0030  0.0232  0.0267  43   LYS A O   
465 C CB  . LYS A 58 ? 0.1074 0.0568 0.1228 0.0207  -0.0096 0.0044  43   LYS A CB  
466 C CG  . LYS A 58 ? 0.1475 0.1203 0.1830 0.0585  -0.0535 -0.0405 43   LYS A CG  
467 C CD  . LYS A 58 ? 0.1973 0.3328 0.2321 0.0917  -0.1198 -0.0865 43   LYS A CD  
468 C CE  . LYS A 58 ? 0.2727 0.8038 0.3356 0.2143  -0.1900 -0.3065 43   LYS A CE  
469 N NZ  . LYS A 58 ? 0.3273 0.9628 0.5511 0.2126  -0.3341 -0.3646 43   LYS A NZ  
470 N N   . VAL A 59 ? 0.1025 0.0783 0.0931 0.0127  0.0197  0.0271  44   VAL A N   
471 C CA  . VAL A 59 ? 0.0984 0.0650 0.0964 0.0127  0.0046  0.0272  44   VAL A CA  
472 C C   . VAL A 59 ? 0.1021 0.0909 0.0917 0.0249  -0.0106 0.0138  44   VAL A C   
473 O O   . VAL A 59 ? 0.1432 0.0966 0.0939 -0.0060 0.0069  0.0314  44   VAL A O   
474 C CB  . VAL A 59 ? 0.0952 0.0794 0.0912 0.0001  0.0063  0.0188  44   VAL A CB  
475 C CG1 . VAL A 59 ? 0.1198 0.0735 0.0938 0.0078  0.0200  0.0201  44   VAL A CG1 
476 C CG2 . VAL A 59 ? 0.1095 0.1223 0.1315 0.0359  0.0606  0.0269  44   VAL A CG2 
477 N N   A GLU A 60 ? 0.1620 0.0797 0.0820 0.0027  0.0581  0.0113  45   GLU A N   
478 N N   B GLU A 60 ? 0.0799 0.0835 0.1015 0.0108  0.0085  0.0128  45   GLU A N   
479 C CA  A GLU A 60 ? 0.0990 0.0951 0.0829 0.0015  0.0103  -0.0027 45   GLU A CA  
480 C CA  B GLU A 60 ? 0.1161 0.0961 0.0883 0.0120  0.0259  0.0196  45   GLU A CA  
481 C C   A GLU A 60 ? 0.1195 0.0879 0.0648 0.0132  0.0165  0.0292  45   GLU A C   
482 C C   B GLU A 60 ? 0.1165 0.1097 0.1496 0.0271  0.0384  0.0132  45   GLU A C   
483 O O   A GLU A 60 ? 0.1431 0.1290 0.0834 0.0655  0.0603  0.0621  45   GLU A O   
484 O O   B GLU A 60 ? 0.0910 0.0517 0.1639 0.0025  0.0175  0.0006  45   GLU A O   
485 C CB  A GLU A 60 ? 0.1456 0.1238 0.0720 -0.0440 0.0003  0.0481  45   GLU A CB  
486 C CB  B GLU A 60 ? 0.1401 0.0910 0.0555 0.0001  0.0084  0.0244  45   GLU A CB  
487 C CG  A GLU A 60 ? 0.3008 0.0397 0.1919 -0.0769 0.0272  0.0427  45   GLU A CG  
488 C CG  B GLU A 60 ? 0.2033 0.1952 0.1516 -0.0084 0.0031  -0.0783 45   GLU A CG  
489 C CD  A GLU A 60 ? 0.3214 0.1961 0.2979 -0.1354 0.0596  -0.0749 45   GLU A CD  
490 C CD  B GLU A 60 ? 0.2254 0.2172 0.1438 -0.0120 -0.0866 -0.0484 45   GLU A CD  
491 O OE1 A GLU A 60 ? 0.2513 0.4324 0.3834 -0.2654 -0.0441 0.0851  45   GLU A OE1 
492 O OE1 B GLU A 60 ? 0.2190 0.2187 0.5235 0.0025  -0.1398 -0.0373 45   GLU A OE1 
493 O OE2 A GLU A 60 ? 0.2364 0.1668 0.3334 -0.0943 0.0512  -0.0163 45   GLU A OE2 
494 O OE2 B GLU A 60 ? 0.2989 0.1798 0.3287 -0.0564 0.0504  -0.0363 45   GLU A OE2 
495 N N   A VAL A 61 ? 0.0979 0.0136 0.0825 -0.0151 0.0296  0.0171  46   VAL A N   
496 N N   B VAL A 61 ? 0.1877 0.1685 0.1730 0.0858  0.0815  0.0704  46   VAL A N   
497 C CA  A VAL A 61 ? 0.0826 0.0502 0.0574 0.0045  -0.0287 0.0218  46   VAL A CA  
498 C CA  B VAL A 61 ? 0.1481 0.1006 0.2388 0.0269  0.0970  0.0354  46   VAL A CA  
499 C C   A VAL A 61 ? 0.0422 0.1004 0.0972 -0.0106 0.0227  -0.0200 46   VAL A C   
500 C C   B VAL A 61 ? 0.1356 0.1314 0.2188 0.0191  0.0617  0.0309  46   VAL A C   
501 O O   A VAL A 61 ? 0.1673 0.0742 0.2870 0.0629  -0.1398 -0.0972 46   VAL A O   
502 O O   B VAL A 61 ? 0.2861 0.2091 0.1577 0.0474  0.0763  0.0350  46   VAL A O   
503 C CB  A VAL A 61 ? 0.0614 0.0526 0.1266 0.0211  0.0091  0.0178  46   VAL A CB  
504 C CB  B VAL A 61 ? 0.2280 0.1342 0.1624 -0.0014 0.1048  0.0446  46   VAL A CB  
505 C CG1 A VAL A 61 ? 0.0956 0.0335 0.1517 0.0039  0.0299  0.0232  46   VAL A CG1 
506 C CG1 B VAL A 61 ? 0.2009 0.1018 0.6438 -0.0605 0.2125  0.0004  46   VAL A CG1 
507 C CG2 A VAL A 61 ? 0.1184 0.0513 0.1318 -0.0072 0.0198  0.0513  46   VAL A CG2 
508 C CG2 B VAL A 61 ? 0.3098 0.0969 0.1694 -0.0190 0.1231  0.0733  46   VAL A CG2 
509 N N   A ASN A 62 ? 0.0533 0.0477 0.1112 -0.0162 0.0260  0.0194  47   ASN A N   
510 N N   B ASN A 62 ? 0.2225 0.0795 0.2831 -0.0057 0.0129  0.0287  47   ASN A N   
511 C CA  A ASN A 62 ? 0.1593 0.0675 0.1241 0.0174  0.0319  0.0016  47   ASN A CA  
512 C CA  B ASN A 62 ? 0.2452 0.1288 0.2130 -0.0322 -0.0122 0.0195  47   ASN A CA  
513 C C   A ASN A 62 ? 0.1666 0.0611 0.1028 -0.0068 0.0110  -0.0069 47   ASN A C   
514 C C   B ASN A 62 ? 0.3662 0.2355 0.3017 -0.1556 0.1056  -0.0925 47   ASN A C   
515 O O   A ASN A 62 ? 0.2524 0.0790 0.0983 0.0285  0.0170  -0.0048 47   ASN A O   
516 O O   B ASN A 62 ? 0.3870 0.1609 0.4978 0.0186  0.0474  -0.1778 47   ASN A O   
517 C CB  A ASN A 62 ? 0.1367 0.0501 0.1245 0.0038  0.0650  0.0167  47   ASN A CB  
518 C CB  B ASN A 62 ? 0.3331 0.0690 0.2142 -0.0154 0.0201  -0.0062 47   ASN A CB  
519 C CG  A ASN A 62 ? 0.1431 0.1234 0.1154 0.0003  0.0467  0.0325  47   ASN A CG  
520 C CG  B ASN A 62 ? 0.2508 0.1850 0.1618 0.0016  -0.0353 0.0750  47   ASN A CG  
521 O OD1 A ASN A 62 ? 0.1132 0.0678 0.1252 0.0092  0.0325  0.0251  47   ASN A OD1 
522 O OD1 B ASN A 62 ? 0.1988 0.0448 0.1370 -0.0293 -0.0717 0.0415  47   ASN A OD1 
523 N ND2 A ASN A 62 ? 0.1771 0.0541 0.1246 0.0071  0.0375  0.0243  47   ASN A ND2 
524 N ND2 B ASN A 62 ? 0.3751 0.0738 0.1683 0.0370  -0.1120 0.0146  47   ASN A ND2 
525 O OXT A ASN A 62 ? 0.1905 0.0781 0.1524 -0.0603 0.0267  -0.0209 47   ASN A OXT 
526 O OXT B ASN A 62 ? 0.2623 0.2031 0.5437 -0.0578 0.0953  -0.1455 47   ASN A OXT 
527 S S   . SO4 B .  ? 0.4689 0.1937 0.1935 0.0309  0.0766  0.0026  63   SO4 A S   
528 O O1  . SO4 B .  ? 0.2011 0.1257 0.1348 0.0441  0.0504  0.0299  63   SO4 A O1  
529 O O2  . SO4 B .  ? 0.7621 0.2803 0.5611 0.2981  0.3130  0.0157  63   SO4 A O2  
530 O O3  . SO4 B .  ? 0.8509 0.5123 0.4421 -0.3179 0.0661  -0.2099 63   SO4 A O3  
531 O O4  . SO4 B .  ? 0.5946 0.7344 0.1678 0.0343  0.0372  0.1967  63   SO4 A O4  
532 S S   . SO4 C .  ? 0.4594 0.2414 0.8243 0.1202  0.4354  0.1098  64   SO4 A S   
533 O O1  . SO4 C .  ? 0.3634 1.0170 0.8998 0.3218  0.3971  0.3424  64   SO4 A O1  
534 O O2  . SO4 C .  ? 0.4189 0.2289 0.9376 0.1319  0.4779  0.2033  64   SO4 A O2  
535 O O3  . SO4 C .  ? 0.5594 0.4559 1.0728 -0.0724 0.5835  0.1178  64   SO4 A O3  
536 O O4  . SO4 C .  ? 0.4527 0.3243 0.9568 0.2127  0.3917  0.1461  64   SO4 A O4  
537 S S   . SO4 D .  ? 0.4986 0.6431 0.1996 0.4186  0.0497  0.0379  65   SO4 A S   
538 O O1  . SO4 D .  ? 0.9748 0.3770 0.4035 0.4315  -0.3578 -0.0478 65   SO4 A O1  
539 O O2  . SO4 D .  ? 0.4768 0.3252 0.0817 0.2505  -0.1347 -0.1006 65   SO4 A O2  
540 O O3  . SO4 D .  ? 0.5936 0.8193 0.4991 0.1573  0.2926  -0.3004 65   SO4 A O3  
541 O O4  . SO4 D .  ? 0.4602 0.6642 0.2979 0.1481  0.2878  -0.0402 65   SO4 A O4  
542 O O   . HOH E .  ? 0.1044 0.0908 0.1622 0.0143  0.0447  -0.0135 1001 HOH A O   
543 O O   . HOH E .  ? 0.1369 0.1757 0.2344 0.0264  -0.0176 0.0424  1002 HOH A O   
544 O O   . HOH E .  ? 0.1366 0.1872 0.1484 -0.0128 -0.0103 0.0143  1003 HOH A O   
545 O O   . HOH E .  ? 0.1482 0.1412 0.1353 0.0000  0.0165  0.0467  1004 HOH A O   
546 O O   . HOH E .  ? 0.0993 0.2214 0.2461 0.0230  0.0563  0.1114  1005 HOH A O   
547 O O   . HOH E .  ? 0.0647 0.1011 0.1809 0.0032  0.0039  0.0208  1006 HOH A O   
548 O O   . HOH E .  ? 0.1182 0.1638 0.1828 0.0489  0.0193  0.0367  1007 HOH A O   
549 O O   . HOH E .  ? 0.1018 0.1000 0.1269 0.0326  0.0397  0.0172  1008 HOH A O   
550 O O   . HOH E .  ? 0.1308 0.0974 0.2132 0.0061  0.0428  0.0060  1009 HOH A O   
551 O O   . HOH E .  ? 0.1740 0.1881 0.1596 -0.0190 0.0485  0.0361  1010 HOH A O   
552 O O   . HOH E .  ? 0.1201 0.1595 0.1710 0.0540  0.0005  -0.0416 1011 HOH A O   
553 O O   . HOH E .  ? 0.1504 0.1932 0.1155 -0.0397 0.0200  -0.0012 1012 HOH A O   
554 O O   . HOH E .  ? 0.1751 0.1521 0.2530 0.0286  0.0805  0.0207  1013 HOH A O   
555 O O   . HOH E .  ? 0.2630 0.1684 0.2189 -0.0342 -0.0313 -0.1014 1014 HOH A O   
556 O O   . HOH E .  ? 0.1754 0.3420 0.2197 -0.0482 -0.0309 0.0681  1015 HOH A O   
557 O O   . HOH E .  ? 0.1214 0.1212 0.1103 0.0264  0.0314  0.0249  1016 HOH A O   
558 O O   . HOH E .  ? 0.2050 0.1707 0.1552 0.0155  -0.0243 -0.0120 1017 HOH A O   
559 O O   . HOH E .  ? 0.1432 0.2643 0.3864 -0.0357 0.0502  0.0470  1018 HOH A O   
560 O O   . HOH E .  ? 0.7635 0.5598 0.5601 0.2165  0.3149  -0.2403 1020 HOH A O   
561 O O   . HOH E .  ? 0.2523 0.1115 0.1836 0.0263  0.0246  0.0348  1022 HOH A O   
562 O O   . HOH E .  ? 0.3365 0.1680 0.2795 0.0265  0.0423  0.0238  1023 HOH A O   
563 O O   . HOH E .  ? 0.1644 0.1933 0.2775 -0.0194 -0.0185 -0.0171 1024 HOH A O   
564 O O   . HOH E .  ? 0.4021 0.1129 0.1491 -0.0756 -0.0705 0.0408  1025 HOH A O   
565 O O   . HOH E .  ? 0.8554 0.2176 0.3793 0.0639  -0.0304 0.1127  1026 HOH A O   
566 O O   . HOH E .  ? 0.2398 0.1710 0.2231 -0.0105 0.0268  0.0181  1027 HOH A O   
567 O O   . HOH E .  ? 0.2105 0.1405 0.2027 0.0118  0.0011  0.0263  1028 HOH A O   
568 O O   . HOH E .  ? 0.1657 0.2831 0.1928 -0.0303 0.0296  0.0291  1029 HOH A O   
569 O O   . HOH E .  ? 0.1931 0.3322 0.2301 0.0021  0.0049  0.0841  1030 HOH A O   
570 O O   . HOH E .  ? 0.1327 0.1275 0.2031 -0.0189 0.0185  0.0437  1031 HOH A O   
571 O O   . HOH E .  ? 0.2003 0.4484 0.4613 -0.0263 0.0838  0.0421  1033 HOH A O   
572 O O   . HOH E .  ? 0.1483 0.1909 0.1494 -0.0151 -0.0082 0.0588  1034 HOH A O   
573 O O   . HOH E .  ? 0.1647 0.2811 0.3789 -0.0509 -0.0148 0.0034  1035 HOH A O   
574 O O   . HOH E .  ? 0.1434 0.1373 0.3066 -0.0097 -0.0378 0.0747  1036 HOH A O   
575 O O   . HOH E .  ? 0.2004 0.1552 0.1415 0.0505  0.0323  0.0124  1037 HOH A O   
576 O O   . HOH E .  ? 0.1917 0.3026 0.1993 -0.0892 -0.0502 0.1061  1038 HOH A O   
577 O O   . HOH E .  ? 0.3776 0.2101 0.3678 -0.0690 0.0465  0.0651  1039 HOH A O   
578 O O   . HOH E .  ? 0.4811 0.3042 0.1718 0.2351  0.0468  0.0423  1040 HOH A O   
579 O O   . HOH E .  ? 0.1967 0.1541 0.1905 0.0019  0.0126  0.0318  1041 HOH A O   
580 O O   . HOH E .  ? 0.2695 0.2393 0.4992 0.0704  -0.0420 -0.1630 1042 HOH A O   
581 O O   . HOH E .  ? 0.3477 0.1787 0.1983 0.1220  -0.0050 -0.0202 1043 HOH A O   
582 O O   . HOH E .  ? 0.1572 0.5539 0.6318 -0.0120 -0.1386 0.1820  1044 HOH A O   
583 O O   . HOH E .  ? 0.2714 0.2706 0.1558 -0.0291 0.0585  0.0174  1045 HOH A O   
584 O O   . HOH E .  ? 0.2625 0.1929 0.2294 0.0058  0.0605  0.0456  1046 HOH A O   
585 O O   . HOH E .  ? 0.3196 0.2952 0.4478 0.0256  0.0251  -0.0169 1047 HOH A O   
586 O O   . HOH E .  ? 0.2635 0.2220 0.5941 0.0547  -0.0559 -0.1403 1048 HOH A O   
587 O O   . HOH E .  ? 0.3247 0.5294 0.4741 -0.2123 -0.0016 0.1205  1049 HOH A O   
588 O O   . HOH E .  ? 0.8934 0.2381 0.4572 -0.2389 0.0349  -0.0140 1050 HOH A O   
589 O O   . HOH E .  ? 0.3410 0.0965 0.4117 0.0462  0.2275  0.0582  1051 HOH A O   
590 O O   . HOH E .  ? 0.2528 0.6370 0.2581 0.0680  0.1110  0.2001  1052 HOH A O   
591 O O   . HOH E .  ? 0.3589 0.2117 0.1913 0.0594  0.1034  -0.0276 1053 HOH A O   
592 O O   . HOH E .  ? 0.1726 0.1765 0.4476 0.0478  0.0647  -0.0110 1054 HOH A O   
593 O O   . HOH E .  ? 0.1820 0.4037 0.3035 -0.1326 -0.0426 0.1424  1055 HOH A O   
594 O O   . HOH E .  ? 0.3454 0.5287 0.3279 -0.1330 -0.0592 0.0295  1056 HOH A O   
595 O O   . HOH E .  ? 0.3236 0.3836 0.4924 0.0584  0.1069  0.1720  1057 HOH A O   
596 O O   . HOH E .  ? 0.2774 0.1388 0.2361 0.0687  -0.0177 0.0570  1058 HOH A O   
597 O O   . HOH E .  ? 0.4932 0.3328 0.3308 0.0822  0.0529  -0.1029 1059 HOH A O   
598 O O   . HOH E .  ? 0.3862 0.2776 0.2933 0.1286  0.0654  -0.0451 1060 HOH A O   
599 O O   . HOH E .  ? 0.1748 0.1412 0.1576 -0.0041 0.0618  -0.0003 1061 HOH A O   
600 O O   . HOH E .  ? 0.6871 0.3764 0.1669 0.2434  -0.1034 -0.0285 1062 HOH A O   
601 O O   . HOH E .  ? 0.1994 0.7479 0.4018 0.1301  0.0444  0.2915  1063 HOH A O   
602 O O   . HOH E .  ? 0.1578 0.4240 0.3363 -0.0464 0.0242  -0.0899 1064 HOH A O   
603 O O   . HOH E .  ? 0.2152 0.1985 0.6529 -0.0901 -0.0642 0.0124  1065 HOH A O   
604 O O   . HOH E .  ? 0.2648 0.2625 0.8707 -0.0894 -0.0854 0.1358  1066 HOH A O   
605 O O   . HOH E .  ? 0.2984 0.2054 0.3355 -0.0365 -0.0174 0.0410  1067 HOH A O   
606 O O   . HOH E .  ? 0.8376 0.5213 0.2905 0.1590  0.0574  0.1329  1068 HOH A O   
607 O O   . HOH E .  ? 0.1776 0.2712 0.4535 0.0975  0.0592  0.0017  1070 HOH A O   
608 O O   . HOH E .  ? 0.4735 0.2891 0.2782 -0.1022 0.1566  -0.0053 1071 HOH A O   
609 O O   . HOH E .  ? 0.3241 0.3737 0.5813 -0.1077 0.0515  0.2805  1072 HOH A O   
610 O O   . HOH E .  ? 0.2920 0.2387 0.2175 0.0109  -0.1114 -0.0102 1075 HOH A O   
611 O O   . HOH E .  ? 0.2068 0.3899 0.3430 -0.0282 0.1086  0.1141  1076 HOH A O   
612 O O   . HOH E .  ? 0.4887 0.2000 0.2380 -0.0153 0.0104  0.0513  1078 HOH A O   
613 O O   . HOH E .  ? 0.1572 0.1906 0.4242 0.0474  0.0885  0.0300  1080 HOH A O   
614 O O   . HOH E .  ? 0.2662 0.2220 0.1767 -0.0751 0.0991  -0.0170 1081 HOH A O   
615 O O   . HOH E .  ? 0.2567 0.2179 0.1840 0.0037  0.0563  -0.0420 1082 HOH A O   
616 O O   . HOH E .  ? 0.4814 0.1803 0.1923 0.0870  0.0956  0.0514  1083 HOH A O   
617 O O   . HOH E .  ? 0.1671 0.2610 0.3055 0.0090  0.0820  0.0521  1084 HOH A O   
618 O O   . HOH E .  ? 0.2345 0.2161 0.2009 0.0606  0.0462  -0.0021 1085 HOH A O   
619 O O   . HOH E .  ? 0.2074 0.2432 0.1945 0.0036  0.0100  0.0580  1086 HOH A O   
620 O O   . HOH E .  ? 0.3375 0.2012 0.2566 0.0587  0.0395  0.0404  1087 HOH A O   
621 O O   . HOH E .  ? 0.0807 0.1193 0.1924 0.0080  -0.0168 -0.0609 1088 HOH A O   
622 O O   . HOH E .  ? 0.2152 0.2358 0.3289 0.0028  0.0843  0.0145  1090 HOH A O   
623 O O   . HOH E .  ? 0.2176 0.5436 0.2261 0.0208  -0.0254 0.0593  1091 HOH A O   
624 O O   . HOH E .  ? 0.3531 0.2056 0.1874 0.0164  0.1245  0.0424  1092 HOH A O   
625 O O   . HOH E .  ? 0.3002 0.1826 0.2962 0.0042  0.0319  0.0073  1093 HOH A O   
626 O O   . HOH E .  ? 0.5476 0.5519 0.7300 -0.0179 0.1137  0.1389  1094 HOH A O   
627 O O   . HOH E .  ? 0.4619 0.4113 0.3752 0.3301  0.0398  0.0170  1095 HOH A O   
628 O O   . HOH E .  ? 0.1662 0.2444 0.5605 0.0336  -0.0372 -0.1408 1096 HOH A O   
629 O O   . HOH E .  ? 0.2203 0.4886 0.3052 -0.0601 -0.0201 0.1117  1097 HOH A O   
630 O O   . HOH E .  ? 0.1982 0.4609 0.3468 0.0283  0.1185  -0.0822 1098 HOH A O   
631 O O   . HOH E .  ? 0.2483 0.4531 0.3924 0.1423  0.0766  0.0938  1100 HOH A O   
632 O O   . HOH E .  ? 0.3698 0.2791 0.2421 0.0598  0.0697  -0.0211 1101 HOH A O   
633 O O   . HOH E .  ? 0.9341 0.1769 0.3288 -0.0085 -0.0925 0.0204  1102 HOH A O   
634 O O   . HOH E .  ? 0.3526 0.1988 0.1863 -0.0015 0.0580  -0.0135 1103 HOH A O   
635 O O   . HOH E .  ? 0.2805 0.3685 0.4167 -0.0542 -0.0324 0.1720  1105 HOH A O   
636 O O   . HOH E .  ? 0.2378 0.4451 0.2287 0.1860  -0.0015 0.0007  1107 HOH A O   
637 O O   . HOH E .  ? 0.2345 0.4127 0.4542 0.0374  -0.1200 0.0128  1108 HOH A O   
638 O O   . HOH E .  ? 0.1977 0.3977 0.3237 0.1072  0.0822  0.0784  1109 HOH A O   
639 O O   . HOH E .  ? 0.3730 0.2840 0.3168 0.1421  0.0950  0.0819  1110 HOH A O   
640 O O   . HOH E .  ? 0.3416 0.4057 0.3118 0.1147  -0.0996 0.0251  1111 HOH A O   
641 O O   . HOH E .  ? 0.6051 0.7472 0.4213 0.2162  0.1909  0.0265  1112 HOH A O   
642 O O   . HOH E .  ? 0.3315 0.1761 0.4706 -0.0566 -0.1807 -0.0136 1113 HOH A O   
643 O O   . HOH E .  ? 0.2459 0.5982 0.5037 -0.1227 -0.1803 -0.0072 1114 HOH A O   
644 O O   . HOH E .  ? 0.5195 0.6212 1.0811 -0.1115 0.1110  -0.3327 1115 HOH A O   
645 O O   . HOH E .  ? 0.1910 0.1772 0.7739 0.0447  0.1685  0.1100  1116 HOH A O   
646 O O   . HOH E .  ? 0.2976 0.4007 0.5433 0.0528  -0.1276 -0.0717 1117 HOH A O   
647 O O   . HOH E .  ? 0.4230 0.6643 0.3731 0.0060  0.1972  0.1027  1118 HOH A O   
648 O O   . HOH E .  ? 0.8362 0.3063 0.8190 0.1179  -0.1858 0.1098  1119 HOH A O   
649 O O   . HOH E .  ? 0.7194 0.6108 0.3454 -0.0558 0.2380  -0.0917 1120 HOH A O   
650 O O   . HOH E .  ? 0.5058 0.3537 0.4530 0.2902  0.1667  0.0897  1121 HOH A O   
651 O O   . HOH E .  ? 0.6934 0.2089 0.5093 0.0310  0.1256  0.0556  1122 HOH A O   
652 O O   . HOH E .  ? 0.2090 0.7877 0.2815 -0.1141 0.0073  -0.0814 1123 HOH A O   
653 O O   . HOH E .  ? 0.4827 0.3234 0.4681 0.0436  0.2109  0.1843  1124 HOH A O   
654 O O   . HOH E .  ? 0.7100 1.1145 0.3194 -0.0198 0.0939  0.0632  1125 HOH A O   
655 O O   . HOH E .  ? 0.5741 0.2106 0.3313 0.1514  -0.0662 0.0088  1126 HOH A O   
656 O O   . HOH E .  ? 0.7647 0.4519 0.3635 -0.2688 -0.2021 0.2325  1127 HOH A O   
657 O O   . HOH E .  ? 0.4300 0.9670 0.3695 0.3307  0.0145  0.1424  1128 HOH A O   
658 O O   . HOH E .  ? 0.5314 0.5978 0.3275 -0.0209 0.1975  0.1003  1129 HOH A O   
659 O O   . HOH E .  ? 0.2844 0.4697 0.6860 0.0945  0.1046  0.0608  1130 HOH A O   
660 O O   . HOH E .  ? 0.4112 0.4884 0.3082 -0.2345 -0.1205 0.1418  1131 HOH A O   
661 O O   . HOH E .  ? 0.4007 0.5636 0.5792 -0.1978 0.1019  0.0570  1132 HOH A O   
662 O O   . HOH E .  ? 0.6225 0.4071 0.5164 -0.2334 -0.0609 0.2311  1133 HOH A O   
663 O O   . HOH E .  ? 0.2316 0.6810 0.9097 0.2013  0.1194  -0.0528 1134 HOH A O   
664 O O   . HOH E .  ? 0.6768 0.3668 0.5269 -0.3708 0.2029  -0.0004 1135 HOH A O   
665 O O   . HOH E .  ? 1.0385 0.3052 0.4857 -0.0732 -0.0199 -0.1883 1136 HOH A O   
666 O O   . HOH E .  ? 0.5772 0.6545 0.3737 0.1704  0.2206  -0.0226 1137 HOH A O   
667 O O   . HOH E .  ? 0.6487 0.3105 0.6195 0.0847  0.2175  0.1377  1139 HOH A O   
668 O O   . HOH E .  ? 0.8141 0.3813 0.3017 -0.0713 0.2093  -0.0475 1140 HOH A O   
669 O O   . HOH E .  ? 0.2913 0.4373 0.8564 -0.1208 -0.2383 0.1636  1141 HOH A O   
670 O O   . HOH E .  ? 0.4309 0.8940 0.2385 -0.1626 0.0157  0.0798  1142 HOH A O   
671 O O   . HOH E .  ? 0.4522 0.8708 0.4958 0.1033  0.1656  0.3814  1143 HOH A O   
672 O O   . HOH E .  ? 0.5017 0.7172 0.3755 0.3300  -0.1088 -0.2269 1144 HOH A O   
673 O O   . HOH E .  ? 0.5592 0.4111 0.2599 -0.2208 0.1087  -0.0007 1145 HOH A O   
674 O O   . HOH E .  ? 0.3350 0.9337 0.3865 -0.0460 -0.0026 -0.1481 1146 HOH A O   
675 O O   . HOH E .  ? 0.3504 0.7116 0.5698 0.0654  -0.0472 0.2105  1147 HOH A O   
676 O O   . HOH E .  ? 0.7081 0.7150 0.3138 0.2770  0.0495  -0.0807 1149 HOH A O   
677 O O   . HOH E .  ? 0.5085 0.2421 0.5640 -0.0100 0.2350  0.0773  1150 HOH A O   
678 O O   . HOH E .  ? 1.0128 0.4105 1.1691 0.0968  0.1709  -0.2575 1151 HOH A O   
679 O O   . HOH E .  ? 0.2080 0.4121 0.3617 -0.0720 0.0207  0.0733  1152 HOH A O   
680 O O   . HOH E .  ? 0.2289 0.2470 0.5544 0.1980  0.1159  0.1207  1153 HOH A O   
681 O O   . HOH E .  ? 0.2844 0.4917 1.1349 0.1735  -0.0060 0.0102  1154 HOH A O   
682 O O   . HOH E .  ? 0.4330 0.6850 0.3928 -0.1589 0.0901  0.1233  1155 HOH A O   
683 O O   . HOH E .  ? 1.0054 0.4589 0.6318 0.1686  0.2628  -0.2056 1157 HOH A O   
684 O O   . HOH E .  ? 0.9130 0.5415 0.5201 0.1373  0.1248  -0.1283 1158 HOH A O   
685 O O   . HOH E .  ? 0.4205 0.2628 0.4723 -0.0256 0.2997  -0.0262 1159 HOH A O   
686 O O   . HOH E .  ? 0.3207 0.5302 0.6896 0.1905  -0.0317 -0.0952 1160 HOH A O   
687 O O   . HOH E .  ? 0.3214 0.4679 0.1386 0.1402  0.0074  -0.0883 1161 HOH A O   
688 O O   . HOH E .  ? 0.4179 0.7572 0.7553 -0.2035 0.2493  -0.1109 1162 HOH A O   
689 O O   . HOH E .  ? 0.1759 0.1990 0.1237 0.0705  -0.0102 -0.0180 1163 HOH A O   
690 O O   . HOH E .  ? 0.2023 0.2479 0.5897 0.0797  0.1042  0.1772  1165 HOH A O   
691 O O   . HOH E .  ? 0.2190 0.3732 0.2532 -0.0005 0.0360  0.0654  1166 HOH A O   
692 O O   . HOH E .  ? 0.2739 0.1676 0.5988 0.0782  -0.0473 -0.0249 1167 HOH A O   
693 O O   . HOH E .  ? 0.3683 0.1904 0.3089 0.1608  0.0630  0.1270  1168 HOH A O   
694 O O   . HOH E .  ? 0.8446 0.4671 0.7851 0.1845  0.0261  0.0164  1169 HOH A O   
695 O O   . HOH E .  ? 0.7697 0.7839 0.5670 -0.0409 0.1200  -0.2564 1170 HOH A O   
696 O O   . HOH E .  ? 0.6041 0.8673 0.3308 0.0800  -0.1576 0.2223  1171 HOH A O   
697 O O   . HOH E .  ? 0.0406 0.2835 0.2087 0.0025  0.0065  0.0222  1172 HOH A O   
698 O O   . HOH E .  ? 1.2578 1.0344 0.2754 0.0807  0.0701  0.0082  1173 HOH A O   
699 O O   . HOH E .  ? 0.4085 0.5390 0.5708 -0.0290 0.1695  -0.0039 1174 HOH A O   
# 
